data_3W7U
#
_entry.id   3W7U
#
_cell.length_a   62.070
_cell.length_b   140.020
_cell.length_c   86.260
_cell.angle_alpha   90.00
_cell.angle_beta   97.66
_cell.angle_gamma   90.00
#
_symmetry.space_group_name_H-M   'P 1 21 1'
#
loop_
_entity.id
_entity.type
_entity.pdbx_description
1 polymer 'Uncharacterized protein YgjK'
2 non-polymer 'CALCIUM ION'
3 non-polymer alpha-D-galactopyranose
4 water water
#
_entity_poly.entity_id   1
_entity_poly.type   'polypeptide(L)'
_entity_poly.pdbx_seq_one_letter_code
;NADNYKNVINRTGAPQYMKDYDYDDHQRFNPFFDLGAWHGHLLPDGPNTMGGFPGVALLTEEYINFMASNFDRLTVWQDG
KKVDFTLEAYSIPGALVQKLTAKDVQVEMTLRFATPRTSLLETKITSNKPLDLVWDGELLEKLEAKEGKPLSDKTIAGEY
PDYQRKISATRDGLKVTFGKVRATWDLLTSGESEYQVHKSLPVQTEINGNRFTSKAHINGSTTLYTTYSHLLTAQEVSKE
QMQIRDILARPAFYLTASQQRWEEYLKKGLTNPDATPEQTRVAVKAIETLNGNWRSPGGAVKFNTVTPSVTGRWFSGNQT
WPWDTWKQAFAMAHFNPDIAKENIRAVFSWQIQPGDSVRPQDVGFVPDLIAWNLSPERGGDGGNWNERNTKPSLAAWSVM
EVYNVTQDKTWVAEMYPKLVAYHDWWLRNRDHNGNGVPEYGATRDKAHNTESGEMLFTVKKGDKEETQSGLNNYARVVEK
GQYDSLEIPAQVAASWESGRDDAAVFGFIDKEQLDKYVANGGKRSDWTVKFAENRSQDGTLLGYSLLQESVDQASYMYSD
NHYLAEMATILGKPEEAKRYRQLAQQLADYINTCMFDPTTQFYYDVRIEDKPLANGCAGKPIVERGKGPEGWSPLFNGAA
TQANADAVVKVMLDPKEFNTFVPLGTAALTNPAFGADIYWRGRVWVDQFWFGLKGMERYGYRDDALKLADTFFRHAKGLT
ADGPIQENYNPLTGAQQGAPNFSWSAAHLYMLYNDFFRKQ
;
_entity_poly.pdbx_strand_id   A,B
#
# COMPACT_ATOMS: atom_id res chain seq x y z
N ASN A 1 -25.08 45.96 16.34
N ASN A 1 -26.06 43.65 17.68
CA ASN A 1 -25.09 44.62 16.99
CA ASN A 1 -25.16 44.52 16.91
C ASN A 1 -23.71 43.97 16.87
C ASN A 1 -23.73 43.96 16.84
N ALA A 2 -23.14 44.05 15.67
CA ALA A 2 -21.82 43.44 15.39
C ALA A 2 -20.76 43.81 16.42
N ASP A 3 -20.75 45.08 16.84
CA ASP A 3 -19.77 45.58 17.83
C ASP A 3 -19.84 44.87 19.19
N ASN A 4 -20.92 44.15 19.48
CA ASN A 4 -21.02 43.39 20.72
C ASN A 4 -20.22 42.08 20.70
N TYR A 5 -19.59 41.77 19.56
CA TYR A 5 -18.96 40.46 19.33
C TYR A 5 -17.55 40.62 18.76
N LYS A 6 -16.67 41.19 19.58
CA LYS A 6 -15.29 41.42 19.20
C LYS A 6 -14.50 40.14 19.41
N ASN A 7 -13.65 39.81 18.43
CA ASN A 7 -12.71 38.69 18.57
C ASN A 7 -13.36 37.37 19.00
N VAL A 8 -14.51 37.06 18.40
CA VAL A 8 -15.21 35.80 18.69
C VAL A 8 -14.32 34.59 18.39
N ILE A 9 -13.61 34.65 17.27
CA ILE A 9 -12.55 33.73 16.92
C ILE A 9 -11.22 34.50 16.91
N ASN A 10 -10.16 33.84 17.33
CA ASN A 10 -8.83 34.42 17.25
C ASN A 10 -8.45 34.51 15.77
N ARG A 11 -8.40 35.71 15.22
CA ARG A 11 -8.03 35.90 13.81
C ARG A 11 -6.67 36.57 13.62
N THR A 12 -5.83 36.49 14.65
CA THR A 12 -4.49 37.04 14.58
C THR A 12 -3.56 36.02 13.94
N GLY A 13 -2.43 36.48 13.44
CA GLY A 13 -1.45 35.58 12.85
C GLY A 13 -0.53 36.25 11.87
N ALA A 14 0.70 35.74 11.78
CA ALA A 14 1.69 36.26 10.85
C ALA A 14 2.37 35.05 10.24
N PRO A 15 1.75 34.45 9.22
CA PRO A 15 2.30 33.21 8.69
C PRO A 15 3.62 33.43 7.97
N GLN A 16 4.48 32.41 8.01
CA GLN A 16 5.79 32.49 7.35
C GLN A 16 5.97 31.41 6.31
N TYR A 17 4.95 30.58 6.12
CA TYR A 17 4.97 29.52 5.13
C TYR A 17 3.67 29.54 4.36
N MET A 18 3.72 29.10 3.10
CA MET A 18 2.53 28.96 2.28
C MET A 18 1.57 27.97 2.93
N LYS A 19 2.14 26.90 3.48
CA LYS A 19 1.41 25.88 4.19
C LYS A 19 1.79 26.00 5.65
N ASP A 20 1.17 26.92 6.36
CA ASP A 20 1.50 27.17 7.75
C ASP A 20 0.50 26.35 8.57
N TYR A 21 0.78 25.05 8.62
CA TYR A 21 -0.20 24.06 9.03
C TYR A 21 -0.22 23.74 10.52
N ASP A 22 -1.37 23.25 11.01
CA ASP A 22 -1.45 22.71 12.36
C ASP A 22 -1.07 21.23 12.30
N TYR A 23 -1.34 20.48 13.36
CA TYR A 23 -0.97 19.05 13.43
C TYR A 23 -1.61 18.20 12.34
N ASP A 24 -2.85 18.53 11.97
CA ASP A 24 -3.56 17.77 10.94
C ASP A 24 -3.57 18.45 9.54
N ASP A 25 -2.52 19.23 9.24
CA ASP A 25 -2.34 19.87 7.93
C ASP A 25 -3.35 20.97 7.53
N HIS A 26 -4.05 21.55 8.49
CA HIS A 26 -4.97 22.64 8.19
C HIS A 26 -4.28 23.96 8.49
N GLN A 27 -4.54 25.00 7.71
CA GLN A 27 -3.91 26.29 7.98
C GLN A 27 -4.20 26.64 9.43
N ARG A 28 -3.16 27.02 10.16
CA ARG A 28 -3.25 27.18 11.63
C ARG A 28 -3.72 28.56 12.07
N PHE A 29 -4.01 29.44 11.12
CA PHE A 29 -4.64 30.73 11.43
C PHE A 29 -6.03 30.74 10.85
N ASN A 30 -6.86 31.69 11.26
CA ASN A 30 -8.27 31.73 10.88
C ASN A 30 -8.64 33.02 10.13
N PRO A 31 -8.36 33.09 8.82
CA PRO A 31 -8.57 34.38 8.17
C PRO A 31 -10.03 34.72 7.93
N PHE A 32 -10.29 36.02 7.78
CA PHE A 32 -11.61 36.55 7.52
C PHE A 32 -11.90 36.53 6.01
N PHE A 33 -12.99 35.85 5.63
CA PHE A 33 -13.49 35.79 4.24
C PHE A 33 -14.96 36.19 4.30
N ASP A 34 -15.45 36.88 3.28
CA ASP A 34 -16.87 37.24 3.22
C ASP A 34 -17.30 37.42 1.78
N LEU A 35 -18.61 37.49 1.56
CA LEU A 35 -19.21 37.64 0.22
C LEU A 35 -18.87 36.51 -0.76
N GLY A 36 -18.49 35.35 -0.21
CA GLY A 36 -18.02 34.25 -1.04
C GLY A 36 -16.71 34.54 -1.76
N ALA A 37 -15.91 35.45 -1.23
CA ALA A 37 -14.63 35.85 -1.87
C ALA A 37 -13.58 34.75 -1.82
N TRP A 38 -12.53 34.90 -2.64
CA TRP A 38 -11.52 33.86 -2.83
C TRP A 38 -10.19 34.29 -2.27
N HIS A 39 -10.26 35.22 -1.31
CA HIS A 39 -9.09 35.57 -0.51
C HIS A 39 -9.56 36.03 0.87
N GLY A 40 -8.65 35.97 1.84
CA GLY A 40 -8.96 36.33 3.21
C GLY A 40 -7.79 37.01 3.89
N HIS A 41 -8.05 37.48 5.11
CA HIS A 41 -7.15 38.37 5.82
C HIS A 41 -7.10 38.05 7.32
N LEU A 42 -5.95 38.31 7.92
CA LEU A 42 -5.78 38.18 9.37
C LEU A 42 -5.58 39.53 10.01
N LEU A 43 -5.64 39.54 11.34
CA LEU A 43 -5.36 40.72 12.16
C LEU A 43 -3.91 40.76 12.57
N PRO A 44 -3.35 41.98 12.71
CA PRO A 44 -2.02 42.15 13.29
C PRO A 44 -2.01 41.82 14.78
N ASP A 45 -0.85 41.40 15.28
CA ASP A 45 -0.74 40.92 16.67
C ASP A 45 0.33 41.66 17.49
N GLY A 46 1.08 42.56 16.84
CA GLY A 46 2.27 43.14 17.44
C GLY A 46 2.91 44.15 16.51
N PRO A 47 4.10 44.67 16.88
CA PRO A 47 4.73 45.76 16.15
C PRO A 47 5.10 45.42 14.72
N ASN A 48 5.33 44.15 14.44
CA ASN A 48 5.83 43.76 13.12
C ASN A 48 4.73 43.60 12.09
N THR A 49 3.48 43.55 12.53
CA THR A 49 2.33 43.47 11.63
C THR A 49 1.41 44.70 11.72
N MET A 50 1.56 45.46 12.81
CA MET A 50 0.88 46.74 13.02
C MET A 50 0.90 47.64 11.78
N GLY A 51 -0.28 48.04 11.34
CA GLY A 51 -0.44 48.94 10.21
C GLY A 51 -0.93 48.25 8.95
N GLY A 52 -1.13 46.94 9.05
CA GLY A 52 -1.65 46.14 7.95
C GLY A 52 -2.36 44.93 8.50
N PHE A 53 -3.06 44.23 7.61
CA PHE A 53 -3.75 43.00 7.94
C PHE A 53 -2.95 41.86 7.30
N PRO A 54 -2.11 41.19 8.10
CA PRO A 54 -1.18 40.23 7.52
C PRO A 54 -1.84 38.94 7.05
N GLY A 55 -1.06 38.08 6.41
CA GLY A 55 -1.52 36.74 6.08
C GLY A 55 -2.60 36.75 5.01
N VAL A 56 -2.32 37.39 3.89
CA VAL A 56 -3.19 37.28 2.73
C VAL A 56 -3.29 35.80 2.37
N ALA A 57 -4.51 35.26 2.45
CA ALA A 57 -4.77 33.86 2.16
C ALA A 57 -5.48 33.78 0.81
N LEU A 58 -4.88 33.07 -0.15
CA LEU A 58 -5.49 32.91 -1.46
C LEU A 58 -6.15 31.52 -1.57
N LEU A 59 -7.38 31.50 -2.07
CA LEU A 59 -8.04 30.24 -2.35
C LEU A 59 -7.73 29.87 -3.81
N THR A 60 -6.68 29.06 -3.99
CA THR A 60 -6.21 28.69 -5.32
C THR A 60 -6.99 27.50 -5.86
N GLU A 61 -8.22 27.80 -6.26
CA GLU A 61 -9.18 26.88 -6.84
C GLU A 61 -9.76 25.85 -5.89
N GLU A 62 -8.89 25.04 -5.29
CA GLU A 62 -9.36 23.94 -4.43
C GLU A 62 -8.63 23.85 -3.09
N TYR A 63 -7.74 24.80 -2.83
CA TYR A 63 -6.90 24.81 -1.64
C TYR A 63 -6.68 26.21 -1.11
N ILE A 64 -6.31 26.29 0.17
CA ILE A 64 -5.91 27.55 0.79
C ILE A 64 -4.38 27.61 0.93
N ASN A 65 -3.81 28.70 0.43
CA ASN A 65 -2.37 28.93 0.44
C ASN A 65 -2.10 30.40 0.80
N PHE A 66 -1.22 30.61 1.77
CA PHE A 66 -0.83 31.97 2.13
C PHE A 66 0.09 32.56 1.07
N MET A 67 -0.05 33.86 0.83
CA MET A 67 0.73 34.56 -0.19
C MET A 67 1.88 35.34 0.42
N ALA A 68 1.63 35.91 1.59
CA ALA A 68 2.47 36.94 2.18
C ALA A 68 2.17 37.03 3.67
N SER A 69 3.14 37.47 4.46
CA SER A 69 2.88 37.83 5.85
C SER A 69 2.47 39.29 5.86
N ASN A 70 3.41 40.24 5.81
CA ASN A 70 3.06 41.65 5.65
C ASN A 70 2.82 41.92 4.17
N PHE A 71 1.72 42.59 3.86
CA PHE A 71 1.43 43.01 2.49
C PHE A 71 0.52 44.24 2.49
N ASP A 72 1.09 45.37 2.08
CA ASP A 72 0.43 46.67 2.15
C ASP A 72 0.31 47.17 3.59
N ARG A 73 1.37 46.97 4.37
CA ARG A 73 1.45 47.46 5.73
C ARG A 73 1.82 48.94 5.79
N LEU A 74 1.00 49.76 6.45
CA LEU A 74 1.26 51.19 6.58
C LEU A 74 2.20 51.56 7.74
N THR A 75 3.19 52.40 7.42
CA THR A 75 3.93 53.15 8.41
C THR A 75 3.79 54.63 8.05
N VAL A 76 3.82 55.49 9.07
CA VAL A 76 3.64 56.91 8.89
C VAL A 76 4.88 57.65 9.38
N TRP A 77 5.23 58.71 8.66
CA TRP A 77 6.42 59.50 8.94
C TRP A 77 6.01 60.97 8.95
N GLN A 78 6.58 61.74 9.87
CA GLN A 78 6.31 63.17 9.97
C GLN A 78 7.61 63.89 10.25
N ASP A 79 8.12 64.60 9.23
CA ASP A 79 9.40 65.30 9.29
C ASP A 79 10.60 64.36 9.42
N GLY A 80 10.64 63.34 8.57
CA GLY A 80 11.76 62.39 8.56
C GLY A 80 11.82 61.39 9.72
N LYS A 81 10.85 61.50 10.64
CA LYS A 81 10.80 60.66 11.84
C LYS A 81 9.58 59.74 11.75
N LYS A 82 9.77 58.45 12.03
CA LYS A 82 8.65 57.51 12.03
C LYS A 82 7.80 57.71 13.27
N VAL A 83 6.48 57.77 13.08
CA VAL A 83 5.53 57.90 14.19
C VAL A 83 5.37 56.56 14.88
N ASP A 84 5.56 56.55 16.21
CA ASP A 84 5.43 55.35 17.04
C ASP A 84 3.99 55.18 17.52
N PHE A 85 3.28 54.17 16.99
CA PHE A 85 1.87 53.91 17.36
C PHE A 85 1.71 52.80 18.39
N THR A 86 0.60 52.81 19.12
CA THR A 86 0.17 51.63 19.86
C THR A 86 -1.04 51.05 19.13
N LEU A 87 -1.24 49.75 19.27
CA LEU A 87 -2.21 49.00 18.48
C LEU A 87 -3.39 48.50 19.32
N GLU A 88 -4.59 48.68 18.76
CA GLU A 88 -5.76 47.93 19.16
C GLU A 88 -6.30 47.29 17.88
N ALA A 89 -6.55 45.99 17.92
CA ALA A 89 -7.01 45.28 16.74
C ALA A 89 -8.09 44.29 17.15
N TYR A 90 -9.12 44.18 16.34
CA TYR A 90 -10.18 43.21 16.60
C TYR A 90 -11.03 42.88 15.39
N SER A 91 -11.62 41.69 15.43
CA SER A 91 -12.63 41.29 14.47
C SER A 91 -14.00 41.65 15.03
N ILE A 92 -14.94 41.88 14.13
CA ILE A 92 -16.36 41.82 14.46
C ILE A 92 -16.96 40.99 13.35
N PRO A 93 -18.18 40.48 13.57
CA PRO A 93 -18.88 39.86 12.47
C PRO A 93 -18.92 40.81 11.27
N GLY A 94 -18.26 40.42 10.19
CA GLY A 94 -18.25 41.18 8.93
C GLY A 94 -17.12 42.16 8.70
N ALA A 95 -16.19 42.28 9.65
CA ALA A 95 -15.11 43.23 9.49
C ALA A 95 -13.87 42.94 10.35
N LEU A 96 -12.71 43.38 9.88
CA LEU A 96 -11.54 43.49 10.71
C LEU A 96 -11.24 44.97 10.92
N VAL A 97 -10.82 45.34 12.13
CA VAL A 97 -10.56 46.71 12.52
C VAL A 97 -9.23 46.79 13.25
N GLN A 98 -8.46 47.84 12.99
CA GLN A 98 -7.30 48.16 13.82
C GLN A 98 -7.17 49.66 13.96
N LYS A 99 -6.83 50.08 15.17
CA LYS A 99 -6.67 51.48 15.50
C LYS A 99 -5.23 51.70 15.94
N LEU A 100 -4.59 52.67 15.31
CA LEU A 100 -3.23 53.05 15.65
C LEU A 100 -3.28 54.44 16.29
N THR A 101 -2.68 54.54 17.46
CA THR A 101 -2.71 55.77 18.25
C THR A 101 -1.31 56.28 18.56
N ALA A 102 -1.05 57.53 18.19
CA ALA A 102 0.12 58.28 18.60
C ALA A 102 -0.41 59.67 19.00
N LYS A 103 0.47 60.55 19.47
CA LYS A 103 0.06 61.86 19.99
C LYS A 103 -0.57 62.71 18.90
N ASP A 104 0.15 62.90 17.79
CA ASP A 104 -0.29 63.84 16.75
C ASP A 104 -0.96 63.18 15.55
N VAL A 105 -0.95 61.84 15.53
CA VAL A 105 -1.52 61.08 14.44
C VAL A 105 -2.28 59.88 14.98
N GLN A 106 -3.48 59.65 14.44
CA GLN A 106 -4.22 58.43 14.67
C GLN A 106 -4.68 57.89 13.34
N VAL A 107 -4.78 56.56 13.26
CA VAL A 107 -5.30 55.86 12.08
C VAL A 107 -6.34 54.85 12.52
N GLU A 108 -7.46 54.81 11.80
CA GLU A 108 -8.48 53.80 11.98
C GLU A 108 -8.65 53.03 10.67
N MET A 109 -8.43 51.73 10.70
CA MET A 109 -8.49 50.90 9.49
C MET A 109 -9.60 49.89 9.62
N THR A 110 -10.50 49.89 8.66
CA THR A 110 -11.63 48.98 8.65
C THR A 110 -11.62 48.22 7.35
N LEU A 111 -11.67 46.89 7.44
CA LEU A 111 -11.56 46.02 6.29
C LEU A 111 -12.84 45.20 6.15
N ARG A 112 -13.56 45.42 5.06
CA ARG A 112 -14.79 44.71 4.75
C ARG A 112 -14.71 44.20 3.32
N PHE A 113 -15.60 43.28 2.95
CA PHE A 113 -15.67 42.79 1.57
C PHE A 113 -16.72 43.52 0.76
N ALA A 114 -16.38 43.81 -0.48
CA ALA A 114 -17.22 44.64 -1.35
C ALA A 114 -17.86 43.86 -2.50
N THR A 115 -17.16 42.83 -2.98
CA THR A 115 -17.66 41.97 -4.05
C THR A 115 -17.21 40.54 -3.79
N PRO A 116 -17.67 39.59 -4.61
CA PRO A 116 -17.18 38.21 -4.53
C PRO A 116 -15.69 38.01 -4.88
N ARG A 117 -14.99 39.07 -5.27
CA ARG A 117 -13.54 38.97 -5.53
C ARG A 117 -12.70 40.05 -4.86
N THR A 118 -13.34 40.98 -4.14
CA THR A 118 -12.67 42.19 -3.70
C THR A 118 -13.00 42.61 -2.26
N SER A 119 -11.96 42.91 -1.48
CA SER A 119 -12.15 43.54 -0.19
C SER A 119 -11.73 45.01 -0.26
N LEU A 120 -12.33 45.80 0.62
CA LEU A 120 -12.17 47.24 0.69
C LEU A 120 -11.61 47.63 2.06
N LEU A 121 -10.46 48.31 2.06
CA LEU A 121 -9.85 48.86 3.26
C LEU A 121 -10.04 50.36 3.29
N GLU A 122 -10.68 50.84 4.37
CA GLU A 122 -10.75 52.26 4.66
C GLU A 122 -9.61 52.58 5.62
N THR A 123 -8.75 53.51 5.22
CA THR A 123 -7.67 54.00 6.07
C THR A 123 -7.96 55.46 6.41
N LYS A 124 -8.50 55.66 7.60
CA LYS A 124 -8.98 56.96 8.08
C LYS A 124 -7.90 57.57 8.96
N ILE A 125 -7.28 58.65 8.47
CA ILE A 125 -6.10 59.24 9.09
C ILE A 125 -6.42 60.62 9.66
N THR A 126 -6.15 60.80 10.95
CA THR A 126 -6.36 62.06 11.63
C THR A 126 -5.00 62.66 11.94
N SER A 127 -4.77 63.85 11.42
CA SER A 127 -3.52 64.55 11.60
C SER A 127 -3.70 66.02 11.27
N ASN A 128 -3.20 66.88 12.14
CA ASN A 128 -3.30 68.32 11.94
C ASN A 128 -2.22 68.88 11.03
N LYS A 129 -1.26 68.04 10.68
CA LYS A 129 -0.15 68.46 9.85
C LYS A 129 0.11 67.42 8.75
N PRO A 130 0.87 67.83 7.71
CA PRO A 130 1.23 66.91 6.62
C PRO A 130 1.95 65.64 7.11
N LEU A 131 1.82 64.57 6.34
CA LEU A 131 2.41 63.29 6.67
C LEU A 131 2.98 62.62 5.45
N ASP A 132 4.01 61.79 5.66
CA ASP A 132 4.48 60.91 4.61
C ASP A 132 4.05 59.48 4.93
N LEU A 133 3.46 58.81 3.96
CA LEU A 133 2.91 57.47 4.17
C LEU A 133 3.78 56.46 3.43
N VAL A 134 3.99 55.31 4.05
CA VAL A 134 4.77 54.24 3.41
C VAL A 134 4.09 52.91 3.59
N TRP A 135 3.92 52.19 2.50
CA TRP A 135 3.34 50.86 2.53
C TRP A 135 4.37 49.85 2.05
N ASP A 136 4.41 48.69 2.68
CA ASP A 136 5.38 47.67 2.33
C ASP A 136 4.74 46.31 2.38
N GLY A 137 5.42 45.36 1.77
CA GLY A 137 4.90 44.01 1.68
C GLY A 137 5.94 43.10 1.06
N GLU A 138 5.74 41.80 1.22
CA GLU A 138 6.71 40.81 0.79
C GLU A 138 6.01 39.47 0.66
N LEU A 139 6.25 38.80 -0.47
CA LEU A 139 5.72 37.47 -0.69
C LEU A 139 6.49 36.45 0.16
N LEU A 140 5.78 35.40 0.57
CA LEU A 140 6.41 34.33 1.29
C LEU A 140 7.42 33.61 0.41
N GLU A 141 8.43 33.04 1.05
CA GLU A 141 9.45 32.28 0.36
C GLU A 141 9.42 30.81 0.77
N LYS A 142 9.15 30.54 2.04
CA LYS A 142 9.22 29.18 2.56
C LYS A 142 7.92 28.40 2.36
N LEU A 143 8.06 27.11 2.05
CA LEU A 143 6.92 26.28 1.66
C LEU A 143 6.02 25.80 2.81
N GLU A 144 6.60 25.11 3.79
CA GLU A 144 5.79 24.26 4.67
C GLU A 144 6.28 24.17 6.12
N ALA A 145 5.33 24.23 7.05
CA ALA A 145 5.62 24.06 8.46
C ALA A 145 4.43 23.36 9.13
N LYS A 146 4.69 22.85 10.32
CA LYS A 146 3.68 22.17 11.13
C LYS A 146 3.89 22.65 12.56
N GLU A 147 2.84 23.20 13.16
CA GLU A 147 2.92 23.77 14.52
C GLU A 147 3.94 24.90 14.61
N GLY A 148 4.14 25.63 13.52
CA GLY A 148 5.11 26.73 13.50
C GLY A 148 6.54 26.30 13.24
N LYS A 149 6.81 25.00 13.19
CA LYS A 149 8.16 24.50 12.93
C LYS A 149 8.25 23.95 11.50
N PRO A 150 9.27 24.37 10.75
CA PRO A 150 9.34 23.99 9.34
C PRO A 150 9.47 22.47 9.17
N LEU A 151 8.83 21.93 8.15
CA LEU A 151 8.90 20.51 7.84
C LEU A 151 10.13 20.21 6.99
N SER A 152 10.64 21.25 6.33
CA SER A 152 11.77 21.14 5.39
C SER A 152 12.29 22.53 5.07
N ASP A 153 13.38 22.59 4.31
CA ASP A 153 13.89 23.87 3.81
C ASP A 153 13.38 24.19 2.40
N LYS A 154 12.37 23.46 1.94
CA LYS A 154 11.80 23.71 0.61
C LYS A 154 11.27 25.15 0.49
N THR A 155 11.50 25.76 -0.65
CA THR A 155 10.98 27.10 -0.92
C THR A 155 9.77 26.95 -1.84
N ILE A 156 9.00 28.03 -1.96
CA ILE A 156 7.81 28.03 -2.80
C ILE A 156 8.23 28.02 -4.27
N ALA A 157 9.15 28.89 -4.64
CA ALA A 157 9.70 28.95 -5.99
C ALA A 157 10.35 27.62 -6.38
N GLY A 158 11.09 27.03 -5.44
CA GLY A 158 11.75 25.74 -5.63
C GLY A 158 10.78 24.60 -5.86
N GLU A 159 9.73 24.54 -5.04
CA GLU A 159 8.68 23.52 -5.20
C GLU A 159 7.86 23.69 -6.47
N TYR A 160 7.63 24.93 -6.89
CA TYR A 160 6.77 25.23 -8.05
C TYR A 160 7.48 26.18 -9.02
N PRO A 161 8.38 25.65 -9.86
CA PRO A 161 9.18 26.49 -10.76
C PRO A 161 8.37 27.34 -11.77
N ASP A 162 7.16 26.90 -12.12
CA ASP A 162 6.32 27.68 -13.03
C ASP A 162 5.46 28.75 -12.33
N TYR A 163 5.50 28.78 -11.00
CA TYR A 163 4.66 29.75 -10.27
C TYR A 163 5.04 31.19 -10.66
N GLN A 164 6.34 31.44 -10.77
CA GLN A 164 6.86 32.68 -11.38
C GLN A 164 6.18 33.95 -10.86
N ARG A 165 6.08 34.05 -9.54
CA ARG A 165 5.42 35.20 -8.92
C ARG A 165 6.19 36.48 -9.21
N LYS A 166 5.46 37.50 -9.63
CA LYS A 166 6.06 38.80 -9.90
C LYS A 166 5.14 39.92 -9.42
N ILE A 167 5.73 40.90 -8.75
CA ILE A 167 5.04 42.11 -8.33
C ILE A 167 5.33 43.19 -9.37
N SER A 168 4.28 43.86 -9.84
CA SER A 168 4.39 44.95 -10.81
C SER A 168 3.60 46.16 -10.38
N ALA A 169 4.19 47.34 -10.56
CA ALA A 169 3.48 48.60 -10.36
C ALA A 169 2.41 48.77 -11.44
N THR A 170 1.33 49.43 -11.08
CA THR A 170 0.25 49.70 -12.02
C THR A 170 0.03 51.20 -12.03
N ARG A 171 -0.97 51.65 -12.80
CA ARG A 171 -1.35 53.07 -12.83
C ARG A 171 -1.94 53.55 -11.49
N ASP A 172 -2.44 52.64 -10.64
CA ASP A 172 -3.11 53.00 -9.38
C ASP A 172 -2.79 52.11 -8.17
N GLY A 173 -1.59 51.54 -8.16
CA GLY A 173 -1.14 50.64 -7.10
C GLY A 173 -0.14 49.62 -7.61
N LEU A 174 -0.48 48.34 -7.46
CA LEU A 174 0.40 47.25 -7.87
C LEU A 174 -0.40 45.96 -7.99
N LYS A 175 0.23 44.93 -8.56
CA LYS A 175 -0.41 43.64 -8.73
C LYS A 175 0.62 42.53 -8.61
N VAL A 176 0.16 41.36 -8.17
CA VAL A 176 0.99 40.16 -8.14
C VAL A 176 0.41 39.23 -9.21
N THR A 177 1.25 38.79 -10.13
CA THR A 177 0.83 37.89 -11.20
C THR A 177 1.39 36.50 -10.89
N PHE A 178 0.65 35.46 -11.26
CA PHE A 178 1.03 34.07 -10.98
C PHE A 178 1.03 33.22 -12.25
N GLY A 179 2.07 32.41 -12.40
CA GLY A 179 2.14 31.45 -13.49
C GLY A 179 1.24 30.26 -13.26
N LYS A 180 1.05 29.47 -14.31
CA LYS A 180 0.16 28.34 -14.29
C LYS A 180 0.82 27.19 -13.55
N VAL A 181 0.16 26.72 -12.49
CA VAL A 181 0.61 25.59 -11.70
C VAL A 181 -0.57 24.65 -11.54
N ARG A 182 -0.42 23.40 -12.00
CA ARG A 182 -1.48 22.41 -11.87
C ARG A 182 -1.03 21.32 -10.92
N ALA A 183 -0.76 21.73 -9.69
CA ALA A 183 -0.38 20.80 -8.62
C ALA A 183 -1.68 20.32 -7.94
N THR A 184 -2.13 19.17 -8.41
CA THR A 184 -3.48 18.64 -8.19
C THR A 184 -3.90 18.57 -6.72
N TRP A 185 -2.91 18.42 -5.83
CA TRP A 185 -3.17 18.22 -4.42
C TRP A 185 -2.67 19.36 -3.56
N ASP A 186 -2.18 20.43 -4.18
CA ASP A 186 -1.53 21.50 -3.44
C ASP A 186 -1.87 22.93 -3.87
N LEU A 187 -1.89 23.17 -5.18
CA LEU A 187 -1.82 24.52 -5.72
C LEU A 187 -2.31 24.50 -7.16
N LEU A 188 -3.42 25.19 -7.39
CA LEU A 188 -4.05 25.23 -8.70
C LEU A 188 -4.25 26.68 -9.11
N THR A 189 -3.60 27.07 -10.20
CA THR A 189 -3.76 28.39 -10.81
C THR A 189 -3.92 28.26 -12.32
N SER A 190 -4.54 29.26 -12.92
CA SER A 190 -4.88 29.26 -14.34
C SER A 190 -3.76 29.77 -15.24
N GLY A 191 -2.81 30.49 -14.67
CA GLY A 191 -1.79 31.21 -15.45
C GLY A 191 -2.25 32.63 -15.72
N GLU A 192 -3.51 32.91 -15.40
CA GLU A 192 -4.11 34.24 -15.57
C GLU A 192 -4.52 34.91 -14.24
N SER A 193 -4.28 34.23 -13.11
CA SER A 193 -4.73 34.75 -11.80
C SER A 193 -3.88 35.91 -11.30
N GLU A 194 -4.50 36.83 -10.56
CA GLU A 194 -3.83 38.02 -10.06
C GLU A 194 -4.26 38.44 -8.65
N TYR A 195 -3.36 39.06 -7.92
CA TYR A 195 -3.74 39.78 -6.70
C TYR A 195 -3.46 41.25 -6.91
N GLN A 196 -4.53 42.04 -6.97
CA GLN A 196 -4.45 43.45 -7.30
C GLN A 196 -4.74 44.34 -6.10
N VAL A 197 -3.95 45.41 -6.01
CA VAL A 197 -4.14 46.46 -5.04
C VAL A 197 -4.38 47.76 -5.81
N HIS A 198 -5.56 48.35 -5.63
CA HIS A 198 -5.88 49.67 -6.21
C HIS A 198 -6.12 50.65 -5.06
N LYS A 199 -5.67 51.89 -5.23
CA LYS A 199 -5.78 52.91 -4.19
C LYS A 199 -6.34 54.22 -4.73
N SER A 200 -6.90 55.01 -3.81
CA SER A 200 -7.64 56.21 -4.13
C SER A 200 -6.76 57.43 -4.32
N LEU A 201 -5.48 57.31 -3.96
CA LEU A 201 -4.55 58.44 -4.02
C LEU A 201 -3.33 57.99 -4.83
N PRO A 202 -2.61 58.94 -5.45
CA PRO A 202 -1.40 58.54 -6.19
C PRO A 202 -0.31 58.02 -5.25
N VAL A 203 0.38 56.95 -5.67
CA VAL A 203 1.44 56.36 -4.88
C VAL A 203 2.65 56.14 -5.77
N GLN A 204 3.80 55.94 -5.13
CA GLN A 204 5.05 55.72 -5.84
C GLN A 204 5.65 54.42 -5.34
N THR A 205 5.83 53.48 -6.25
CA THR A 205 6.16 52.12 -5.85
C THR A 205 7.54 51.71 -6.32
N GLU A 206 8.33 51.22 -5.36
CA GLU A 206 9.61 50.58 -5.60
C GLU A 206 9.43 49.07 -5.40
N ILE A 207 9.93 48.28 -6.34
CA ILE A 207 9.83 46.81 -6.28
C ILE A 207 11.24 46.22 -6.20
N ASN A 208 11.40 45.26 -5.28
CA ASN A 208 12.67 44.61 -5.05
C ASN A 208 12.46 43.11 -5.00
N GLY A 209 12.40 42.48 -6.18
CA GLY A 209 12.12 41.06 -6.27
C GLY A 209 10.74 40.81 -5.72
N ASN A 210 10.64 40.06 -4.64
CA ASN A 210 9.33 39.73 -4.06
C ASN A 210 8.90 40.62 -2.91
N ARG A 211 9.53 41.79 -2.80
CA ARG A 211 9.07 42.81 -1.85
C ARG A 211 8.77 44.13 -2.57
N PHE A 212 8.01 44.99 -1.91
CA PHE A 212 7.71 46.32 -2.44
C PHE A 212 7.65 47.35 -1.35
N THR A 213 7.82 48.60 -1.75
CA THR A 213 7.62 49.77 -0.89
C THR A 213 6.86 50.80 -1.72
N SER A 214 5.78 51.32 -1.15
CA SER A 214 4.96 52.35 -1.79
C SER A 214 4.93 53.59 -0.90
N LYS A 215 4.93 54.76 -1.53
CA LYS A 215 4.97 56.05 -0.84
C LYS A 215 3.89 57.02 -1.33
N ALA A 216 3.38 57.84 -0.41
CA ALA A 216 2.49 58.94 -0.75
C ALA A 216 2.60 60.02 0.31
N HIS A 217 2.25 61.24 -0.07
CA HIS A 217 2.27 62.36 0.85
C HIS A 217 0.87 62.94 0.92
N ILE A 218 0.38 63.17 2.14
CA ILE A 218 -0.94 63.76 2.35
C ILE A 218 -0.75 65.07 3.14
N ASN A 219 -1.73 65.96 3.04
CA ASN A 219 -1.62 67.31 3.60
C ASN A 219 -2.21 67.49 5.01
N GLY A 220 -2.97 66.50 5.46
CA GLY A 220 -3.54 66.52 6.80
C GLY A 220 -4.53 65.36 6.89
N SER A 221 -5.53 65.52 7.74
CA SER A 221 -6.54 64.50 7.91
C SER A 221 -7.12 64.11 6.55
N THR A 222 -7.27 62.81 6.31
CA THR A 222 -7.74 62.30 5.04
C THR A 222 -8.20 60.85 5.22
N THR A 223 -9.20 60.42 4.45
CA THR A 223 -9.61 59.02 4.45
C THR A 223 -9.25 58.41 3.10
N LEU A 224 -8.42 57.38 3.12
CA LEU A 224 -7.99 56.68 1.92
C LEU A 224 -8.77 55.37 1.75
N TYR A 225 -8.84 54.90 0.50
CA TYR A 225 -9.50 53.65 0.18
C TYR A 225 -8.62 52.77 -0.71
N THR A 226 -8.58 51.48 -0.37
CA THR A 226 -7.72 50.51 -1.05
C THR A 226 -8.55 49.29 -1.30
N THR A 227 -8.51 48.76 -2.53
CA THR A 227 -9.13 47.48 -2.84
C THR A 227 -8.08 46.37 -2.95
N TYR A 228 -8.46 45.18 -2.49
CA TYR A 228 -7.63 43.98 -2.63
C TYR A 228 -8.48 42.94 -3.35
N SER A 229 -7.96 42.38 -4.45
CA SER A 229 -8.72 41.44 -5.27
C SER A 229 -7.88 40.23 -5.67
N HIS A 230 -8.37 39.04 -5.35
CA HIS A 230 -7.83 37.80 -5.92
C HIS A 230 -8.78 37.38 -7.03
N LEU A 231 -8.23 37.34 -8.23
CA LEU A 231 -8.96 37.12 -9.48
C LEU A 231 -8.31 35.91 -10.15
N LEU A 232 -9.08 34.90 -10.49
CA LEU A 232 -8.50 33.59 -10.83
C LEU A 232 -8.42 33.27 -12.32
N THR A 233 -9.08 34.07 -13.15
CA THR A 233 -9.04 33.90 -14.58
C THR A 233 -8.88 35.25 -15.26
N ALA A 234 -8.50 35.21 -16.54
CA ALA A 234 -8.35 36.41 -17.36
C ALA A 234 -9.64 37.21 -17.37
N GLN A 235 -10.75 36.49 -17.46
CA GLN A 235 -12.07 37.10 -17.56
C GLN A 235 -12.53 37.73 -16.24
N GLU A 236 -12.12 37.13 -15.12
CA GLU A 236 -12.39 37.70 -13.80
C GLU A 236 -11.62 39.00 -13.67
N VAL A 237 -10.36 38.99 -14.11
CA VAL A 237 -9.53 40.18 -14.08
C VAL A 237 -10.22 41.33 -14.83
N SER A 238 -10.69 41.05 -16.05
CA SER A 238 -11.34 42.06 -16.89
C SER A 238 -12.62 42.59 -16.26
N LYS A 239 -13.49 41.68 -15.85
CA LYS A 239 -14.77 42.07 -15.28
C LYS A 239 -14.70 42.87 -13.98
N GLU A 240 -13.64 42.66 -13.19
CA GLU A 240 -13.55 43.28 -11.87
C GLU A 240 -13.22 44.78 -11.95
N GLN A 241 -12.61 45.23 -13.04
CA GLN A 241 -12.09 46.59 -13.11
C GLN A 241 -13.17 47.64 -12.96
N MET A 242 -14.33 47.45 -13.58
CA MET A 242 -15.43 48.40 -13.43
C MET A 242 -16.03 48.39 -12.02
N GLN A 243 -16.02 47.22 -11.38
CA GLN A 243 -16.44 47.10 -9.98
C GLN A 243 -15.50 47.89 -9.08
N ILE A 244 -14.20 47.70 -9.27
CA ILE A 244 -13.19 48.38 -8.49
C ILE A 244 -13.30 49.91 -8.68
N ARG A 245 -13.58 50.33 -9.90
CA ARG A 245 -13.82 51.76 -10.14
C ARG A 245 -15.07 52.24 -9.41
N ASP A 246 -16.15 51.46 -9.46
CA ASP A 246 -17.35 51.83 -8.71
C ASP A 246 -17.06 51.89 -7.20
N ILE A 247 -16.22 50.99 -6.69
CA ILE A 247 -15.94 50.91 -5.26
C ILE A 247 -15.19 52.15 -4.80
N LEU A 248 -14.16 52.51 -5.55
CA LEU A 248 -13.40 53.71 -5.23
C LEU A 248 -14.24 54.97 -5.46
N ALA A 249 -15.25 54.89 -6.32
CA ALA A 249 -16.18 56.01 -6.58
C ALA A 249 -17.21 56.17 -5.46
N ARG A 250 -17.70 55.06 -4.93
CA ARG A 250 -18.80 55.05 -3.94
C ARG A 250 -18.44 54.23 -2.68
N PRO A 251 -17.28 54.51 -2.07
CA PRO A 251 -16.82 53.62 -1.03
C PRO A 251 -17.80 53.47 0.14
N ALA A 252 -18.46 54.56 0.52
CA ALA A 252 -19.39 54.55 1.65
C ALA A 252 -20.55 53.59 1.41
N PHE A 253 -20.98 53.49 0.14
CA PHE A 253 -22.06 52.59 -0.24
C PHE A 253 -21.68 51.14 0.03
N TYR A 254 -20.45 50.78 -0.29
CA TYR A 254 -19.99 49.40 -0.09
C TYR A 254 -19.81 49.10 1.37
N LEU A 255 -19.24 50.04 2.12
CA LEU A 255 -19.09 49.85 3.56
C LEU A 255 -20.44 49.63 4.22
N THR A 256 -21.43 50.42 3.82
CA THR A 256 -22.77 50.32 4.41
C THR A 256 -23.44 49.01 4.03
N ALA A 257 -23.30 48.62 2.76
CA ALA A 257 -23.84 47.35 2.28
C ALA A 257 -23.41 46.18 3.18
N SER A 258 -22.13 46.14 3.54
CA SER A 258 -21.58 45.07 4.40
C SER A 258 -22.10 45.20 5.84
N GLN A 259 -22.09 46.42 6.39
CA GLN A 259 -22.62 46.66 7.72
C GLN A 259 -24.04 46.15 7.84
N GLN A 260 -24.89 46.55 6.89
CA GLN A 260 -26.32 46.19 6.89
C GLN A 260 -26.57 44.69 6.69
N ARG A 261 -25.77 44.07 5.84
CA ARG A 261 -25.92 42.64 5.58
C ARG A 261 -25.64 41.84 6.86
N TRP A 262 -24.58 42.23 7.56
CA TRP A 262 -24.22 41.60 8.83
C TRP A 262 -25.19 41.90 9.99
N GLU A 263 -25.73 43.11 10.04
CA GLU A 263 -26.75 43.40 11.05
C GLU A 263 -27.94 42.47 10.84
N GLU A 264 -28.24 42.20 9.57
CA GLU A 264 -29.35 41.36 9.19
CA GLU A 264 -29.37 41.36 9.24
C GLU A 264 -29.09 39.88 9.56
N TYR A 265 -27.87 39.42 9.36
CA TYR A 265 -27.49 38.04 9.75
C TYR A 265 -27.74 37.86 11.25
N LEU A 266 -27.29 38.83 12.03
CA LEU A 266 -27.38 38.77 13.49
C LEU A 266 -28.82 38.98 13.96
N LYS A 267 -29.53 39.94 13.37
CA LYS A 267 -30.94 40.11 13.70
C LYS A 267 -31.73 38.84 13.44
N LYS A 268 -31.61 38.28 12.23
CA LYS A 268 -32.37 37.09 11.86
C LYS A 268 -31.94 35.82 12.60
N GLY A 269 -30.67 35.73 12.96
CA GLY A 269 -30.12 34.51 13.52
C GLY A 269 -30.17 34.36 15.04
N LEU A 270 -30.05 35.47 15.76
CA LEU A 270 -29.99 35.42 17.23
C LEU A 270 -31.39 35.56 17.84
N THR A 271 -32.19 34.51 17.71
CA THR A 271 -33.61 34.56 18.10
C THR A 271 -33.96 33.60 19.23
N ASN A 272 -33.01 33.34 20.13
CA ASN A 272 -33.31 32.60 21.35
C ASN A 272 -33.06 33.46 22.59
N PRO A 273 -34.12 34.13 23.08
CA PRO A 273 -33.93 35.05 24.21
C PRO A 273 -33.59 34.35 25.55
N ASP A 274 -33.82 33.05 25.66
CA ASP A 274 -33.43 32.29 26.85
C ASP A 274 -31.92 31.99 26.91
N ALA A 275 -31.24 32.12 25.78
CA ALA A 275 -29.80 31.86 25.71
C ALA A 275 -29.00 32.90 26.50
N THR A 276 -27.97 32.44 27.20
CA THR A 276 -27.04 33.33 27.88
C THR A 276 -26.12 34.07 26.89
N PRO A 277 -25.40 35.10 27.37
CA PRO A 277 -24.38 35.76 26.54
C PRO A 277 -23.34 34.80 25.96
N GLU A 278 -22.85 33.87 26.78
CA GLU A 278 -21.89 32.85 26.32
C GLU A 278 -22.47 32.02 25.19
N GLN A 279 -23.73 31.61 25.36
CA GLN A 279 -24.41 30.76 24.38
C GLN A 279 -24.67 31.47 23.07
N THR A 280 -25.03 32.75 23.16
CA THR A 280 -25.25 33.59 22.00
C THR A 280 -23.96 33.84 21.22
N ARG A 281 -22.85 34.01 21.93
CA ARG A 281 -21.53 34.18 21.31
C ARG A 281 -21.14 32.92 20.53
N VAL A 282 -21.55 31.74 21.01
CA VAL A 282 -21.33 30.50 20.27
C VAL A 282 -22.07 30.53 18.93
N ALA A 283 -23.33 30.99 18.98
CA ALA A 283 -24.09 31.16 17.76
C ALA A 283 -23.42 32.17 16.81
N VAL A 284 -22.87 33.27 17.34
CA VAL A 284 -22.14 34.24 16.49
C VAL A 284 -20.89 33.57 15.88
N LYS A 285 -20.18 32.75 16.66
CA LYS A 285 -19.05 31.98 16.12
C LYS A 285 -19.48 31.12 14.94
N ALA A 286 -20.63 30.43 15.09
CA ALA A 286 -21.15 29.60 14.02
C ALA A 286 -21.53 30.40 12.77
N ILE A 287 -22.18 31.54 12.96
CA ILE A 287 -22.51 32.42 11.87
C ILE A 287 -21.26 32.94 11.12
N GLU A 288 -20.24 33.38 11.85
CA GLU A 288 -19.00 33.88 11.23
C GLU A 288 -18.32 32.74 10.47
N THR A 289 -18.33 31.56 11.08
CA THR A 289 -17.70 30.34 10.50
C THR A 289 -18.37 29.92 9.19
N LEU A 290 -19.70 29.79 9.22
CA LEU A 290 -20.46 29.39 8.05
C LEU A 290 -20.33 30.40 6.93
N ASN A 291 -20.51 31.68 7.23
CA ASN A 291 -20.39 32.73 6.22
C ASN A 291 -18.99 32.82 5.61
N GLY A 292 -17.94 32.56 6.39
CA GLY A 292 -16.59 32.52 5.89
C GLY A 292 -16.30 31.33 4.98
N ASN A 293 -17.04 30.24 5.17
CA ASN A 293 -16.86 29.03 4.37
C ASN A 293 -17.72 29.04 3.09
N TRP A 294 -18.52 30.10 2.92
CA TRP A 294 -19.29 30.35 1.71
C TRP A 294 -18.39 30.84 0.57
N ARG A 295 -18.55 30.27 -0.62
CA ARG A 295 -17.77 30.63 -1.80
C ARG A 295 -18.74 30.97 -2.93
N SER A 296 -18.43 32.07 -3.62
CA SER A 296 -19.14 32.45 -4.83
C SER A 296 -18.93 31.43 -5.93
N PRO A 297 -19.68 31.56 -7.04
CA PRO A 297 -19.42 30.65 -8.15
C PRO A 297 -17.95 30.68 -8.57
N GLY A 298 -17.42 29.53 -8.97
CA GLY A 298 -16.03 29.38 -9.33
C GLY A 298 -15.78 28.10 -10.09
N GLY A 299 -15.14 28.23 -11.25
CA GLY A 299 -14.92 27.07 -12.13
C GLY A 299 -16.21 26.41 -12.57
N ALA A 300 -16.26 25.09 -12.40
CA ALA A 300 -17.39 24.30 -12.85
C ALA A 300 -18.64 24.43 -11.98
N VAL A 301 -18.49 24.99 -10.78
CA VAL A 301 -19.63 25.20 -9.87
C VAL A 301 -20.21 26.58 -10.16
N LYS A 302 -21.42 26.60 -10.70
CA LYS A 302 -22.04 27.83 -11.21
C LYS A 302 -22.91 28.54 -10.17
N PHE A 303 -22.81 28.12 -8.92
CA PHE A 303 -23.60 28.65 -7.85
C PHE A 303 -22.71 28.98 -6.66
N ASN A 304 -23.19 29.87 -5.79
CA ASN A 304 -22.65 30.02 -4.47
C ASN A 304 -22.74 28.67 -3.75
N THR A 305 -21.76 28.36 -2.91
CA THR A 305 -21.74 27.11 -2.16
C THR A 305 -21.07 27.33 -0.78
N VAL A 306 -21.08 26.30 0.05
CA VAL A 306 -20.40 26.33 1.35
C VAL A 306 -19.62 25.02 1.51
N THR A 307 -18.35 25.16 1.88
CA THR A 307 -17.48 24.02 2.03
C THR A 307 -17.33 23.68 3.52
N PRO A 308 -16.80 22.50 3.81
CA PRO A 308 -16.65 22.14 5.22
C PRO A 308 -15.66 23.01 5.99
N SER A 309 -14.64 23.56 5.33
CA SER A 309 -13.77 24.53 6.00
C SER A 309 -12.82 25.24 5.03
N VAL A 310 -12.86 26.56 5.03
CA VAL A 310 -11.99 27.34 4.17
C VAL A 310 -10.50 27.14 4.53
N THR A 311 -10.22 26.78 5.78
CA THR A 311 -8.82 26.55 6.22
C THR A 311 -8.38 25.09 6.16
N GLY A 312 -9.29 24.21 5.74
CA GLY A 312 -9.04 22.78 5.77
C GLY A 312 -8.13 22.28 4.66
N ARG A 313 -7.29 21.28 4.98
CA ARG A 313 -6.38 20.67 4.01
C ARG A 313 -7.07 20.23 2.73
N TRP A 314 -8.18 19.51 2.90
CA TRP A 314 -8.95 18.92 1.80
C TRP A 314 -10.39 19.44 1.72
N PHE A 315 -10.69 20.54 2.41
CA PHE A 315 -12.05 21.06 2.49
C PHE A 315 -12.18 22.49 1.92
N SER A 316 -11.10 23.03 1.34
CA SER A 316 -11.07 24.46 0.95
C SER A 316 -11.42 24.64 -0.53
N GLY A 317 -11.11 25.79 -1.13
CA GLY A 317 -11.66 26.14 -2.44
C GLY A 317 -13.17 26.13 -2.36
N ASN A 318 -13.83 25.64 -3.40
CA ASN A 318 -15.29 25.42 -3.35
C ASN A 318 -15.70 23.94 -3.37
N GLN A 319 -14.85 23.11 -2.77
CA GLN A 319 -15.13 21.69 -2.67
C GLN A 319 -16.38 21.53 -1.81
N THR A 320 -17.38 20.86 -2.36
CA THR A 320 -18.71 20.76 -1.76
C THR A 320 -19.18 19.29 -1.73
N TRP A 321 -19.68 18.87 -0.56
CA TRP A 321 -20.30 17.56 -0.38
C TRP A 321 -21.80 17.71 -0.03
N PRO A 322 -22.60 16.68 -0.36
CA PRO A 322 -24.04 16.78 -0.09
C PRO A 322 -24.39 16.70 1.39
N TRP A 323 -23.81 15.74 2.11
CA TRP A 323 -24.10 15.55 3.55
C TRP A 323 -23.90 16.85 4.30
N ASP A 324 -22.73 17.45 4.11
CA ASP A 324 -22.39 18.74 4.72
C ASP A 324 -23.39 19.82 4.32
N THR A 325 -23.79 19.81 3.05
CA THR A 325 -24.67 20.82 2.49
C THR A 325 -26.07 20.79 3.14
N TRP A 326 -26.61 19.61 3.41
CA TRP A 326 -27.95 19.52 3.98
C TRP A 326 -28.02 20.24 5.31
N LYS A 327 -27.04 19.96 6.18
CA LYS A 327 -27.01 20.57 7.51
C LYS A 327 -26.61 22.03 7.46
N GLN A 328 -25.67 22.35 6.59
CA GLN A 328 -25.25 23.72 6.38
C GLN A 328 -26.44 24.62 6.05
N ALA A 329 -27.20 24.23 5.04
CA ALA A 329 -28.34 25.01 4.56
C ALA A 329 -29.49 25.01 5.57
N PHE A 330 -29.64 23.92 6.29
CA PHE A 330 -30.66 23.83 7.35
C PHE A 330 -30.45 24.99 8.33
N ALA A 331 -29.20 25.19 8.74
CA ALA A 331 -28.85 26.23 9.71
C ALA A 331 -28.87 27.60 9.07
N MET A 332 -28.19 27.73 7.93
CA MET A 332 -28.11 29.01 7.24
C MET A 332 -29.48 29.54 6.76
N ALA A 333 -30.47 28.66 6.64
CA ALA A 333 -31.85 29.09 6.41
C ALA A 333 -32.28 30.16 7.41
N HIS A 334 -31.80 30.04 8.65
CA HIS A 334 -32.20 30.93 9.74
C HIS A 334 -31.44 32.25 9.85
N PHE A 335 -30.48 32.48 8.96
CA PHE A 335 -29.76 33.76 8.98
C PHE A 335 -29.21 34.23 7.62
N ASN A 336 -28.85 33.28 6.75
CA ASN A 336 -28.38 33.62 5.40
C ASN A 336 -29.07 32.73 4.37
N PRO A 337 -30.42 32.84 4.29
CA PRO A 337 -31.20 31.92 3.47
C PRO A 337 -30.86 31.93 1.99
N ASP A 338 -30.44 33.07 1.45
CA ASP A 338 -30.10 33.16 0.02
C ASP A 338 -28.96 32.22 -0.32
N ILE A 339 -27.98 32.12 0.56
CA ILE A 339 -26.83 31.25 0.31
C ILE A 339 -27.16 29.79 0.69
N ALA A 340 -28.06 29.62 1.66
CA ALA A 340 -28.57 28.27 1.97
C ALA A 340 -29.16 27.69 0.70
N LYS A 341 -29.99 28.49 0.02
CA LYS A 341 -30.61 28.05 -1.24
C LYS A 341 -29.57 27.75 -2.30
N GLU A 342 -28.64 28.68 -2.50
CA GLU A 342 -27.55 28.49 -3.45
C GLU A 342 -26.75 27.20 -3.20
N ASN A 343 -26.40 26.95 -1.95
CA ASN A 343 -25.62 25.77 -1.55
C ASN A 343 -26.32 24.48 -2.01
N ILE A 344 -27.64 24.43 -1.83
CA ILE A 344 -28.43 23.28 -2.25
C ILE A 344 -28.46 23.20 -3.79
N ARG A 345 -28.65 24.35 -4.45
CA ARG A 345 -28.55 24.39 -5.91
C ARG A 345 -27.22 23.87 -6.44
N ALA A 346 -26.13 24.25 -5.77
CA ALA A 346 -24.78 23.86 -6.16
C ALA A 346 -24.67 22.36 -6.24
N VAL A 347 -25.18 21.69 -5.21
CA VAL A 347 -25.11 20.25 -5.10
C VAL A 347 -25.97 19.59 -6.19
N PHE A 348 -27.18 20.07 -6.40
CA PHE A 348 -28.03 19.53 -7.46
C PHE A 348 -27.65 20.00 -8.88
N SER A 349 -26.79 21.01 -9.00
CA SER A 349 -26.42 21.53 -10.33
C SER A 349 -25.68 20.49 -11.18
N TRP A 350 -25.00 19.56 -10.53
CA TRP A 350 -24.34 18.47 -11.24
C TRP A 350 -25.01 17.10 -11.02
N GLN A 351 -26.30 17.14 -10.69
CA GLN A 351 -27.12 15.93 -10.64
C GLN A 351 -27.13 15.28 -12.02
N ILE A 352 -27.04 13.95 -12.07
CA ILE A 352 -26.96 13.25 -13.35
C ILE A 352 -28.31 13.31 -14.10
N GLN A 353 -28.25 13.75 -15.37
CA GLN A 353 -29.41 13.83 -16.25
C GLN A 353 -29.40 12.67 -17.25
N PRO A 354 -30.57 12.34 -17.84
CA PRO A 354 -30.56 11.32 -18.90
C PRO A 354 -29.61 11.68 -20.02
N GLY A 355 -28.96 10.69 -20.61
CA GLY A 355 -27.96 10.92 -21.64
C GLY A 355 -26.58 11.33 -21.14
N ASP A 356 -26.38 11.37 -19.82
CA ASP A 356 -25.08 11.72 -19.26
C ASP A 356 -23.94 10.97 -19.94
N SER A 357 -22.84 11.68 -20.19
CA SER A 357 -21.75 11.17 -20.99
C SER A 357 -20.88 10.16 -20.24
N VAL A 358 -20.93 10.18 -18.92
CA VAL A 358 -20.10 9.28 -18.12
C VAL A 358 -20.93 8.15 -17.51
N ARG A 359 -22.10 8.48 -16.94
CA ARG A 359 -22.92 7.49 -16.21
C ARG A 359 -24.41 7.67 -16.46
N PRO A 360 -24.87 7.30 -17.68
CA PRO A 360 -26.29 7.37 -18.04
C PRO A 360 -27.18 6.45 -17.18
N GLN A 361 -26.57 5.45 -16.57
CA GLN A 361 -27.23 4.53 -15.63
C GLN A 361 -27.40 5.09 -14.20
N ASP A 362 -27.05 6.35 -13.97
CA ASP A 362 -27.17 6.96 -12.63
C ASP A 362 -28.04 8.22 -12.64
N VAL A 363 -29.12 8.25 -13.41
CA VAL A 363 -29.93 9.46 -13.52
C VAL A 363 -30.49 9.79 -12.12
N GLY A 364 -30.29 11.04 -11.69
CA GLY A 364 -30.72 11.52 -10.35
C GLY A 364 -29.65 11.49 -9.28
N PHE A 365 -28.55 10.81 -9.56
CA PHE A 365 -27.41 10.69 -8.67
C PHE A 365 -26.84 12.07 -8.41
N VAL A 366 -26.42 12.29 -7.16
CA VAL A 366 -25.79 13.54 -6.76
C VAL A 366 -24.34 13.23 -6.40
N PRO A 367 -23.38 13.88 -7.08
CA PRO A 367 -21.97 13.60 -6.78
C PRO A 367 -21.56 13.86 -5.34
N ASP A 368 -20.64 13.01 -4.86
CA ASP A 368 -20.02 13.13 -3.52
C ASP A 368 -19.25 14.42 -3.31
N LEU A 369 -18.51 14.85 -4.32
CA LEU A 369 -17.61 15.97 -4.19
C LEU A 369 -17.56 16.72 -5.50
N ILE A 370 -18.04 17.96 -5.48
CA ILE A 370 -17.88 18.87 -6.61
C ILE A 370 -16.90 19.95 -6.22
N ALA A 371 -16.28 20.55 -7.24
CA ALA A 371 -15.16 21.44 -7.06
C ALA A 371 -14.89 22.24 -8.34
N TRP A 372 -14.04 23.27 -8.22
CA TRP A 372 -13.67 24.11 -9.36
C TRP A 372 -13.35 23.28 -10.62
N ASN A 373 -12.50 22.26 -10.44
CA ASN A 373 -12.00 21.46 -11.57
C ASN A 373 -12.74 20.13 -11.71
N LEU A 374 -13.25 19.90 -12.92
CA LEU A 374 -13.89 18.65 -13.26
C LEU A 374 -12.82 17.56 -13.30
N SER A 375 -13.25 16.32 -13.16
CA SER A 375 -12.34 15.19 -13.26
C SER A 375 -11.90 15.03 -14.71
N PRO A 376 -10.80 14.31 -14.94
CA PRO A 376 -10.42 14.02 -16.34
C PRO A 376 -11.54 13.40 -17.17
N GLU A 377 -12.40 12.62 -16.54
CA GLU A 377 -13.51 11.97 -17.24
CA GLU A 377 -13.50 11.97 -17.24
C GLU A 377 -14.54 12.97 -17.76
N ARG A 378 -14.61 14.15 -17.16
CA ARG A 378 -15.49 15.20 -17.68
C ARG A 378 -14.73 16.36 -18.34
N GLY A 379 -13.43 16.15 -18.61
CA GLY A 379 -12.64 17.11 -19.39
C GLY A 379 -11.70 18.03 -18.63
N GLY A 380 -11.69 17.94 -17.31
CA GLY A 380 -10.84 18.81 -16.48
C GLY A 380 -9.63 18.07 -15.96
N ASP A 381 -8.83 18.73 -15.14
CA ASP A 381 -7.67 18.09 -14.51
C ASP A 381 -7.79 17.96 -12.98
N GLY A 382 -9.03 17.95 -12.49
CA GLY A 382 -9.31 17.91 -11.05
C GLY A 382 -9.17 16.53 -10.42
N GLY A 383 -8.48 16.47 -9.29
CA GLY A 383 -8.28 15.21 -8.58
C GLY A 383 -9.31 14.94 -7.49
N ASN A 384 -10.08 15.96 -7.15
CA ASN A 384 -10.98 15.84 -6.01
C ASN A 384 -12.37 15.45 -6.44
N TRP A 385 -12.86 16.01 -7.56
CA TRP A 385 -14.19 15.71 -8.07
C TRP A 385 -14.44 14.20 -7.93
N ASN A 386 -15.51 13.80 -7.24
CA ASN A 386 -15.80 12.37 -6.96
C ASN A 386 -17.23 11.92 -7.27
N GLU A 387 -17.36 10.92 -8.14
CA GLU A 387 -18.63 10.29 -8.48
C GLU A 387 -18.63 8.78 -8.23
N ARG A 388 -17.71 8.34 -7.38
CA ARG A 388 -17.68 6.95 -6.91
C ARG A 388 -18.80 6.63 -5.95
N ASN A 389 -19.49 7.65 -5.46
CA ASN A 389 -20.51 7.48 -4.43
C ASN A 389 -21.19 8.82 -4.17
N THR A 390 -22.27 8.78 -3.39
CA THR A 390 -22.92 10.01 -2.92
C THR A 390 -22.78 10.04 -1.38
N LYS A 391 -23.73 10.64 -0.68
CA LYS A 391 -23.75 10.66 0.78
C LYS A 391 -25.18 10.39 1.27
N PRO A 392 -25.37 10.15 2.58
CA PRO A 392 -26.76 9.92 3.02
C PRO A 392 -27.65 11.14 2.71
N SER A 393 -28.91 10.90 2.38
CA SER A 393 -29.78 11.99 1.94
C SER A 393 -30.68 12.57 3.02
N LEU A 394 -30.36 13.79 3.43
CA LEU A 394 -31.29 14.63 4.16
C LEU A 394 -31.67 15.82 3.30
N ALA A 395 -31.71 15.61 1.97
CA ALA A 395 -31.98 16.69 1.03
C ALA A 395 -33.35 17.33 1.23
N ALA A 396 -34.38 16.53 1.36
CA ALA A 396 -35.75 17.06 1.46
C ALA A 396 -35.94 17.87 2.75
N TRP A 397 -35.41 17.32 3.84
CA TRP A 397 -35.38 17.97 5.17
C TRP A 397 -34.70 19.33 5.07
N SER A 398 -33.60 19.38 4.31
CA SER A 398 -32.86 20.62 4.11
C SER A 398 -33.72 21.63 3.33
N VAL A 399 -34.21 21.22 2.16
CA VAL A 399 -35.10 22.06 1.35
C VAL A 399 -36.30 22.55 2.15
N MET A 400 -36.93 21.66 2.90
CA MET A 400 -38.15 22.02 3.66
C MET A 400 -37.85 23.09 4.69
N GLU A 401 -36.66 23.05 5.29
CA GLU A 401 -36.31 24.03 6.31
C GLU A 401 -36.19 25.41 5.70
N VAL A 402 -35.59 25.50 4.52
CA VAL A 402 -35.51 26.78 3.81
C VAL A 402 -36.93 27.31 3.59
N TYR A 403 -37.86 26.42 3.23
CA TYR A 403 -39.26 26.78 3.03
C TYR A 403 -39.93 27.22 4.34
N ASN A 404 -39.66 26.52 5.44
CA ASN A 404 -40.23 26.88 6.72
C ASN A 404 -39.95 28.32 7.10
N VAL A 405 -38.74 28.79 6.81
CA VAL A 405 -38.34 30.15 7.13
C VAL A 405 -38.93 31.11 6.12
N THR A 406 -38.66 30.87 4.84
CA THR A 406 -39.02 31.81 3.78
C THR A 406 -40.52 31.80 3.40
N GLN A 407 -41.19 30.66 3.58
CA GLN A 407 -42.56 30.42 3.07
C GLN A 407 -42.65 30.59 1.55
N ASP A 408 -41.54 30.31 0.86
CA ASP A 408 -41.40 30.59 -0.56
C ASP A 408 -41.75 29.34 -1.38
N LYS A 409 -43.00 29.27 -1.82
CA LYS A 409 -43.45 28.10 -2.57
C LYS A 409 -42.73 27.90 -3.91
N THR A 410 -42.21 28.99 -4.51
CA THR A 410 -41.42 28.90 -5.75
C THR A 410 -40.12 28.13 -5.51
N TRP A 411 -39.61 28.20 -4.30
CA TRP A 411 -38.41 27.44 -3.91
C TRP A 411 -38.72 25.94 -3.88
N VAL A 412 -39.90 25.58 -3.35
CA VAL A 412 -40.31 24.18 -3.31
C VAL A 412 -40.50 23.67 -4.73
N ALA A 413 -41.18 24.47 -5.55
CA ALA A 413 -41.44 24.11 -6.95
C ALA A 413 -40.14 23.85 -7.71
N GLU A 414 -39.11 24.64 -7.43
CA GLU A 414 -37.79 24.49 -8.05
C GLU A 414 -37.08 23.20 -7.66
N MET A 415 -37.13 22.86 -6.38
CA MET A 415 -36.35 21.73 -5.86
C MET A 415 -37.05 20.39 -5.97
N TYR A 416 -38.39 20.41 -5.96
CA TYR A 416 -39.17 19.17 -5.94
C TYR A 416 -38.79 18.11 -6.98
N PRO A 417 -38.65 18.49 -8.26
CA PRO A 417 -38.33 17.44 -9.23
C PRO A 417 -36.93 16.89 -9.05
N LYS A 418 -36.01 17.75 -8.60
CA LYS A 418 -34.64 17.33 -8.35
C LYS A 418 -34.58 16.36 -7.17
N LEU A 419 -35.38 16.65 -6.14
CA LEU A 419 -35.48 15.76 -4.98
C LEU A 419 -36.10 14.42 -5.36
N VAL A 420 -37.13 14.47 -6.21
CA VAL A 420 -37.78 13.25 -6.66
C VAL A 420 -36.81 12.41 -7.50
N ALA A 421 -36.00 13.04 -8.34
CA ALA A 421 -35.03 12.31 -9.16
C ALA A 421 -33.99 11.56 -8.32
N TYR A 422 -33.54 12.21 -7.25
CA TYR A 422 -32.57 11.60 -6.31
C TYR A 422 -33.22 10.43 -5.59
N HIS A 423 -34.44 10.66 -5.11
CA HIS A 423 -35.27 9.62 -4.49
C HIS A 423 -35.36 8.38 -5.36
N ASP A 424 -35.76 8.58 -6.62
CA ASP A 424 -35.95 7.47 -7.54
C ASP A 424 -34.61 6.77 -7.81
N TRP A 425 -33.52 7.53 -7.84
CA TRP A 425 -32.19 6.96 -8.04
C TRP A 425 -31.81 5.99 -6.91
N TRP A 426 -32.10 6.38 -5.66
CA TRP A 426 -31.81 5.51 -4.51
C TRP A 426 -32.49 4.18 -4.70
N LEU A 427 -33.77 4.21 -5.08
CA LEU A 427 -34.55 2.99 -5.24
C LEU A 427 -34.13 2.11 -6.41
N ARG A 428 -33.60 2.70 -7.49
CA ARG A 428 -33.07 1.89 -8.61
C ARG A 428 -31.69 1.33 -8.33
N ASN A 429 -30.79 2.14 -7.80
CA ASN A 429 -29.37 1.77 -7.80
C ASN A 429 -28.80 1.40 -6.43
N ARG A 430 -29.57 1.60 -5.37
CA ARG A 430 -29.13 1.21 -4.03
C ARG A 430 -30.19 0.36 -3.30
N ASP A 431 -30.77 -0.60 -4.01
CA ASP A 431 -31.74 -1.54 -3.42
C ASP A 431 -31.54 -2.93 -4.03
N HIS A 432 -30.41 -3.54 -3.67
CA HIS A 432 -29.93 -4.80 -4.24
C HIS A 432 -30.95 -5.94 -4.23
N ASN A 433 -31.73 -6.04 -3.15
CA ASN A 433 -32.71 -7.12 -3.02
C ASN A 433 -34.13 -6.69 -3.38
N GLY A 434 -34.29 -5.42 -3.79
CA GLY A 434 -35.55 -4.92 -4.32
C GLY A 434 -36.72 -4.92 -3.34
N ASN A 435 -36.47 -4.52 -2.10
CA ASN A 435 -37.50 -4.56 -1.06
C ASN A 435 -37.94 -3.16 -0.59
N GLY A 436 -37.43 -2.12 -1.25
CA GLY A 436 -37.85 -0.76 -0.94
C GLY A 436 -37.06 -0.10 0.19
N VAL A 437 -36.08 -0.82 0.73
CA VAL A 437 -35.24 -0.31 1.81
C VAL A 437 -33.81 -0.20 1.29
N PRO A 438 -33.23 0.99 1.34
CA PRO A 438 -31.96 1.19 0.64
C PRO A 438 -30.74 0.65 1.40
N GLU A 439 -29.64 0.46 0.68
CA GLU A 439 -28.35 0.15 1.26
C GLU A 439 -27.38 1.26 0.92
N TYR A 440 -26.33 1.41 1.71
CA TYR A 440 -25.21 2.25 1.29
C TYR A 440 -24.40 1.44 0.29
N GLY A 441 -23.77 2.13 -0.67
CA GLY A 441 -23.10 1.45 -1.78
C GLY A 441 -22.15 2.32 -2.60
N ALA A 442 -21.98 1.98 -3.86
CA ALA A 442 -21.06 2.69 -4.74
C ALA A 442 -21.52 2.64 -6.20
N THR A 443 -20.96 3.53 -7.01
CA THR A 443 -21.28 3.56 -8.43
C THR A 443 -20.38 2.60 -9.22
N ARG A 444 -20.78 2.35 -10.45
CA ARG A 444 -19.88 1.83 -11.49
C ARG A 444 -18.87 2.93 -11.72
N ASP A 445 -17.59 2.60 -11.68
CA ASP A 445 -16.54 3.60 -11.82
C ASP A 445 -15.24 2.97 -12.26
N LYS A 446 -14.40 3.77 -12.92
CA LYS A 446 -13.06 3.33 -13.29
C LYS A 446 -12.26 2.79 -12.10
N ALA A 447 -12.47 3.36 -10.92
CA ALA A 447 -11.78 2.87 -9.72
C ALA A 447 -12.35 1.54 -9.20
N HIS A 448 -13.57 1.18 -9.62
CA HIS A 448 -14.30 0.07 -9.01
C HIS A 448 -14.37 -1.20 -9.84
N ASN A 449 -14.21 -1.06 -11.15
CA ASN A 449 -14.44 -2.16 -12.07
C ASN A 449 -13.68 -1.98 -13.38
N THR A 450 -13.50 -3.10 -14.07
CA THR A 450 -12.96 -3.10 -15.43
C THR A 450 -13.97 -2.46 -16.36
N GLU A 451 -13.54 -2.21 -17.60
CA GLU A 451 -14.40 -1.66 -18.64
C GLU A 451 -15.58 -2.56 -18.98
N SER A 452 -15.44 -3.87 -18.79
CA SER A 452 -16.51 -4.83 -19.06
C SER A 452 -17.49 -4.93 -17.89
N GLY A 453 -17.13 -4.32 -16.77
CA GLY A 453 -18.02 -4.20 -15.62
C GLY A 453 -17.78 -5.24 -14.55
N GLU A 454 -16.55 -5.76 -14.48
CA GLU A 454 -16.20 -6.76 -13.48
C GLU A 454 -15.58 -6.06 -12.27
N MET A 455 -16.22 -6.20 -11.12
CA MET A 455 -15.77 -5.56 -9.88
C MET A 455 -14.32 -5.89 -9.55
N LEU A 456 -13.50 -4.86 -9.38
CA LEU A 456 -12.10 -5.04 -8.98
C LEU A 456 -11.97 -5.27 -7.47
N PHE A 457 -10.96 -6.05 -7.09
CA PHE A 457 -10.56 -6.19 -5.69
C PHE A 457 -9.14 -6.72 -5.58
N THR A 458 -8.50 -6.47 -4.45
CA THR A 458 -7.13 -6.94 -4.19
C THR A 458 -7.09 -7.75 -2.89
N VAL A 459 -6.63 -8.99 -3.02
CA VAL A 459 -6.52 -9.91 -1.89
C VAL A 459 -5.10 -9.76 -1.35
N LYS A 460 -4.99 -9.68 -0.02
CA LYS A 460 -3.68 -9.50 0.60
C LYS A 460 -3.42 -10.56 1.66
N LYS A 461 -2.19 -11.08 1.64
CA LYS A 461 -1.76 -12.11 2.59
C LYS A 461 -0.26 -11.96 2.82
N GLY A 462 0.13 -11.57 4.03
CA GLY A 462 1.52 -11.22 4.32
C GLY A 462 1.95 -10.05 3.46
N ASP A 463 2.84 -10.30 2.49
CA ASP A 463 3.35 -9.26 1.58
C ASP A 463 2.99 -9.53 0.12
N LYS A 464 2.10 -10.48 -0.14
CA LYS A 464 1.63 -10.78 -1.49
C LYS A 464 0.31 -10.05 -1.79
N GLU A 465 0.31 -9.26 -2.86
CA GLU A 465 -0.88 -8.61 -3.39
C GLU A 465 -1.43 -9.39 -4.60
N GLU A 466 -2.69 -9.79 -4.52
CA GLU A 466 -3.35 -10.48 -5.63
C GLU A 466 -4.56 -9.65 -6.10
N THR A 467 -4.41 -8.99 -7.25
CA THR A 467 -5.46 -8.15 -7.82
CA THR A 467 -5.49 -8.16 -7.80
C THR A 467 -6.28 -8.94 -8.84
N GLN A 468 -7.57 -9.13 -8.56
CA GLN A 468 -8.49 -9.87 -9.42
C GLN A 468 -9.70 -9.02 -9.77
N SER A 469 -10.63 -9.61 -10.53
CA SER A 469 -11.92 -8.98 -10.81
C SER A 469 -13.06 -10.00 -10.92
N GLY A 470 -14.29 -9.48 -10.97
CA GLY A 470 -15.48 -10.32 -11.14
C GLY A 470 -16.04 -10.80 -9.81
N LEU A 471 -17.36 -10.69 -9.69
CA LEU A 471 -18.06 -11.06 -8.46
C LEU A 471 -18.00 -12.58 -8.20
N ASN A 472 -17.73 -13.35 -9.26
CA ASN A 472 -17.49 -14.78 -9.12
C ASN A 472 -16.28 -15.03 -8.23
N ASN A 473 -15.17 -14.41 -8.57
CA ASN A 473 -13.93 -14.59 -7.82
C ASN A 473 -13.98 -14.05 -6.39
N TYR A 474 -14.76 -12.99 -6.17
CA TYR A 474 -14.90 -12.39 -4.84
C TYR A 474 -15.60 -13.35 -3.86
N ALA A 475 -16.70 -13.96 -4.31
CA ALA A 475 -17.43 -14.94 -3.50
C ALA A 475 -16.54 -16.16 -3.20
N ARG A 476 -15.78 -16.58 -4.19
CA ARG A 476 -14.87 -17.73 -4.08
C ARG A 476 -13.72 -17.47 -3.09
N VAL A 477 -13.31 -16.21 -2.97
CA VAL A 477 -12.22 -15.82 -2.07
C VAL A 477 -12.70 -15.52 -0.64
N VAL A 478 -13.91 -14.96 -0.51
CA VAL A 478 -14.46 -14.61 0.80
C VAL A 478 -14.65 -15.83 1.69
N GLU A 479 -15.14 -16.92 1.10
CA GLU A 479 -15.36 -18.17 1.83
C GLU A 479 -14.04 -18.69 2.42
N LYS A 480 -13.03 -18.84 1.57
CA LYS A 480 -11.73 -19.40 1.99
C LYS A 480 -11.15 -18.65 3.18
N GLY A 481 -11.19 -17.32 3.12
CA GLY A 481 -10.73 -16.48 4.22
C GLY A 481 -9.23 -16.55 4.47
N GLN A 482 -8.46 -17.00 3.48
CA GLN A 482 -7.00 -17.11 3.61
C GLN A 482 -6.33 -15.82 3.12
N TYR A 483 -6.79 -14.71 3.69
CA TYR A 483 -6.22 -13.40 3.41
C TYR A 483 -6.12 -12.61 4.71
N ASP A 484 -5.10 -11.75 4.80
CA ASP A 484 -5.01 -10.79 5.90
C ASP A 484 -6.04 -9.67 5.71
N SER A 485 -6.17 -9.21 4.47
CA SER A 485 -7.18 -8.22 4.11
C SER A 485 -7.66 -8.37 2.66
N LEU A 486 -8.88 -7.89 2.41
CA LEU A 486 -9.47 -7.90 1.10
C LEU A 486 -9.86 -6.46 0.75
N GLU A 487 -9.08 -5.83 -0.12
CA GLU A 487 -9.34 -4.45 -0.54
C GLU A 487 -10.30 -4.40 -1.73
N ILE A 488 -11.49 -3.86 -1.50
CA ILE A 488 -12.49 -3.68 -2.56
C ILE A 488 -12.78 -2.17 -2.75
N PRO A 489 -12.18 -1.55 -3.78
CA PRO A 489 -12.36 -0.09 -3.96
C PRO A 489 -13.82 0.36 -3.92
N ALA A 490 -14.72 -0.44 -4.47
CA ALA A 490 -16.14 -0.13 -4.44
C ALA A 490 -16.69 -0.15 -3.01
N GLN A 491 -16.17 -1.03 -2.15
CA GLN A 491 -16.60 -1.08 -0.74
C GLN A 491 -16.00 0.08 0.07
N VAL A 492 -14.80 0.52 -0.29
CA VAL A 492 -14.22 1.75 0.30
C VAL A 492 -15.17 2.93 0.03
N ALA A 493 -15.61 3.06 -1.22
CA ALA A 493 -16.55 4.12 -1.59
C ALA A 493 -17.91 3.99 -0.91
N ALA A 494 -18.34 2.75 -0.65
CA ALA A 494 -19.55 2.51 0.11
C ALA A 494 -19.40 3.04 1.53
N SER A 495 -18.21 2.90 2.12
CA SER A 495 -17.96 3.46 3.45
C SER A 495 -18.01 4.98 3.44
N TRP A 496 -17.48 5.58 2.38
CA TRP A 496 -17.61 7.03 2.14
C TRP A 496 -19.05 7.44 2.03
N GLU A 497 -19.82 6.67 1.27
CA GLU A 497 -21.24 6.94 1.10
C GLU A 497 -22.05 6.87 2.41
N SER A 498 -21.66 5.97 3.31
CA SER A 498 -22.28 5.89 4.66
C SER A 498 -22.02 7.13 5.52
N GLY A 499 -20.89 7.77 5.26
CA GLY A 499 -20.53 9.02 5.93
C GLY A 499 -19.80 8.82 7.23
N ARG A 500 -19.58 7.56 7.60
CA ARG A 500 -18.97 7.18 8.87
C ARG A 500 -17.98 6.05 8.62
N ASP A 501 -16.79 6.41 8.14
CA ASP A 501 -15.94 5.43 7.46
C ASP A 501 -15.17 4.40 8.30
N ASP A 502 -15.10 4.55 9.62
CA ASP A 502 -14.56 3.46 10.45
C ASP A 502 -15.53 3.00 11.56
N ALA A 503 -16.82 3.05 11.26
CA ALA A 503 -17.89 2.72 12.24
C ALA A 503 -17.97 1.22 12.54
N ALA A 504 -18.30 0.89 13.79
CA ALA A 504 -18.47 -0.49 14.23
C ALA A 504 -19.46 -1.22 13.34
N VAL A 505 -20.62 -0.61 13.16
CA VAL A 505 -21.72 -1.25 12.44
C VAL A 505 -21.34 -1.66 11.01
N PHE A 506 -20.37 -0.97 10.41
CA PHE A 506 -19.90 -1.32 9.06
C PHE A 506 -18.69 -2.25 9.03
N GLY A 507 -18.42 -2.90 10.17
CA GLY A 507 -17.43 -3.97 10.23
C GLY A 507 -16.04 -3.55 10.65
N PHE A 508 -15.87 -2.30 11.07
CA PHE A 508 -14.55 -1.79 11.48
C PHE A 508 -14.29 -1.99 12.97
N ILE A 509 -13.19 -2.68 13.28
CA ILE A 509 -12.83 -3.01 14.66
C ILE A 509 -11.33 -3.31 14.69
N ASP A 510 -10.63 -2.91 15.75
CA ASP A 510 -9.18 -3.09 15.83
C ASP A 510 -8.83 -4.52 16.27
N LYS A 511 -7.57 -4.89 16.07
CA LYS A 511 -7.11 -6.25 16.32
C LYS A 511 -7.32 -6.73 17.76
N GLU A 512 -6.94 -5.91 18.73
CA GLU A 512 -7.10 -6.24 20.13
C GLU A 512 -8.58 -6.30 20.53
N GLN A 513 -9.39 -5.43 19.92
CA GLN A 513 -10.82 -5.41 20.18
C GLN A 513 -11.46 -6.70 19.68
N LEU A 514 -11.08 -7.12 18.48
CA LEU A 514 -11.61 -8.33 17.89
C LEU A 514 -11.21 -9.59 18.68
N ASP A 515 -9.96 -9.65 19.15
CA ASP A 515 -9.50 -10.77 19.96
C ASP A 515 -10.41 -10.94 21.18
N LYS A 516 -10.70 -9.84 21.86
CA LYS A 516 -11.54 -9.83 23.04
C LYS A 516 -12.97 -10.27 22.71
N TYR A 517 -13.47 -9.80 21.58
CA TYR A 517 -14.79 -10.18 21.10
C TYR A 517 -14.88 -11.71 20.91
N VAL A 518 -13.85 -12.28 20.28
CA VAL A 518 -13.77 -13.72 20.05
C VAL A 518 -13.60 -14.47 21.37
N ALA A 519 -12.80 -13.93 22.28
CA ALA A 519 -12.60 -14.54 23.59
C ALA A 519 -13.90 -14.52 24.42
N ASN A 520 -14.72 -13.50 24.24
CA ASN A 520 -16.01 -13.42 24.92
C ASN A 520 -17.10 -14.33 24.30
N GLY A 521 -16.77 -15.01 23.21
CA GLY A 521 -17.69 -15.97 22.60
C GLY A 521 -18.18 -15.69 21.18
N GLY A 522 -17.77 -14.56 20.59
CA GLY A 522 -18.17 -14.26 19.21
C GLY A 522 -17.23 -14.86 18.17
N LYS A 523 -17.64 -14.78 16.90
CA LYS A 523 -16.80 -15.20 15.77
C LYS A 523 -16.30 -13.98 15.00
N ARG A 524 -15.10 -14.09 14.43
CA ARG A 524 -14.54 -13.02 13.59
C ARG A 524 -15.44 -12.64 12.41
N SER A 525 -16.10 -13.63 11.83
CA SER A 525 -16.94 -13.42 10.66
C SER A 525 -18.18 -12.58 10.98
N ASP A 526 -18.50 -12.42 12.26
CA ASP A 526 -19.57 -11.54 12.68
C ASP A 526 -19.34 -10.07 12.23
N TRP A 527 -18.08 -9.75 11.90
CA TRP A 527 -17.66 -8.40 11.57
C TRP A 527 -17.37 -8.27 10.08
N THR A 528 -17.65 -9.31 9.33
CA THR A 528 -17.50 -9.28 7.87
C THR A 528 -18.79 -8.75 7.22
N VAL A 529 -18.66 -7.62 6.54
CA VAL A 529 -19.75 -7.10 5.72
C VAL A 529 -19.59 -7.58 4.29
N LYS A 530 -20.54 -8.38 3.81
CA LYS A 530 -20.50 -8.89 2.44
C LYS A 530 -20.96 -7.82 1.46
N PHE A 531 -20.62 -8.01 0.19
CA PHE A 531 -20.77 -6.96 -0.82
C PHE A 531 -21.34 -7.53 -2.11
N ALA A 532 -22.12 -6.72 -2.81
CA ALA A 532 -22.85 -7.20 -3.99
C ALA A 532 -22.95 -6.13 -5.08
N GLU A 533 -23.09 -6.59 -6.32
CA GLU A 533 -23.34 -5.71 -7.46
C GLU A 533 -24.83 -5.55 -7.73
N ASN A 534 -25.20 -4.40 -8.28
CA ASN A 534 -26.59 -4.10 -8.60
C ASN A 534 -26.76 -4.01 -10.11
N ARG A 535 -27.66 -4.84 -10.65
CA ARG A 535 -27.92 -4.87 -12.10
C ARG A 535 -29.40 -4.72 -12.41
N SER A 536 -29.68 -4.17 -13.58
CA SER A 536 -31.05 -4.02 -14.07
C SER A 536 -31.54 -5.33 -14.69
N GLN A 537 -32.81 -5.34 -15.06
CA GLN A 537 -33.45 -6.42 -15.84
C GLN A 537 -32.56 -6.90 -16.98
N ASP A 538 -32.15 -5.96 -17.83
CA ASP A 538 -31.31 -6.25 -19.01
C ASP A 538 -29.84 -6.53 -18.71
N GLY A 539 -29.44 -6.55 -17.44
CA GLY A 539 -28.06 -6.84 -17.06
C GLY A 539 -27.07 -5.67 -17.05
N THR A 540 -27.58 -4.44 -17.15
CA THR A 540 -26.72 -3.25 -16.98
C THR A 540 -26.26 -3.08 -15.53
N LEU A 541 -24.94 -2.96 -15.33
CA LEU A 541 -24.36 -2.68 -14.01
C LEU A 541 -24.74 -1.28 -13.54
N LEU A 542 -25.53 -1.19 -12.48
CA LEU A 542 -25.99 0.09 -11.96
C LEU A 542 -25.07 0.63 -10.86
N GLY A 543 -24.28 -0.26 -10.25
CA GLY A 543 -23.46 0.08 -9.09
C GLY A 543 -23.34 -1.08 -8.12
N TYR A 544 -23.15 -0.76 -6.84
CA TYR A 544 -22.93 -1.75 -5.78
C TYR A 544 -23.67 -1.41 -4.49
N SER A 545 -23.86 -2.44 -3.66
CA SER A 545 -24.49 -2.30 -2.35
C SER A 545 -23.75 -3.14 -1.30
N LEU A 546 -23.63 -2.59 -0.10
CA LEU A 546 -23.36 -3.39 1.08
C LEU A 546 -24.52 -4.38 1.17
N LEU A 547 -24.24 -5.64 1.53
CA LEU A 547 -25.34 -6.58 1.79
C LEU A 547 -25.85 -6.35 3.22
N GLN A 548 -26.37 -5.14 3.44
CA GLN A 548 -26.73 -4.64 4.76
C GLN A 548 -27.58 -3.40 4.57
N GLU A 549 -28.68 -3.35 5.30
CA GLU A 549 -29.60 -2.23 5.24
C GLU A 549 -29.43 -1.46 6.52
N SER A 550 -29.07 -0.18 6.38
CA SER A 550 -28.74 0.62 7.53
C SER A 550 -29.95 1.35 8.09
N VAL A 551 -30.07 1.34 9.41
CA VAL A 551 -31.27 1.88 10.04
C VAL A 551 -31.29 3.39 9.95
N ASP A 552 -30.12 4.02 9.96
CA ASP A 552 -30.07 5.47 9.72
C ASP A 552 -30.49 5.79 8.29
N GLN A 553 -30.00 5.04 7.31
CA GLN A 553 -30.37 5.28 5.92
C GLN A 553 -31.86 5.05 5.66
N ALA A 554 -32.40 3.98 6.22
CA ALA A 554 -33.83 3.70 6.13
C ALA A 554 -34.65 4.85 6.71
N SER A 555 -34.20 5.36 7.86
CA SER A 555 -34.85 6.47 8.52
C SER A 555 -34.75 7.78 7.72
N TYR A 556 -33.61 8.00 7.05
CA TYR A 556 -33.48 9.14 6.13
C TYR A 556 -34.40 8.98 4.90
N MET A 557 -34.59 7.76 4.45
CA MET A 557 -35.55 7.50 3.37
C MET A 557 -36.98 7.83 3.86
N TYR A 558 -37.31 7.43 5.09
CA TYR A 558 -38.58 7.80 5.70
C TYR A 558 -38.77 9.30 5.71
N SER A 559 -37.74 10.01 6.18
CA SER A 559 -37.65 11.47 6.09
C SER A 559 -37.95 12.01 4.70
N ASP A 560 -37.25 11.47 3.72
CA ASP A 560 -37.34 11.91 2.33
C ASP A 560 -38.79 11.80 1.86
N ASN A 561 -39.37 10.64 2.09
CA ASN A 561 -40.76 10.38 1.74
C ASN A 561 -41.77 11.28 2.47
N HIS A 562 -41.49 11.56 3.74
CA HIS A 562 -42.37 12.40 4.56
C HIS A 562 -42.38 13.81 4.01
N TYR A 563 -41.20 14.33 3.69
CA TYR A 563 -41.07 15.72 3.28
C TYR A 563 -41.48 15.93 1.83
N LEU A 564 -41.26 14.93 0.98
CA LEU A 564 -41.78 14.98 -0.40
C LEU A 564 -43.31 14.99 -0.40
N ALA A 565 -43.93 14.29 0.55
CA ALA A 565 -45.39 14.30 0.71
C ALA A 565 -45.89 15.72 0.98
N GLU A 566 -45.24 16.41 1.92
CA GLU A 566 -45.60 17.78 2.27
C GLU A 566 -45.38 18.72 1.09
N MET A 567 -44.29 18.50 0.35
CA MET A 567 -43.97 19.34 -0.79
C MET A 567 -45.01 19.14 -1.87
N ALA A 568 -45.38 17.90 -2.12
CA ALA A 568 -46.42 17.57 -3.10
C ALA A 568 -47.75 18.26 -2.76
N THR A 569 -48.09 18.32 -1.48
CA THR A 569 -49.33 18.95 -1.05
C THR A 569 -49.26 20.46 -1.29
N ILE A 570 -48.15 21.06 -0.88
CA ILE A 570 -47.91 22.49 -1.10
C ILE A 570 -48.08 22.83 -2.58
N LEU A 571 -47.55 21.96 -3.44
CA LEU A 571 -47.57 22.18 -4.88
C LEU A 571 -48.89 21.78 -5.55
N GLY A 572 -49.82 21.22 -4.79
CA GLY A 572 -51.11 20.80 -5.33
C GLY A 572 -50.98 19.54 -6.16
N LYS A 573 -50.27 18.57 -5.61
CA LYS A 573 -50.06 17.27 -6.26
C LYS A 573 -50.50 16.19 -5.30
N PRO A 574 -51.81 16.12 -5.02
CA PRO A 574 -52.36 15.23 -3.99
C PRO A 574 -52.08 13.74 -4.19
N GLU A 575 -52.08 13.27 -5.44
CA GLU A 575 -51.85 11.84 -5.67
C GLU A 575 -50.38 11.47 -5.43
N GLU A 576 -49.46 12.33 -5.82
CA GLU A 576 -48.05 12.05 -5.54
C GLU A 576 -47.81 12.11 -4.02
N ALA A 577 -48.42 13.09 -3.37
CA ALA A 577 -48.33 13.22 -1.92
C ALA A 577 -48.77 11.93 -1.21
N LYS A 578 -49.86 11.35 -1.68
CA LYS A 578 -50.40 10.11 -1.11
C LYS A 578 -49.44 8.93 -1.28
N ARG A 579 -48.79 8.84 -2.43
CA ARG A 579 -47.82 7.76 -2.67
C ARG A 579 -46.65 7.85 -1.69
N TYR A 580 -46.13 9.04 -1.48
CA TYR A 580 -45.01 9.23 -0.59
C TYR A 580 -45.42 8.96 0.86
N ARG A 581 -46.65 9.31 1.21
CA ARG A 581 -47.18 9.04 2.54
C ARG A 581 -47.17 7.53 2.79
N GLN A 582 -47.65 6.77 1.82
CA GLN A 582 -47.65 5.30 1.89
C GLN A 582 -46.25 4.68 1.92
N LEU A 583 -45.32 5.27 1.16
CA LEU A 583 -43.93 4.80 1.16
C LEU A 583 -43.30 5.07 2.52
N ALA A 584 -43.51 6.27 3.04
CA ALA A 584 -43.11 6.61 4.40
C ALA A 584 -43.66 5.59 5.41
N GLN A 585 -44.97 5.36 5.41
CA GLN A 585 -45.55 4.34 6.32
C GLN A 585 -44.88 2.96 6.14
N GLN A 586 -44.64 2.54 4.90
CA GLN A 586 -43.98 1.24 4.66
C GLN A 586 -42.57 1.15 5.27
N LEU A 587 -41.82 2.25 5.19
CA LEU A 587 -40.46 2.27 5.76
C LEU A 587 -40.50 2.25 7.28
N ALA A 588 -41.42 3.01 7.86
CA ALA A 588 -41.57 3.06 9.32
C ALA A 588 -41.87 1.67 9.87
N ASP A 589 -42.79 0.97 9.21
CA ASP A 589 -43.17 -0.40 9.58
C ASP A 589 -42.00 -1.37 9.44
N TYR A 590 -41.17 -1.17 8.41
CA TYR A 590 -40.02 -2.03 8.19
C TYR A 590 -38.96 -1.76 9.26
N ILE A 591 -38.66 -0.49 9.49
CA ILE A 591 -37.71 -0.07 10.51
C ILE A 591 -38.12 -0.61 11.89
N ASN A 592 -39.37 -0.42 12.26
CA ASN A 592 -39.85 -0.88 13.56
C ASN A 592 -39.87 -2.42 13.69
N THR A 593 -40.31 -3.11 12.65
CA THR A 593 -40.42 -4.58 12.70
C THR A 593 -39.06 -5.28 12.59
N CYS A 594 -38.24 -4.81 11.66
CA CYS A 594 -37.01 -5.51 11.30
C CYS A 594 -35.77 -5.07 12.06
N MET A 595 -35.70 -3.77 12.36
CA MET A 595 -34.46 -3.19 12.89
C MET A 595 -34.46 -2.98 14.41
N PHE A 596 -35.62 -3.03 15.05
CA PHE A 596 -35.70 -2.89 16.50
C PHE A 596 -35.65 -4.26 17.18
N ASP A 597 -34.60 -4.49 17.96
CA ASP A 597 -34.41 -5.74 18.68
C ASP A 597 -35.30 -5.80 19.93
N PRO A 598 -36.21 -6.77 19.99
CA PRO A 598 -37.02 -6.92 21.19
C PRO A 598 -36.20 -7.05 22.45
N THR A 599 -35.08 -7.76 22.38
CA THR A 599 -34.30 -8.10 23.56
C THR A 599 -33.52 -6.94 24.16
N THR A 600 -32.61 -6.33 23.39
CA THR A 600 -31.81 -5.20 23.88
C THR A 600 -32.56 -3.87 23.82
N GLN A 601 -33.74 -3.85 23.19
CA GLN A 601 -34.63 -2.68 23.13
C GLN A 601 -33.92 -1.46 22.54
N PHE A 602 -33.34 -1.65 21.36
CA PHE A 602 -32.60 -0.64 20.65
C PHE A 602 -32.63 -0.99 19.16
N TYR A 603 -32.34 -0.02 18.29
CA TYR A 603 -32.33 -0.23 16.85
C TYR A 603 -30.93 -0.55 16.32
N TYR A 604 -30.87 -1.34 15.25
CA TYR A 604 -29.60 -1.71 14.62
C TYR A 604 -29.84 -1.92 13.13
N ASP A 605 -28.74 -1.92 12.37
CA ASP A 605 -28.73 -2.36 10.98
C ASP A 605 -29.10 -3.83 10.94
N VAL A 606 -29.53 -4.27 9.76
CA VAL A 606 -29.74 -5.69 9.50
C VAL A 606 -28.88 -6.08 8.31
N ARG A 607 -28.41 -7.31 8.32
CA ARG A 607 -27.72 -7.85 7.16
C ARG A 607 -28.75 -8.17 6.10
N ILE A 608 -28.33 -8.14 4.84
CA ILE A 608 -29.10 -8.81 3.80
C ILE A 608 -28.58 -10.23 3.81
N GLU A 609 -29.31 -11.11 4.51
CA GLU A 609 -28.92 -12.50 4.62
C GLU A 609 -29.21 -13.28 3.34
N ASP A 610 -28.65 -14.48 3.23
CA ASP A 610 -28.79 -15.33 2.03
C ASP A 610 -30.24 -15.53 1.59
N LYS A 611 -31.15 -15.56 2.58
CA LYS A 611 -32.57 -15.52 2.30
C LYS A 611 -33.29 -14.65 3.34
N PRO A 612 -34.39 -13.99 2.96
CA PRO A 612 -35.07 -13.13 3.92
C PRO A 612 -35.71 -13.89 5.09
N LEU A 613 -36.10 -13.18 6.13
CA LEU A 613 -36.77 -13.82 7.26
C LEU A 613 -38.22 -14.09 6.86
N ALA A 614 -38.89 -14.96 7.60
CA ALA A 614 -40.26 -15.31 7.30
C ALA A 614 -41.18 -14.08 7.30
N ASN A 615 -40.83 -13.07 8.09
CA ASN A 615 -41.59 -11.83 8.13
C ASN A 615 -41.21 -10.83 7.02
N GLY A 616 -40.31 -11.22 6.12
CA GLY A 616 -39.93 -10.37 4.98
C GLY A 616 -38.78 -9.42 5.25
N CYS A 617 -38.28 -9.41 6.49
CA CYS A 617 -37.10 -8.64 6.83
C CYS A 617 -35.90 -9.27 6.13
N ALA A 618 -34.98 -8.42 5.69
CA ALA A 618 -33.79 -8.88 4.96
C ALA A 618 -32.89 -9.75 5.83
N GLY A 619 -32.82 -9.42 7.11
CA GLY A 619 -32.10 -10.24 8.07
C GLY A 619 -32.35 -9.77 9.50
N LYS A 620 -31.60 -10.35 10.44
CA LYS A 620 -31.75 -9.99 11.85
C LYS A 620 -30.97 -8.72 12.20
N PRO A 621 -31.42 -8.01 13.24
CA PRO A 621 -30.63 -6.89 13.72
C PRO A 621 -29.23 -7.35 14.09
N ILE A 622 -28.23 -6.56 13.71
CA ILE A 622 -26.82 -6.87 13.97
C ILE A 622 -26.48 -6.38 15.38
N VAL A 623 -27.05 -7.07 16.37
CA VAL A 623 -26.92 -6.68 17.78
C VAL A 623 -25.47 -6.76 18.25
N GLU A 624 -24.74 -7.74 17.73
CA GLU A 624 -23.45 -8.12 18.26
C GLU A 624 -22.33 -7.10 17.99
N ARG A 625 -22.52 -6.26 16.99
CA ARG A 625 -21.57 -5.18 16.70
C ARG A 625 -21.84 -3.96 17.56
N GLY A 626 -22.82 -4.05 18.45
CA GLY A 626 -23.00 -3.05 19.47
C GLY A 626 -23.83 -1.88 19.01
N LYS A 627 -24.10 -1.00 19.96
CA LYS A 627 -25.01 0.11 19.77
C LYS A 627 -24.29 1.38 19.29
N GLY A 628 -24.94 2.10 18.38
CA GLY A 628 -24.44 3.36 17.83
C GLY A 628 -25.52 4.43 17.70
N PRO A 629 -25.16 5.63 17.23
CA PRO A 629 -26.07 6.75 17.08
C PRO A 629 -27.16 6.50 16.04
N GLU A 630 -26.94 5.58 15.12
CA GLU A 630 -27.97 5.17 14.17
C GLU A 630 -29.22 4.65 14.92
N GLY A 631 -29.01 4.19 16.15
CA GLY A 631 -30.09 3.66 16.95
C GLY A 631 -31.11 4.72 17.29
N TRP A 632 -30.73 5.99 17.30
CA TRP A 632 -31.73 7.04 17.44
C TRP A 632 -32.14 7.72 16.15
N SER A 633 -31.65 7.23 15.02
CA SER A 633 -32.07 7.79 13.73
C SER A 633 -33.59 7.71 13.52
N PRO A 634 -34.24 6.58 13.86
CA PRO A 634 -35.70 6.55 13.74
C PRO A 634 -36.44 7.58 14.60
N LEU A 635 -35.85 8.00 15.72
CA LEU A 635 -36.49 9.00 16.57
C LEU A 635 -36.37 10.36 15.92
N PHE A 636 -35.14 10.75 15.56
CA PHE A 636 -34.90 12.01 14.88
C PHE A 636 -35.80 12.14 13.66
N ASN A 637 -35.86 11.08 12.86
CA ASN A 637 -36.56 11.13 11.58
C ASN A 637 -38.08 10.89 11.70
N GLY A 638 -38.54 10.50 12.89
CA GLY A 638 -39.98 10.37 13.14
C GLY A 638 -40.59 9.04 12.75
N ALA A 639 -39.73 8.04 12.52
CA ALA A 639 -40.20 6.72 12.12
C ALA A 639 -40.64 5.84 13.28
N ALA A 640 -40.08 6.06 14.47
CA ALA A 640 -40.26 5.19 15.61
C ALA A 640 -41.69 5.27 16.13
N THR A 641 -42.18 4.15 16.64
CA THR A 641 -43.35 4.14 17.49
C THR A 641 -42.95 4.72 18.85
N GLN A 642 -43.95 5.13 19.64
CA GLN A 642 -43.67 5.69 20.97
C GLN A 642 -42.97 4.69 21.85
N ALA A 643 -43.41 3.44 21.79
CA ALA A 643 -42.82 2.40 22.64
C ALA A 643 -41.32 2.28 22.34
N ASN A 644 -40.98 2.17 21.06
CA ASN A 644 -39.58 2.00 20.68
C ASN A 644 -38.73 3.25 20.96
N ALA A 645 -39.32 4.43 20.88
CA ALA A 645 -38.63 5.67 21.22
C ALA A 645 -38.34 5.73 22.73
N ASP A 646 -39.35 5.40 23.54
CA ASP A 646 -39.18 5.31 25.00
C ASP A 646 -38.01 4.41 25.37
N ALA A 647 -37.94 3.25 24.75
CA ALA A 647 -36.86 2.29 24.98
C ALA A 647 -35.49 2.89 24.61
N VAL A 648 -35.40 3.45 23.41
CA VAL A 648 -34.17 4.08 22.94
C VAL A 648 -33.74 5.24 23.84
N VAL A 649 -34.69 6.06 24.29
CA VAL A 649 -34.33 7.20 25.14
C VAL A 649 -33.76 6.71 26.48
N LYS A 650 -34.23 5.57 26.99
CA LYS A 650 -33.67 4.99 28.20
C LYS A 650 -32.18 4.67 28.01
N VAL A 651 -31.84 4.13 26.84
CA VAL A 651 -30.45 3.77 26.57
C VAL A 651 -29.58 5.01 26.40
N MET A 652 -30.10 6.01 25.67
CA MET A 652 -29.36 7.25 25.45
C MET A 652 -28.94 7.90 26.78
N LEU A 653 -29.87 7.92 27.75
CA LEU A 653 -29.67 8.53 29.07
C LEU A 653 -28.91 7.66 30.08
N ASP A 654 -28.67 6.41 29.72
CA ASP A 654 -27.95 5.48 30.58
C ASP A 654 -26.46 5.82 30.56
N PRO A 655 -25.87 6.16 31.73
CA PRO A 655 -24.44 6.50 31.78
C PRO A 655 -23.49 5.36 31.40
N LYS A 656 -23.97 4.13 31.41
CA LYS A 656 -23.18 2.99 30.96
C LYS A 656 -23.27 2.81 29.44
N GLU A 657 -24.09 3.61 28.77
CA GLU A 657 -24.28 3.49 27.32
C GLU A 657 -23.84 4.76 26.60
N PHE A 658 -24.67 5.81 26.63
CA PHE A 658 -24.38 7.04 25.90
C PHE A 658 -24.32 8.30 26.77
N ASN A 659 -24.72 8.23 28.03
CA ASN A 659 -24.76 9.43 28.85
C ASN A 659 -23.43 9.66 29.53
N THR A 660 -22.44 9.94 28.67
CA THR A 660 -21.06 10.14 29.04
C THR A 660 -20.77 11.63 29.28
N PHE A 661 -19.55 11.91 29.72
CA PHE A 661 -19.10 13.26 30.06
C PHE A 661 -19.53 14.29 29.02
N VAL A 662 -19.23 14.00 27.76
CA VAL A 662 -19.96 14.60 26.63
C VAL A 662 -20.82 13.48 26.07
N PRO A 663 -22.16 13.61 26.18
CA PRO A 663 -23.04 12.49 25.85
C PRO A 663 -23.32 12.27 24.35
N LEU A 664 -23.88 11.11 24.04
CA LEU A 664 -24.39 10.74 22.69
C LEU A 664 -23.31 10.66 21.62
N GLY A 665 -22.24 9.92 21.91
CA GLY A 665 -21.17 9.66 20.94
C GLY A 665 -21.50 8.60 19.89
N THR A 666 -20.51 8.29 19.05
CA THR A 666 -20.73 7.47 17.87
C THR A 666 -20.59 5.97 18.14
N ALA A 667 -20.40 5.61 19.40
CA ALA A 667 -20.54 4.22 19.83
C ALA A 667 -20.80 4.19 21.34
N ALA A 668 -21.71 3.33 21.78
CA ALA A 668 -21.97 3.16 23.20
C ALA A 668 -20.70 2.69 23.89
N LEU A 669 -20.55 3.02 25.18
CA LEU A 669 -19.43 2.49 25.96
C LEU A 669 -19.38 0.96 25.89
N THR A 670 -20.55 0.33 25.72
CA THR A 670 -20.66 -1.13 25.66
C THR A 670 -20.33 -1.71 24.28
N ASN A 671 -20.15 -0.85 23.28
CA ASN A 671 -19.83 -1.33 21.95
C ASN A 671 -18.48 -2.06 22.00
N PRO A 672 -18.40 -3.26 21.40
CA PRO A 672 -17.13 -4.03 21.45
C PRO A 672 -15.95 -3.34 20.77
N ALA A 673 -16.23 -2.36 19.90
CA ALA A 673 -15.22 -1.65 19.14
C ALA A 673 -15.07 -0.20 19.61
N PHE A 674 -15.57 0.10 20.81
CA PHE A 674 -15.50 1.46 21.35
C PHE A 674 -14.07 1.94 21.53
N GLY A 675 -13.86 3.23 21.28
CA GLY A 675 -12.61 3.89 21.58
C GLY A 675 -12.94 5.36 21.66
N ALA A 676 -12.63 6.00 22.79
CA ALA A 676 -12.95 7.41 23.00
C ALA A 676 -12.27 8.35 22.00
N ASP A 677 -11.17 7.91 21.39
CA ASP A 677 -10.45 8.74 20.44
C ASP A 677 -10.68 8.30 18.99
N ILE A 678 -11.61 7.39 18.76
CA ILE A 678 -11.90 6.90 17.41
C ILE A 678 -13.02 7.73 16.80
N TYR A 679 -12.79 8.27 15.61
CA TYR A 679 -13.77 9.16 14.95
C TYR A 679 -15.23 8.66 14.98
N TRP A 680 -15.46 7.46 14.48
CA TRP A 680 -16.82 6.93 14.33
C TRP A 680 -17.12 5.75 15.23
N ARG A 681 -16.36 5.60 16.32
CA ARG A 681 -16.57 4.54 17.31
C ARG A 681 -16.47 5.04 18.74
N GLY A 682 -16.83 6.30 18.98
CA GLY A 682 -16.75 6.86 20.32
C GLY A 682 -16.91 8.35 20.32
N ARG A 683 -16.15 9.01 19.44
CA ARG A 683 -16.17 10.47 19.37
C ARG A 683 -17.59 11.03 19.20
N VAL A 684 -17.83 12.16 19.83
CA VAL A 684 -19.13 12.84 19.75
C VAL A 684 -19.07 13.88 18.64
N TRP A 685 -19.98 13.77 17.67
CA TRP A 685 -20.16 14.77 16.63
C TRP A 685 -21.43 15.57 16.90
N VAL A 686 -21.42 16.85 16.55
CA VAL A 686 -22.51 17.74 16.94
C VAL A 686 -23.78 17.42 16.17
N ASP A 687 -23.65 16.89 14.95
CA ASP A 687 -24.83 16.47 14.19
C ASP A 687 -25.55 15.28 14.83
N GLN A 688 -24.83 14.19 15.08
CA GLN A 688 -25.43 13.01 15.67
C GLN A 688 -25.98 13.34 17.06
N PHE A 689 -25.28 14.21 17.79
CA PHE A 689 -25.71 14.68 19.11
C PHE A 689 -27.05 15.40 19.02
N TRP A 690 -27.13 16.37 18.10
CA TRP A 690 -28.34 17.16 17.89
C TRP A 690 -29.52 16.35 17.36
N PHE A 691 -29.25 15.41 16.45
CA PHE A 691 -30.25 14.44 16.00
C PHE A 691 -30.84 13.69 17.18
N GLY A 692 -29.97 13.32 18.13
CA GLY A 692 -30.38 12.66 19.37
C GLY A 692 -31.32 13.52 20.18
N LEU A 693 -30.91 14.75 20.45
CA LEU A 693 -31.73 15.72 21.17
C LEU A 693 -33.10 15.98 20.49
N LYS A 694 -33.09 16.17 19.17
CA LYS A 694 -34.33 16.37 18.41
C LYS A 694 -35.21 15.13 18.47
N GLY A 695 -34.61 13.96 18.31
CA GLY A 695 -35.32 12.70 18.42
C GLY A 695 -36.01 12.54 19.77
N MET A 696 -35.29 12.87 20.85
CA MET A 696 -35.85 12.83 22.21
C MET A 696 -37.05 13.77 22.33
N GLU A 697 -36.86 15.01 21.89
CA GLU A 697 -37.91 16.02 21.90
C GLU A 697 -39.18 15.56 21.20
N ARG A 698 -39.01 15.04 19.99
CA ARG A 698 -40.14 14.58 19.19
C ARG A 698 -41.04 13.57 19.91
N TYR A 699 -40.45 12.76 20.78
CA TYR A 699 -41.21 11.72 21.49
C TYR A 699 -41.46 12.07 22.96
N GLY A 700 -41.43 13.37 23.28
CA GLY A 700 -41.86 13.90 24.57
C GLY A 700 -40.80 14.08 25.64
N TYR A 701 -39.51 14.04 25.26
CA TYR A 701 -38.42 14.12 26.24
C TYR A 701 -37.58 15.40 26.08
N ARG A 702 -38.21 16.53 25.78
CA ARG A 702 -37.51 17.79 25.68
C ARG A 702 -36.76 18.14 26.98
N ASP A 703 -37.39 17.88 28.13
CA ASP A 703 -36.76 18.16 29.43
C ASP A 703 -35.42 17.46 29.59
N ASP A 704 -35.39 16.17 29.29
CA ASP A 704 -34.12 15.42 29.33
C ASP A 704 -33.13 15.86 28.25
N ALA A 705 -33.66 16.26 27.10
CA ALA A 705 -32.83 16.77 26.01
C ALA A 705 -32.17 18.08 26.41
N LEU A 706 -32.92 18.97 27.07
CA LEU A 706 -32.36 20.24 27.57
C LEU A 706 -31.23 20.00 28.60
N LYS A 707 -31.37 18.97 29.42
CA LYS A 707 -30.34 18.59 30.39
C LYS A 707 -29.06 18.15 29.68
N LEU A 708 -29.19 17.29 28.68
CA LEU A 708 -28.02 16.86 27.89
C LEU A 708 -27.33 18.04 27.21
N ALA A 709 -28.12 18.98 26.69
CA ALA A 709 -27.58 20.20 26.08
C ALA A 709 -26.78 21.01 27.10
N ASP A 710 -27.30 21.13 28.33
CA ASP A 710 -26.54 21.77 29.39
C ASP A 710 -25.23 21.03 29.67
N THR A 711 -25.29 19.71 29.75
CA THR A 711 -24.10 18.91 29.96
C THR A 711 -23.08 19.15 28.85
N PHE A 712 -23.53 19.15 27.60
CA PHE A 712 -22.68 19.46 26.44
C PHE A 712 -22.08 20.84 26.59
N PHE A 713 -22.92 21.83 26.90
CA PHE A 713 -22.42 23.19 27.04
C PHE A 713 -21.34 23.34 28.10
N ARG A 714 -21.48 22.61 29.21
CA ARG A 714 -20.50 22.72 30.31
C ARG A 714 -19.23 21.87 30.08
N HIS A 715 -19.35 20.79 29.31
CA HIS A 715 -18.26 19.81 29.19
C HIS A 715 -17.49 19.79 27.86
N ALA A 716 -18.09 20.26 26.77
CA ALA A 716 -17.38 20.27 25.47
C ALA A 716 -16.27 21.33 25.49
N LYS A 717 -15.01 20.90 25.35
CA LYS A 717 -13.87 21.79 25.49
C LYS A 717 -13.85 22.89 24.42
N GLY A 718 -13.48 24.11 24.83
CA GLY A 718 -13.26 25.24 23.90
C GLY A 718 -14.50 26.05 23.50
N LEU A 719 -15.66 25.58 23.91
CA LEU A 719 -16.92 26.16 23.46
C LEU A 719 -17.02 27.67 23.77
N THR A 720 -16.60 28.07 24.98
CA THR A 720 -16.69 29.47 25.38
C THR A 720 -15.37 30.21 25.18
N ALA A 721 -14.38 29.54 24.61
CA ALA A 721 -13.10 30.18 24.26
C ALA A 721 -13.15 30.74 22.82
N ASP A 722 -12.05 31.30 22.34
CA ASP A 722 -12.04 31.99 21.05
C ASP A 722 -11.37 31.17 19.94
N GLY A 723 -11.35 29.85 20.12
CA GLY A 723 -10.72 28.97 19.16
C GLY A 723 -11.70 28.65 18.04
N PRO A 724 -11.18 28.23 16.87
CA PRO A 724 -12.06 27.89 15.77
C PRO A 724 -12.84 26.61 16.05
N ILE A 725 -14.00 26.48 15.41
CA ILE A 725 -14.84 25.31 15.58
C ILE A 725 -14.25 24.10 14.89
N GLN A 726 -14.24 22.96 15.58
CA GLN A 726 -13.67 21.73 15.03
C GLN A 726 -14.72 20.65 14.87
N GLU A 727 -14.29 19.41 14.67
CA GLU A 727 -15.17 18.34 14.20
C GLU A 727 -15.81 17.46 15.26
N ASN A 728 -15.10 17.12 16.33
CA ASN A 728 -15.63 16.16 17.30
C ASN A 728 -14.96 16.23 18.66
N TYR A 729 -15.50 15.45 19.60
CA TYR A 729 -15.11 15.48 20.99
C TYR A 729 -14.92 14.08 21.54
N ASN A 730 -13.91 13.92 22.38
CA ASN A 730 -13.73 12.72 23.18
C ASN A 730 -14.90 12.67 24.19
N PRO A 731 -15.64 11.56 24.22
CA PRO A 731 -16.84 11.51 25.08
C PRO A 731 -16.53 11.44 26.58
N LEU A 732 -15.30 11.04 26.93
CA LEU A 732 -14.84 10.92 28.32
C LEU A 732 -14.18 12.19 28.84
N THR A 733 -13.42 12.87 27.98
CA THR A 733 -12.65 14.06 28.40
C THR A 733 -13.17 15.38 27.81
N GLY A 734 -13.93 15.30 26.72
CA GLY A 734 -14.44 16.49 26.00
C GLY A 734 -13.44 17.11 25.02
N ALA A 735 -12.27 16.50 24.87
CA ALA A 735 -11.21 17.07 24.03
C ALA A 735 -11.60 17.09 22.54
N GLN A 736 -11.27 18.18 21.87
CA GLN A 736 -11.61 18.45 20.47
C GLN A 736 -10.58 17.91 19.49
N GLN A 737 -11.06 17.45 18.34
CA GLN A 737 -10.18 17.09 17.22
C GLN A 737 -10.83 17.51 15.92
N GLY A 738 -10.01 17.58 14.86
CA GLY A 738 -10.50 17.84 13.50
C GLY A 738 -10.18 19.23 12.96
N ALA A 739 -10.66 19.48 11.76
CA ALA A 739 -10.34 20.71 11.03
C ALA A 739 -10.94 21.94 11.70
N PRO A 740 -10.15 23.03 11.78
CA PRO A 740 -10.67 24.31 12.28
C PRO A 740 -11.67 24.94 11.33
N ASN A 741 -12.62 25.70 11.89
CA ASN A 741 -13.64 26.39 11.11
C ASN A 741 -14.48 25.42 10.32
N PHE A 742 -15.02 24.44 11.03
CA PHE A 742 -15.72 23.32 10.42
C PHE A 742 -17.21 23.60 10.34
N SER A 743 -17.75 23.70 9.12
CA SER A 743 -19.13 24.15 8.88
C SER A 743 -20.16 23.27 9.55
N TRP A 744 -19.97 21.98 9.41
CA TRP A 744 -20.91 20.99 9.87
C TRP A 744 -21.18 21.15 11.38
N SER A 745 -20.11 21.25 12.18
CA SER A 745 -20.26 21.51 13.62
C SER A 745 -20.89 22.87 13.88
N ALA A 746 -20.45 23.88 13.15
CA ALA A 746 -20.99 25.24 13.32
C ALA A 746 -22.49 25.23 13.07
N ALA A 747 -22.91 24.49 12.05
CA ALA A 747 -24.33 24.37 11.72
C ALA A 747 -25.15 23.85 12.91
N HIS A 748 -24.68 22.77 13.51
CA HIS A 748 -25.41 22.13 14.59
C HIS A 748 -25.19 22.81 15.95
N LEU A 749 -24.10 23.57 16.11
CA LEU A 749 -23.94 24.41 17.29
C LEU A 749 -24.96 25.56 17.21
N TYR A 750 -25.16 26.11 16.02
CA TYR A 750 -26.20 27.10 15.82
C TYR A 750 -27.57 26.52 16.17
N MET A 751 -27.85 25.30 15.68
CA MET A 751 -29.13 24.67 15.92
C MET A 751 -29.35 24.42 17.43
N LEU A 752 -28.30 23.96 18.12
CA LEU A 752 -28.35 23.77 19.56
C LEU A 752 -28.68 25.07 20.30
N TYR A 753 -28.05 26.17 19.88
CA TYR A 753 -28.37 27.50 20.38
C TYR A 753 -29.84 27.85 20.23
N ASN A 754 -30.41 27.54 19.06
CA ASN A 754 -31.80 27.88 18.78
C ASN A 754 -32.79 26.96 19.50
N ASP A 755 -32.44 25.68 19.61
CA ASP A 755 -33.36 24.65 20.04
C ASP A 755 -33.22 24.21 21.52
N PHE A 756 -32.01 24.23 22.07
CA PHE A 756 -31.76 23.59 23.38
C PHE A 756 -30.91 24.32 24.40
N PHE A 757 -30.03 25.24 23.98
CA PHE A 757 -29.23 25.98 24.96
C PHE A 757 -30.11 26.98 25.67
N ARG A 758 -29.87 27.15 26.97
CA ARG A 758 -30.55 28.17 27.72
C ARG A 758 -29.87 28.47 29.05
N LYS A 759 -30.18 29.64 29.59
CA LYS A 759 -29.81 30.01 30.94
C LYS A 759 -30.35 28.98 31.90
N GLN A 760 -29.49 28.50 32.79
CA GLN A 760 -29.89 27.51 33.79
C GLN A 760 -30.54 28.20 34.98
N ASN B 1 34.27 -42.70 3.27
N ASN B 1 35.60 -40.37 2.18
CA ASN B 1 34.68 -41.25 3.20
CA ASN B 1 34.61 -41.18 2.95
C ASN B 1 33.67 -40.33 3.88
C ASN B 1 33.67 -40.31 3.80
N ALA B 2 32.39 -40.67 3.77
CA ALA B 2 31.33 -39.85 4.38
C ALA B 2 31.55 -39.64 5.88
N ASP B 3 32.07 -40.67 6.56
CA ASP B 3 32.27 -40.63 8.02
C ASP B 3 33.26 -39.54 8.46
N ASN B 4 34.10 -39.07 7.56
CA ASN B 4 35.05 -38.01 7.84
C ASN B 4 34.39 -36.64 8.00
N TYR B 5 33.10 -36.54 7.70
CA TYR B 5 32.42 -35.24 7.66
C TYR B 5 31.15 -35.27 8.49
N LYS B 6 31.31 -35.41 9.80
CA LYS B 6 30.20 -35.37 10.73
C LYS B 6 29.74 -33.95 11.00
N ASN B 7 28.42 -33.76 11.06
CA ASN B 7 27.82 -32.48 11.45
C ASN B 7 28.38 -31.26 10.73
N VAL B 8 28.53 -31.35 9.42
CA VAL B 8 29.00 -30.22 8.62
C VAL B 8 28.04 -29.02 8.74
N ILE B 9 26.73 -29.32 8.67
CA ILE B 9 25.68 -28.35 9.01
C ILE B 9 24.96 -28.82 10.27
N ASN B 10 24.64 -27.88 11.14
CA ASN B 10 23.80 -28.15 12.30
C ASN B 10 22.37 -28.54 11.87
N ARG B 11 22.06 -29.83 12.00
CA ARG B 11 20.77 -30.38 11.62
C ARG B 11 19.92 -30.79 12.84
N THR B 12 20.25 -30.25 14.01
CA THR B 12 19.47 -30.51 15.20
C THR B 12 18.30 -29.54 15.28
N GLY B 13 17.27 -29.92 16.03
CA GLY B 13 16.13 -29.05 16.25
C GLY B 13 14.90 -29.78 16.75
N ALA B 14 14.03 -29.04 17.43
CA ALA B 14 12.80 -29.61 17.94
C ALA B 14 11.72 -28.55 17.71
N PRO B 15 11.20 -28.48 16.46
CA PRO B 15 10.29 -27.40 16.14
C PRO B 15 8.95 -27.56 16.83
N GLN B 16 8.29 -26.44 17.13
CA GLN B 16 6.98 -26.45 17.79
C GLN B 16 5.89 -25.70 17.02
N TYR B 17 6.24 -25.23 15.82
CA TYR B 17 5.33 -24.47 14.98
C TYR B 17 5.42 -25.02 13.57
N MET B 18 4.31 -25.01 12.84
CA MET B 18 4.34 -25.36 11.43
C MET B 18 5.32 -24.43 10.71
N LYS B 19 5.21 -23.15 11.02
CA LYS B 19 6.12 -22.14 10.52
C LYS B 19 7.07 -21.73 11.64
N ASP B 20 8.15 -22.49 11.81
CA ASP B 20 9.08 -22.23 12.88
C ASP B 20 10.20 -21.43 12.25
N TYR B 21 9.91 -20.14 12.07
CA TYR B 21 10.69 -19.30 11.17
C TYR B 21 11.85 -18.56 11.80
N ASP B 22 12.86 -18.25 10.97
CA ASP B 22 13.91 -17.31 11.37
C ASP B 22 13.42 -15.88 11.10
N TYR B 23 14.29 -14.89 11.31
CA TYR B 23 13.92 -13.46 11.16
C TYR B 23 13.38 -13.09 9.79
N ASP B 24 13.79 -13.83 8.76
CA ASP B 24 13.36 -13.59 7.38
C ASP B 24 12.33 -14.61 6.85
N ASP B 25 11.65 -15.31 7.75
CA ASP B 25 10.56 -16.24 7.43
C ASP B 25 10.96 -17.58 6.81
N HIS B 26 12.24 -17.93 6.93
CA HIS B 26 12.73 -19.23 6.48
C HIS B 26 12.69 -20.18 7.66
N GLN B 27 12.51 -21.47 7.39
CA GLN B 27 12.48 -22.45 8.48
C GLN B 27 13.84 -22.42 9.16
N ARG B 28 13.84 -22.34 10.49
CA ARG B 28 15.09 -22.06 11.22
C ARG B 28 15.90 -23.30 11.60
N PHE B 29 15.50 -24.45 11.09
CA PHE B 29 16.24 -25.69 11.27
C PHE B 29 16.57 -26.25 9.90
N ASN B 30 17.52 -27.18 9.85
CA ASN B 30 18.08 -27.64 8.58
C ASN B 30 17.90 -29.15 8.35
N PRO B 31 16.68 -29.56 7.94
CA PRO B 31 16.44 -31.00 7.88
C PRO B 31 17.18 -31.67 6.72
N PHE B 32 17.42 -32.96 6.88
CA PHE B 32 18.05 -33.80 5.87
C PHE B 32 17.02 -34.25 4.83
N PHE B 33 17.26 -33.86 3.57
CA PHE B 33 16.49 -34.33 2.42
C PHE B 33 17.47 -35.02 1.44
N ASP B 34 17.03 -36.04 0.72
CA ASP B 34 17.88 -36.71 -0.27
C ASP B 34 17.03 -37.38 -1.33
N LEU B 35 17.66 -37.71 -2.45
CA LEU B 35 17.05 -38.48 -3.53
C LEU B 35 15.90 -37.72 -4.22
N GLY B 36 15.87 -36.40 -4.04
CA GLY B 36 14.78 -35.59 -4.55
C GLY B 36 13.47 -35.75 -3.78
N ALA B 37 13.55 -36.29 -2.57
CA ALA B 37 12.34 -36.56 -1.77
C ALA B 37 11.63 -35.31 -1.31
N TRP B 38 10.36 -35.47 -0.93
CA TRP B 38 9.50 -34.35 -0.55
C TRP B 38 9.22 -34.30 0.96
N HIS B 39 10.14 -34.87 1.73
CA HIS B 39 10.13 -34.75 3.18
C HIS B 39 11.54 -34.88 3.71
N GLY B 40 11.76 -34.30 4.89
CA GLY B 40 13.06 -34.28 5.51
C GLY B 40 12.99 -34.43 7.02
N HIS B 41 14.15 -34.70 7.63
CA HIS B 41 14.23 -35.07 9.04
C HIS B 41 15.33 -34.30 9.74
N LEU B 42 15.16 -34.08 11.04
CA LEU B 42 16.16 -33.44 11.87
C LEU B 42 16.78 -34.44 12.84
N LEU B 43 17.93 -34.07 13.37
CA LEU B 43 18.56 -34.83 14.43
C LEU B 43 18.00 -34.43 15.78
N PRO B 44 17.96 -35.38 16.73
CA PRO B 44 17.57 -35.05 18.10
C PRO B 44 18.61 -34.19 18.78
N ASP B 45 18.16 -33.25 19.62
CA ASP B 45 19.04 -32.28 20.30
C ASP B 45 19.02 -32.38 21.83
N GLY B 46 18.60 -33.52 22.38
CA GLY B 46 18.52 -33.69 23.84
C GLY B 46 17.53 -34.77 24.26
N PRO B 47 17.45 -35.05 25.57
CA PRO B 47 16.58 -36.13 26.09
C PRO B 47 15.10 -36.05 25.72
N ASN B 48 14.59 -34.89 25.32
CA ASN B 48 13.19 -34.80 24.91
C ASN B 48 12.91 -35.31 23.48
N THR B 49 13.95 -35.37 22.65
CA THR B 49 13.81 -35.85 21.28
C THR B 49 14.56 -37.15 21.03
N MET B 50 15.49 -37.48 21.92
CA MET B 50 16.22 -38.74 21.92
C MET B 50 15.33 -39.95 21.63
N GLY B 51 15.80 -40.85 20.75
CA GLY B 51 15.05 -42.03 20.32
C GLY B 51 14.32 -41.86 19.00
N GLY B 52 14.32 -40.63 18.47
CA GLY B 52 13.70 -40.36 17.19
C GLY B 52 14.38 -39.22 16.45
N PHE B 53 13.99 -39.07 15.20
CA PHE B 53 14.46 -37.99 14.37
C PHE B 53 13.33 -36.97 14.26
N PRO B 54 13.35 -35.93 15.11
CA PRO B 54 12.21 -35.04 15.16
C PRO B 54 12.10 -34.11 13.95
N GLY B 55 11.02 -33.34 13.92
CA GLY B 55 10.86 -32.29 12.93
C GLY B 55 10.59 -32.82 11.54
N VAL B 56 9.54 -33.62 11.40
CA VAL B 56 9.10 -34.06 10.09
C VAL B 56 8.78 -32.82 9.27
N ALA B 57 9.58 -32.57 8.24
CA ALA B 57 9.36 -31.40 7.37
C ALA B 57 8.72 -31.88 6.07
N LEU B 58 7.51 -31.40 5.79
CA LEU B 58 6.79 -31.75 4.58
C LEU B 58 6.90 -30.65 3.54
N LEU B 59 7.29 -31.02 2.33
CA LEU B 59 7.29 -30.07 1.23
C LEU B 59 5.91 -30.17 0.61
N THR B 60 5.04 -29.24 0.98
CA THR B 60 3.66 -29.24 0.51
C THR B 60 3.55 -28.47 -0.80
N GLU B 61 3.98 -29.14 -1.87
CA GLU B 61 3.99 -28.69 -3.27
C GLU B 61 4.93 -27.51 -3.58
N GLU B 62 4.77 -26.41 -2.86
CA GLU B 62 5.58 -25.20 -3.10
C GLU B 62 6.14 -24.60 -1.80
N TYR B 63 5.88 -25.21 -0.64
CA TYR B 63 6.36 -24.70 0.66
C TYR B 63 6.82 -25.80 1.58
N ILE B 64 7.68 -25.41 2.52
CA ILE B 64 8.13 -26.29 3.61
C ILE B 64 7.35 -25.97 4.88
N ASN B 65 6.74 -27.02 5.44
CA ASN B 65 5.94 -26.94 6.65
C ASN B 65 6.24 -28.12 7.54
N PHE B 66 6.46 -27.85 8.83
CA PHE B 66 6.71 -28.91 9.80
C PHE B 66 5.39 -29.58 10.17
N MET B 67 5.43 -30.90 10.33
CA MET B 67 4.27 -31.71 10.69
C MET B 67 4.20 -32.03 12.18
N ALA B 68 5.37 -32.22 12.80
CA ALA B 68 5.48 -32.78 14.13
C ALA B 68 6.88 -32.54 14.67
N SER B 69 7.00 -32.52 15.99
CA SER B 69 8.29 -32.53 16.65
C SER B 69 8.71 -34.00 16.86
N ASN B 70 8.25 -34.62 17.94
CA ASN B 70 8.45 -36.06 18.10
C ASN B 70 7.44 -36.77 17.22
N PHE B 71 7.94 -37.70 16.41
CA PHE B 71 7.11 -38.56 15.60
C PHE B 71 7.83 -39.88 15.31
N ASP B 72 7.30 -40.94 15.91
CA ASP B 72 7.91 -42.27 15.89
C ASP B 72 9.18 -42.32 16.74
N ARG B 73 9.16 -41.60 17.87
CA ARG B 73 10.28 -41.60 18.81
C ARG B 73 10.26 -42.90 19.62
N LEU B 74 11.38 -43.62 19.65
CA LEU B 74 11.47 -44.87 20.39
C LEU B 74 11.83 -44.65 21.86
N THR B 75 11.10 -45.33 22.74
CA THR B 75 11.56 -45.56 24.12
C THR B 75 11.54 -47.07 24.35
N VAL B 76 12.47 -47.53 25.18
CA VAL B 76 12.64 -48.95 25.44
C VAL B 76 12.40 -49.20 26.93
N TRP B 77 11.77 -50.34 27.22
CA TRP B 77 11.39 -50.70 28.59
C TRP B 77 11.85 -52.13 28.90
N GLN B 78 12.52 -52.27 30.06
CA GLN B 78 12.99 -53.55 30.55
C GLN B 78 12.45 -53.73 31.95
N ASP B 79 11.65 -54.77 32.16
CA ASP B 79 11.12 -55.12 33.49
C ASP B 79 10.19 -54.02 34.01
N GLY B 80 9.39 -53.45 33.11
CA GLY B 80 8.44 -52.39 33.46
C GLY B 80 9.06 -51.02 33.72
N LYS B 81 10.37 -50.89 33.52
CA LYS B 81 11.10 -49.66 33.82
C LYS B 81 11.77 -49.14 32.56
N LYS B 82 11.65 -47.82 32.32
CA LYS B 82 12.26 -47.18 31.14
C LYS B 82 13.77 -47.26 31.24
N VAL B 83 14.39 -47.73 30.16
CA VAL B 83 15.84 -47.77 30.06
C VAL B 83 16.35 -46.36 29.86
N ASP B 84 17.41 -46.02 30.58
CA ASP B 84 17.94 -44.66 30.61
C ASP B 84 19.19 -44.58 29.74
N PHE B 85 19.08 -43.90 28.59
CA PHE B 85 20.16 -43.82 27.60
C PHE B 85 20.85 -42.47 27.62
N THR B 86 22.13 -42.43 27.24
CA THR B 86 22.78 -41.20 26.80
C THR B 86 22.88 -41.20 25.27
N LEU B 87 22.95 -40.00 24.69
CA LEU B 87 22.77 -39.81 23.25
C LEU B 87 24.04 -39.33 22.57
N GLU B 88 24.38 -39.98 21.45
CA GLU B 88 25.31 -39.41 20.47
C GLU B 88 24.55 -39.31 19.15
N ALA B 89 24.43 -38.11 18.60
CA ALA B 89 23.73 -37.92 17.32
C ALA B 89 24.57 -37.08 16.34
N TYR B 90 24.55 -37.46 15.07
CA TYR B 90 25.30 -36.72 14.05
C TYR B 90 24.81 -37.00 12.62
N SER B 91 25.00 -36.02 11.74
CA SER B 91 24.78 -36.19 10.32
C SER B 91 26.09 -36.59 9.66
N ILE B 92 25.96 -37.30 8.53
CA ILE B 92 27.07 -37.43 7.58
C ILE B 92 26.47 -37.10 6.22
N PRO B 93 27.32 -36.81 5.22
CA PRO B 93 26.73 -36.66 3.91
C PRO B 93 25.93 -37.89 3.54
N GLY B 94 24.62 -37.70 3.36
CA GLY B 94 23.73 -38.75 2.94
C GLY B 94 23.04 -39.53 4.04
N ALA B 95 23.29 -39.20 5.31
CA ALA B 95 22.66 -39.94 6.41
C ALA B 95 22.57 -39.18 7.72
N LEU B 96 21.55 -39.53 8.50
CA LEU B 96 21.48 -39.10 9.89
C LEU B 96 21.67 -40.31 10.78
N VAL B 97 22.39 -40.14 11.89
CA VAL B 97 22.72 -41.25 12.78
C VAL B 97 22.52 -40.85 14.23
N GLN B 98 22.02 -41.78 15.03
CA GLN B 98 22.04 -41.60 16.48
C GLN B 98 22.25 -42.92 17.16
N LYS B 99 22.98 -42.87 18.26
CA LYS B 99 23.28 -44.04 19.04
C LYS B 99 22.82 -43.78 20.48
N LEU B 100 22.10 -44.74 21.03
CA LEU B 100 21.61 -44.67 22.39
C LEU B 100 22.38 -45.69 23.22
N THR B 101 23.01 -45.23 24.30
CA THR B 101 23.86 -46.08 25.13
C THR B 101 23.34 -46.22 26.56
N ALA B 102 23.24 -47.46 27.01
CA ALA B 102 22.89 -47.82 28.38
C ALA B 102 23.63 -49.12 28.69
N LYS B 103 23.64 -49.51 29.97
CA LYS B 103 24.51 -50.62 30.39
C LYS B 103 24.35 -51.89 29.54
N ASP B 104 23.14 -52.42 29.52
CA ASP B 104 22.86 -53.73 28.91
C ASP B 104 22.12 -53.62 27.57
N VAL B 105 21.79 -52.39 27.17
CA VAL B 105 21.03 -52.12 25.95
C VAL B 105 21.70 -50.98 25.16
N GLN B 106 21.96 -51.23 23.88
CA GLN B 106 22.37 -50.17 22.96
C GLN B 106 21.42 -50.14 21.78
N VAL B 107 21.24 -48.97 21.18
CA VAL B 107 20.48 -48.84 19.94
C VAL B 107 21.27 -47.99 18.96
N GLU B 108 21.36 -48.44 17.72
CA GLU B 108 21.99 -47.67 16.65
C GLU B 108 20.98 -47.45 15.54
N MET B 109 20.63 -46.18 15.31
CA MET B 109 19.64 -45.81 14.29
C MET B 109 20.33 -45.06 13.14
N THR B 110 20.08 -45.53 11.92
CA THR B 110 20.60 -44.92 10.71
C THR B 110 19.43 -44.63 9.77
N LEU B 111 19.33 -43.37 9.33
CA LEU B 111 18.26 -42.93 8.46
C LEU B 111 18.86 -42.45 7.13
N ARG B 112 18.44 -43.06 6.02
CA ARG B 112 18.87 -42.67 4.68
C ARG B 112 17.63 -42.63 3.81
N PHE B 113 17.77 -42.09 2.60
CA PHE B 113 16.65 -42.09 1.66
C PHE B 113 16.73 -43.26 0.71
N ALA B 114 15.56 -43.80 0.38
CA ALA B 114 15.42 -45.04 -0.39
C ALA B 114 14.78 -44.82 -1.76
N THR B 115 13.83 -43.89 -1.84
CA THR B 115 13.18 -43.51 -3.11
C THR B 115 12.92 -42.00 -3.10
N PRO B 116 12.41 -41.44 -4.22
CA PRO B 116 12.05 -40.01 -4.22
C PRO B 116 10.86 -39.65 -3.33
N ARG B 117 10.27 -40.64 -2.64
CA ARG B 117 9.18 -40.33 -1.70
C ARG B 117 9.33 -40.96 -0.33
N THR B 118 10.39 -41.73 -0.10
CA THR B 118 10.49 -42.57 1.08
C THR B 118 11.87 -42.57 1.68
N SER B 119 11.96 -42.37 2.99
CA SER B 119 13.19 -42.59 3.74
C SER B 119 13.11 -43.90 4.52
N LEU B 120 14.28 -44.42 4.88
CA LEU B 120 14.43 -45.74 5.51
C LEU B 120 15.26 -45.58 6.77
N LEU B 121 14.72 -46.08 7.88
CA LEU B 121 15.38 -46.06 9.17
C LEU B 121 15.69 -47.48 9.59
N GLU B 122 16.95 -47.75 9.91
CA GLU B 122 17.39 -49.03 10.43
C GLU B 122 17.54 -48.81 11.91
N THR B 123 16.85 -49.61 12.71
CA THR B 123 16.91 -49.52 14.16
C THR B 123 17.52 -50.80 14.67
N LYS B 124 18.82 -50.72 14.98
CA LYS B 124 19.62 -51.85 15.44
C LYS B 124 19.61 -51.77 16.96
N ILE B 125 19.00 -52.75 17.59
CA ILE B 125 18.91 -52.83 19.04
C ILE B 125 19.77 -54.00 19.52
N THR B 126 20.67 -53.73 20.45
CA THR B 126 21.52 -54.75 21.05
C THR B 126 21.10 -54.93 22.51
N SER B 127 20.71 -56.15 22.88
CA SER B 127 20.25 -56.47 24.23
C SER B 127 20.42 -57.94 24.58
N ASN B 128 20.59 -58.20 25.89
CA ASN B 128 20.64 -59.55 26.45
C ASN B 128 19.28 -60.05 26.97
N LYS B 129 18.34 -59.14 27.22
CA LYS B 129 17.01 -59.53 27.67
C LYS B 129 15.93 -59.16 26.66
N PRO B 130 14.73 -59.77 26.80
CA PRO B 130 13.58 -59.28 26.05
C PRO B 130 13.24 -57.84 26.43
N LEU B 131 12.84 -57.05 25.46
CA LEU B 131 12.50 -55.66 25.72
C LEU B 131 11.12 -55.37 25.19
N ASP B 132 10.50 -54.35 25.76
CA ASP B 132 9.28 -53.80 25.21
C ASP B 132 9.61 -52.47 24.54
N LEU B 133 9.15 -52.32 23.30
CA LEU B 133 9.39 -51.13 22.51
C LEU B 133 8.14 -50.27 22.47
N VAL B 134 8.31 -48.97 22.69
CA VAL B 134 7.23 -48.01 22.56
C VAL B 134 7.67 -46.86 21.66
N TRP B 135 6.90 -46.63 20.60
CA TRP B 135 7.07 -45.47 19.73
C TRP B 135 5.93 -44.51 19.95
N ASP B 136 6.24 -43.22 20.05
CA ASP B 136 5.20 -42.20 20.18
C ASP B 136 5.42 -41.03 19.23
N GLY B 137 4.38 -40.21 19.12
CA GLY B 137 4.43 -39.01 18.32
C GLY B 137 3.20 -38.16 18.52
N GLU B 138 3.30 -36.93 18.04
CA GLU B 138 2.24 -35.96 18.21
C GLU B 138 2.36 -34.91 17.12
N LEU B 139 1.25 -34.65 16.41
CA LEU B 139 1.25 -33.62 15.40
C LEU B 139 1.37 -32.26 16.07
N LEU B 140 1.97 -31.29 15.38
CA LEU B 140 2.07 -29.93 15.89
C LEU B 140 0.70 -29.28 15.97
N GLU B 141 0.60 -28.26 16.81
CA GLU B 141 -0.64 -27.52 17.01
C GLU B 141 -0.49 -26.03 16.65
N LYS B 142 0.64 -25.41 17.01
CA LYS B 142 0.84 -23.97 16.84
C LYS B 142 1.30 -23.59 15.44
N LEU B 143 0.80 -22.45 14.94
CA LEU B 143 0.99 -22.09 13.53
C LEU B 143 2.36 -21.47 13.23
N GLU B 144 2.73 -20.45 13.98
CA GLU B 144 3.82 -19.57 13.57
C GLU B 144 4.59 -18.97 14.73
N ALA B 145 5.92 -18.95 14.58
CA ALA B 145 6.82 -18.23 15.48
C ALA B 145 7.96 -17.62 14.66
N LYS B 146 8.64 -16.64 15.25
CA LYS B 146 9.79 -15.99 14.63
C LYS B 146 10.92 -16.05 15.64
N GLU B 147 12.03 -16.66 15.22
CA GLU B 147 13.19 -16.99 16.08
CA GLU B 147 13.17 -16.88 16.12
C GLU B 147 12.74 -17.56 17.43
N GLY B 148 11.72 -18.41 17.40
CA GLY B 148 11.26 -19.13 18.58
C GLY B 148 10.19 -18.46 19.43
N LYS B 149 9.86 -17.20 19.16
CA LYS B 149 8.76 -16.53 19.86
C LYS B 149 7.52 -16.51 18.97
N PRO B 150 6.36 -16.88 19.53
CA PRO B 150 5.18 -16.99 18.70
C PRO B 150 4.75 -15.64 18.15
N LEU B 151 4.36 -15.60 16.88
CA LEU B 151 3.86 -14.36 16.28
C LEU B 151 2.41 -14.14 16.69
N SER B 152 1.72 -15.23 17.00
CA SER B 152 0.31 -15.18 17.34
C SER B 152 -0.05 -16.46 18.07
N ASP B 153 -1.28 -16.52 18.55
CA ASP B 153 -1.77 -17.73 19.17
C ASP B 153 -2.59 -18.57 18.17
N LYS B 154 -2.49 -18.24 16.88
CA LYS B 154 -3.17 -19.02 15.85
C LYS B 154 -2.71 -20.48 15.89
N THR B 155 -3.66 -21.39 15.73
CA THR B 155 -3.38 -22.82 15.63
C THR B 155 -3.40 -23.19 14.15
N ILE B 156 -2.84 -24.37 13.85
CA ILE B 156 -2.82 -24.88 12.47
C ILE B 156 -4.25 -25.21 12.03
N ALA B 157 -4.98 -25.95 12.85
CA ALA B 157 -6.36 -26.35 12.55
C ALA B 157 -7.30 -25.13 12.43
N GLY B 158 -7.09 -24.13 13.29
CA GLY B 158 -7.83 -22.86 13.19
C GLY B 158 -7.54 -22.10 11.91
N GLU B 159 -6.26 -21.94 11.59
CA GLU B 159 -5.88 -21.24 10.37
C GLU B 159 -6.34 -21.98 9.10
N TYR B 160 -6.32 -23.31 9.12
CA TYR B 160 -6.67 -24.13 7.97
C TYR B 160 -7.72 -25.20 8.34
N PRO B 161 -9.00 -24.79 8.45
CA PRO B 161 -10.09 -25.70 8.86
C PRO B 161 -10.22 -26.98 8.03
N ASP B 162 -9.95 -26.89 6.74
CA ASP B 162 -10.05 -28.05 5.87
C ASP B 162 -8.83 -28.98 5.88
N TYR B 163 -7.75 -28.60 6.56
CA TYR B 163 -6.53 -29.42 6.60
C TYR B 163 -6.83 -30.77 7.26
N GLN B 164 -7.53 -30.72 8.40
CA GLN B 164 -8.11 -31.91 9.03
C GLN B 164 -7.19 -33.10 9.06
N ARG B 165 -6.06 -32.93 9.73
CA ARG B 165 -5.08 -33.98 9.84
C ARG B 165 -5.67 -35.12 10.62
N LYS B 166 -5.27 -36.35 10.30
CA LYS B 166 -5.76 -37.51 11.03
C LYS B 166 -4.80 -38.68 10.98
N ILE B 167 -4.44 -39.18 12.15
CA ILE B 167 -3.56 -40.33 12.30
C ILE B 167 -4.43 -41.58 12.48
N SER B 168 -4.21 -42.58 11.61
CA SER B 168 -4.90 -43.86 11.74
C SER B 168 -3.88 -44.96 11.86
N ALA B 169 -4.20 -45.95 12.68
CA ALA B 169 -3.41 -47.16 12.79
C ALA B 169 -3.46 -47.97 11.50
N THR B 170 -2.38 -48.69 11.22
CA THR B 170 -2.36 -49.71 10.16
C THR B 170 -1.65 -50.94 10.75
N ARG B 171 -1.76 -52.08 10.09
CA ARG B 171 -1.17 -53.32 10.62
C ARG B 171 0.33 -53.18 10.87
N ASP B 172 1.01 -52.53 9.93
CA ASP B 172 2.47 -52.39 9.97
C ASP B 172 2.95 -51.01 10.42
N GLY B 173 2.06 -50.20 10.97
CA GLY B 173 2.44 -48.87 11.45
C GLY B 173 1.27 -47.90 11.54
N LEU B 174 1.43 -46.73 10.92
CA LEU B 174 0.38 -45.73 10.91
C LEU B 174 0.46 -44.85 9.68
N LYS B 175 -0.53 -43.98 9.51
CA LYS B 175 -0.51 -42.96 8.48
C LYS B 175 -1.19 -41.70 8.99
N VAL B 176 -0.75 -40.55 8.47
CA VAL B 176 -1.47 -39.29 8.64
C VAL B 176 -2.06 -38.90 7.29
N THR B 177 -3.35 -38.58 7.27
CA THR B 177 -3.99 -38.11 6.06
C THR B 177 -4.26 -36.61 6.19
N PHE B 178 -4.32 -35.94 5.05
CA PHE B 178 -4.45 -34.49 5.01
C PHE B 178 -5.51 -34.10 4.00
N GLY B 179 -6.42 -33.23 4.41
CA GLY B 179 -7.43 -32.66 3.53
C GLY B 179 -6.86 -31.63 2.56
N LYS B 180 -7.67 -31.29 1.56
CA LYS B 180 -7.29 -30.35 0.51
C LYS B 180 -7.25 -28.92 1.04
N VAL B 181 -6.09 -28.29 0.91
CA VAL B 181 -5.91 -26.89 1.24
C VAL B 181 -5.22 -26.22 0.05
N ARG B 182 -5.79 -25.12 -0.43
CA ARG B 182 -5.25 -24.40 -1.58
C ARG B 182 -4.81 -23.01 -1.16
N ALA B 183 -3.98 -22.95 -0.11
CA ALA B 183 -3.49 -21.69 0.43
C ALA B 183 -2.25 -21.28 -0.35
N THR B 184 -2.50 -20.53 -1.43
CA THR B 184 -1.52 -20.11 -2.44
C THR B 184 -0.12 -19.76 -1.95
N TRP B 185 -0.04 -19.07 -0.82
CA TRP B 185 1.20 -18.52 -0.30
C TRP B 185 1.74 -19.27 0.92
N ASP B 186 1.06 -20.33 1.35
CA ASP B 186 1.37 -20.98 2.62
C ASP B 186 1.37 -22.51 2.64
N LEU B 187 0.35 -23.12 2.03
CA LEU B 187 0.09 -24.53 2.22
C LEU B 187 -0.76 -25.05 1.09
N LEU B 188 -0.23 -26.05 0.39
CA LEU B 188 -0.86 -26.56 -0.80
C LEU B 188 -0.86 -28.08 -0.71
N THR B 189 -2.05 -28.65 -0.58
CA THR B 189 -2.23 -30.10 -0.55
C THR B 189 -3.34 -30.51 -1.52
N SER B 190 -3.27 -31.73 -2.03
CA SER B 190 -4.21 -32.23 -3.02
C SER B 190 -5.52 -32.72 -2.39
N GLY B 191 -5.49 -33.05 -1.11
CA GLY B 191 -6.57 -33.77 -0.47
C GLY B 191 -6.37 -35.29 -0.50
N GLU B 192 -5.31 -35.75 -1.20
CA GLU B 192 -4.97 -37.17 -1.28
C GLU B 192 -3.59 -37.45 -0.66
N SER B 193 -2.95 -36.43 -0.11
CA SER B 193 -1.59 -36.57 0.39
C SER B 193 -1.57 -37.30 1.74
N GLU B 194 -0.50 -38.05 1.95
CA GLU B 194 -0.34 -38.85 3.16
C GLU B 194 1.11 -38.90 3.62
N TYR B 195 1.27 -39.10 4.92
CA TYR B 195 2.56 -39.43 5.51
C TYR B 195 2.43 -40.80 6.13
N GLN B 196 3.06 -41.80 5.51
CA GLN B 196 2.94 -43.18 5.94
C GLN B 196 4.18 -43.68 6.68
N VAL B 197 3.93 -44.45 7.74
CA VAL B 197 4.95 -45.14 8.50
C VAL B 197 4.69 -46.64 8.38
N HIS B 198 5.65 -47.39 7.82
CA HIS B 198 5.56 -48.85 7.67
C HIS B 198 6.77 -49.48 8.34
N LYS B 199 6.58 -50.62 9.01
CA LYS B 199 7.67 -51.30 9.68
C LYS B 199 7.73 -52.79 9.34
N SER B 200 8.89 -53.37 9.62
CA SER B 200 9.22 -54.77 9.32
C SER B 200 8.69 -55.75 10.37
N LEU B 201 8.01 -55.23 11.38
CA LEU B 201 7.29 -56.05 12.34
C LEU B 201 5.90 -55.46 12.56
N PRO B 202 4.93 -56.29 12.97
CA PRO B 202 3.63 -55.70 13.33
C PRO B 202 3.72 -54.92 14.64
N VAL B 203 2.91 -53.86 14.76
CA VAL B 203 2.85 -53.04 15.96
C VAL B 203 1.39 -52.72 16.28
N GLN B 204 1.07 -52.67 17.57
CA GLN B 204 -0.26 -52.26 18.03
C GLN B 204 -0.23 -50.75 18.22
N THR B 205 -0.89 -50.04 17.31
CA THR B 205 -0.85 -48.59 17.27
C THR B 205 -2.15 -48.05 17.83
N GLU B 206 -2.06 -47.19 18.84
CA GLU B 206 -3.23 -46.64 19.49
C GLU B 206 -3.23 -45.13 19.30
N ILE B 207 -4.36 -44.58 18.84
CA ILE B 207 -4.50 -43.17 18.55
C ILE B 207 -5.32 -42.47 19.65
N ASN B 208 -4.85 -41.30 20.09
CA ASN B 208 -5.61 -40.41 20.95
C ASN B 208 -5.52 -39.00 20.40
N GLY B 209 -6.50 -38.61 19.60
CA GLY B 209 -6.51 -37.28 19.00
C GLY B 209 -5.32 -37.13 18.06
N ASN B 210 -4.48 -36.14 18.33
CA ASN B 210 -3.33 -35.87 17.46
C ASN B 210 -2.03 -36.50 17.94
N ARG B 211 -2.12 -37.50 18.82
CA ARG B 211 -0.95 -38.28 19.21
C ARG B 211 -1.19 -39.77 19.07
N PHE B 212 -0.11 -40.53 19.10
CA PHE B 212 -0.18 -41.97 19.00
C PHE B 212 0.85 -42.65 19.89
N THR B 213 0.60 -43.92 20.17
CA THR B 213 1.57 -44.81 20.79
C THR B 213 1.50 -46.12 20.04
N SER B 214 2.65 -46.65 19.64
CA SER B 214 2.72 -47.98 19.01
C SER B 214 3.51 -48.87 19.93
N LYS B 215 3.12 -50.14 20.03
CA LYS B 215 3.81 -51.05 20.94
C LYS B 215 4.26 -52.32 20.26
N ALA B 216 5.40 -52.83 20.69
CA ALA B 216 5.88 -54.14 20.27
C ALA B 216 6.87 -54.71 21.27
N HIS B 217 6.93 -56.03 21.31
CA HIS B 217 7.83 -56.75 22.21
C HIS B 217 8.83 -57.52 21.35
N ILE B 218 10.10 -57.43 21.74
CA ILE B 218 11.15 -58.18 21.10
C ILE B 218 11.83 -59.04 22.16
N ASN B 219 12.36 -60.18 21.73
CA ASN B 219 12.92 -61.16 22.66
C ASN B 219 14.40 -60.92 22.99
N GLY B 220 15.02 -59.93 22.34
CA GLY B 220 16.46 -59.67 22.52
C GLY B 220 17.02 -58.82 21.39
N SER B 221 18.32 -58.99 21.10
CA SER B 221 18.97 -58.25 20.01
C SER B 221 18.28 -58.48 18.66
N THR B 222 18.06 -57.40 17.90
CA THR B 222 17.32 -57.46 16.62
C THR B 222 17.46 -56.15 15.82
N THR B 223 17.30 -56.24 14.50
CA THR B 223 17.27 -55.06 13.65
C THR B 223 15.92 -54.85 12.96
N LEU B 224 15.26 -53.75 13.30
CA LEU B 224 14.00 -53.39 12.71
C LEU B 224 14.26 -52.40 11.59
N TYR B 225 13.32 -52.35 10.64
CA TYR B 225 13.34 -51.38 9.55
C TYR B 225 11.99 -50.67 9.47
N THR B 226 12.03 -49.39 9.11
CA THR B 226 10.87 -48.51 9.08
C THR B 226 10.95 -47.60 7.88
N THR B 227 9.88 -47.50 7.09
CA THR B 227 9.85 -46.53 6.00
C THR B 227 9.00 -45.32 6.41
N TYR B 228 9.45 -44.15 5.98
CA TYR B 228 8.72 -42.89 6.13
C TYR B 228 8.47 -42.32 4.74
N SER B 229 7.20 -42.07 4.41
CA SER B 229 6.82 -41.65 3.07
C SER B 229 5.85 -40.48 3.07
N HIS B 230 6.24 -39.40 2.39
CA HIS B 230 5.33 -38.29 2.11
C HIS B 230 4.90 -38.45 0.66
N LEU B 231 3.61 -38.68 0.46
CA LEU B 231 3.03 -39.01 -0.84
C LEU B 231 1.96 -37.96 -1.10
N LEU B 232 2.02 -37.28 -2.25
CA LEU B 232 1.26 -36.03 -2.45
C LEU B 232 0.00 -36.17 -3.28
N THR B 233 -0.17 -37.33 -3.93
CA THR B 233 -1.35 -37.64 -4.71
C THR B 233 -1.75 -39.10 -4.47
N ALA B 234 -3.00 -39.43 -4.75
CA ALA B 234 -3.50 -40.81 -4.64
C ALA B 234 -2.72 -41.78 -5.55
N GLN B 235 -2.30 -41.26 -6.70
CA GLN B 235 -1.49 -42.01 -7.66
C GLN B 235 -0.10 -42.33 -7.06
N GLU B 236 0.51 -41.35 -6.37
CA GLU B 236 1.79 -41.57 -5.67
C GLU B 236 1.65 -42.53 -4.50
N VAL B 237 0.55 -42.40 -3.78
CA VAL B 237 0.22 -43.33 -2.70
C VAL B 237 0.19 -44.78 -3.23
N SER B 238 -0.51 -45.00 -4.33
CA SER B 238 -0.67 -46.34 -4.88
C SER B 238 0.66 -46.92 -5.33
N LYS B 239 1.42 -46.10 -6.04
CA LYS B 239 2.65 -46.53 -6.69
C LYS B 239 3.73 -46.89 -5.66
N GLU B 240 3.74 -46.18 -4.52
CA GLU B 240 4.77 -46.37 -3.50
C GLU B 240 4.68 -47.68 -2.71
N GLN B 241 3.51 -48.32 -2.67
CA GLN B 241 3.34 -49.50 -1.79
C GLN B 241 4.25 -50.67 -2.16
N MET B 242 4.36 -50.95 -3.45
CA MET B 242 5.24 -52.03 -3.91
C MET B 242 6.70 -51.70 -3.59
N GLN B 243 7.05 -50.43 -3.62
CA GLN B 243 8.43 -50.01 -3.33
C GLN B 243 8.67 -50.14 -1.83
N ILE B 244 7.72 -49.68 -1.03
CA ILE B 244 7.79 -49.84 0.43
C ILE B 244 8.04 -51.32 0.78
N ARG B 245 7.27 -52.21 0.18
CA ARG B 245 7.41 -53.63 0.48
C ARG B 245 8.81 -54.13 0.10
N ASP B 246 9.26 -53.76 -1.09
CA ASP B 246 10.60 -54.14 -1.54
C ASP B 246 11.65 -53.64 -0.58
N ILE B 247 11.51 -52.38 -0.15
CA ILE B 247 12.46 -51.77 0.78
C ILE B 247 12.54 -52.53 2.09
N LEU B 248 11.39 -52.86 2.66
CA LEU B 248 11.36 -53.59 3.94
C LEU B 248 11.86 -55.05 3.78
N ALA B 249 11.82 -55.60 2.57
CA ALA B 249 12.36 -56.96 2.33
C ALA B 249 13.86 -56.95 2.08
N ARG B 250 14.37 -55.91 1.41
CA ARG B 250 15.80 -55.80 1.09
C ARG B 250 16.43 -54.51 1.66
N PRO B 251 16.29 -54.28 2.98
CA PRO B 251 16.74 -53.00 3.52
C PRO B 251 18.21 -52.70 3.25
N ALA B 252 19.06 -53.71 3.34
CA ALA B 252 20.50 -53.52 3.14
C ALA B 252 20.84 -53.05 1.72
N PHE B 253 20.08 -53.53 0.74
CA PHE B 253 20.24 -53.06 -0.63
C PHE B 253 20.11 -51.54 -0.73
N TYR B 254 19.07 -50.99 -0.10
CA TYR B 254 18.80 -49.56 -0.18
C TYR B 254 19.79 -48.73 0.63
N LEU B 255 20.18 -49.23 1.79
CA LEU B 255 21.16 -48.54 2.61
C LEU B 255 22.47 -48.43 1.85
N THR B 256 22.88 -49.53 1.25
CA THR B 256 24.13 -49.59 0.47
C THR B 256 24.08 -48.72 -0.79
N ALA B 257 22.95 -48.74 -1.47
CA ALA B 257 22.75 -47.88 -2.63
C ALA B 257 22.93 -46.40 -2.27
N SER B 258 22.47 -45.99 -1.09
CA SER B 258 22.67 -44.62 -0.60
C SER B 258 24.14 -44.39 -0.20
N GLN B 259 24.74 -45.34 0.50
CA GLN B 259 26.16 -45.21 0.88
C GLN B 259 27.02 -45.00 -0.37
N GLN B 260 26.78 -45.80 -1.41
CA GLN B 260 27.57 -45.76 -2.63
C GLN B 260 27.35 -44.47 -3.43
N ARG B 261 26.10 -44.05 -3.55
CA ARG B 261 25.80 -42.77 -4.21
C ARG B 261 26.57 -41.63 -3.56
N TRP B 262 26.65 -41.62 -2.23
CA TRP B 262 27.33 -40.56 -1.51
C TRP B 262 28.84 -40.66 -1.58
N GLU B 263 29.39 -41.87 -1.53
CA GLU B 263 30.83 -42.04 -1.72
C GLU B 263 31.21 -41.48 -3.09
N GLU B 264 30.38 -41.74 -4.10
CA GLU B 264 30.62 -41.25 -5.46
C GLU B 264 30.55 -39.71 -5.58
N TYR B 265 29.54 -39.08 -4.96
CA TYR B 265 29.49 -37.60 -4.89
C TYR B 265 30.79 -37.02 -4.34
N LEU B 266 31.27 -37.60 -3.24
CA LEU B 266 32.47 -37.12 -2.56
C LEU B 266 33.72 -37.38 -3.41
N LYS B 267 33.83 -38.59 -3.96
CA LYS B 267 34.96 -38.93 -4.83
C LYS B 267 35.04 -37.99 -6.03
N LYS B 268 33.92 -37.79 -6.71
CA LYS B 268 33.91 -36.96 -7.91
C LYS B 268 34.09 -35.47 -7.59
N GLY B 269 33.52 -35.04 -6.47
CA GLY B 269 33.51 -33.62 -6.10
C GLY B 269 34.78 -33.08 -5.47
N LEU B 270 35.42 -33.89 -4.63
CA LEU B 270 36.54 -33.44 -3.80
C LEU B 270 37.89 -33.71 -4.46
N THR B 271 38.16 -32.98 -5.53
CA THR B 271 39.29 -33.25 -6.40
C THR B 271 40.41 -32.18 -6.28
N ASN B 272 40.27 -31.23 -5.35
CA ASN B 272 41.33 -30.24 -5.10
C ASN B 272 42.32 -30.74 -4.04
N PRO B 273 43.46 -31.34 -4.45
CA PRO B 273 44.41 -31.89 -3.47
C PRO B 273 45.13 -30.84 -2.63
N ASP B 274 45.10 -29.58 -3.05
CA ASP B 274 45.78 -28.50 -2.32
C ASP B 274 44.89 -27.77 -1.29
N ALA B 275 43.62 -28.14 -1.21
CA ALA B 275 42.71 -27.53 -0.25
C ALA B 275 43.04 -28.03 1.14
N THR B 276 42.82 -27.18 2.14
CA THR B 276 42.98 -27.57 3.54
C THR B 276 41.76 -28.40 3.95
N PRO B 277 41.83 -29.05 5.13
CA PRO B 277 40.66 -29.75 5.64
C PRO B 277 39.44 -28.82 5.82
N GLU B 278 39.65 -27.59 6.28
CA GLU B 278 38.55 -26.64 6.48
C GLU B 278 37.90 -26.27 5.15
N GLN B 279 38.73 -26.06 4.14
CA GLN B 279 38.24 -25.73 2.79
C GLN B 279 37.47 -26.90 2.20
N THR B 280 37.99 -28.10 2.37
CA THR B 280 37.32 -29.30 1.91
C THR B 280 35.92 -29.47 2.57
N ARG B 281 35.83 -29.17 3.86
CA ARG B 281 34.55 -29.29 4.57
C ARG B 281 33.54 -28.29 4.03
N VAL B 282 34.00 -27.11 3.59
CA VAL B 282 33.11 -26.15 2.92
C VAL B 282 32.52 -26.75 1.65
N ALA B 283 33.34 -27.44 0.88
CA ALA B 283 32.88 -28.10 -0.34
C ALA B 283 31.83 -29.18 -0.01
N VAL B 284 32.06 -29.92 1.07
CA VAL B 284 31.12 -30.94 1.49
C VAL B 284 29.78 -30.30 1.92
N LYS B 285 29.86 -29.19 2.63
CA LYS B 285 28.68 -28.38 2.97
C LYS B 285 27.89 -28.02 1.71
N ALA B 286 28.61 -27.54 0.70
CA ALA B 286 27.95 -27.17 -0.57
C ALA B 286 27.29 -28.35 -1.20
N ILE B 287 27.99 -29.49 -1.19
CA ILE B 287 27.48 -30.71 -1.77
C ILE B 287 26.22 -31.15 -1.02
N GLU B 288 26.25 -31.15 0.31
CA GLU B 288 25.08 -31.51 1.09
C GLU B 288 23.93 -30.56 0.82
N THR B 289 24.24 -29.27 0.69
CA THR B 289 23.22 -28.24 0.49
C THR B 289 22.52 -28.41 -0.86
N LEU B 290 23.31 -28.55 -1.91
CA LEU B 290 22.76 -28.68 -3.26
C LEU B 290 21.92 -29.94 -3.40
N ASN B 291 22.45 -31.06 -2.92
CA ASN B 291 21.71 -32.32 -2.98
C ASN B 291 20.40 -32.28 -2.18
N GLY B 292 20.39 -31.55 -1.07
CA GLY B 292 19.17 -31.35 -0.27
C GLY B 292 18.12 -30.46 -0.94
N ASN B 293 18.58 -29.57 -1.80
CA ASN B 293 17.70 -28.67 -2.57
C ASN B 293 17.21 -29.26 -3.89
N TRP B 294 17.68 -30.47 -4.18
CA TRP B 294 17.19 -31.28 -5.29
C TRP B 294 15.80 -31.88 -5.01
N ARG B 295 14.88 -31.63 -5.94
CA ARG B 295 13.56 -32.24 -5.91
C ARG B 295 13.33 -33.13 -7.14
N SER B 296 12.66 -34.26 -6.89
CA SER B 296 12.19 -35.13 -7.94
C SER B 296 11.01 -34.51 -8.64
N PRO B 297 10.66 -35.04 -9.81
CA PRO B 297 9.50 -34.52 -10.51
C PRO B 297 8.30 -34.40 -9.59
N GLY B 298 7.54 -33.32 -9.76
CA GLY B 298 6.29 -33.14 -9.02
C GLY B 298 5.38 -32.16 -9.72
N GLY B 299 4.09 -32.48 -9.80
CA GLY B 299 3.12 -31.57 -10.43
C GLY B 299 3.49 -31.29 -11.88
N ALA B 300 3.49 -30.01 -12.25
CA ALA B 300 3.74 -29.60 -13.61
C ALA B 300 5.20 -29.74 -14.06
N VAL B 301 6.13 -29.90 -13.12
CA VAL B 301 7.55 -30.07 -13.44
C VAL B 301 7.85 -31.58 -13.53
N LYS B 302 8.07 -32.04 -14.76
CA LYS B 302 8.21 -33.48 -15.06
C LYS B 302 9.68 -33.96 -15.01
N PHE B 303 10.55 -33.13 -14.46
CA PHE B 303 11.97 -33.44 -14.33
C PHE B 303 12.43 -33.19 -12.90
N ASN B 304 13.54 -33.84 -12.54
CA ASN B 304 14.25 -33.49 -11.32
C ASN B 304 14.71 -32.05 -11.47
N THR B 305 14.70 -31.31 -10.38
CA THR B 305 15.14 -29.93 -10.39
C THR B 305 15.87 -29.60 -9.10
N VAL B 306 16.42 -28.39 -9.03
CA VAL B 306 17.05 -27.89 -7.81
C VAL B 306 16.54 -26.46 -7.54
N THR B 307 16.05 -26.24 -6.33
CA THR B 307 15.49 -24.95 -5.96
C THR B 307 16.50 -24.16 -5.15
N PRO B 308 16.27 -22.83 -4.96
CA PRO B 308 17.25 -22.03 -4.25
C PRO B 308 17.45 -22.38 -2.79
N SER B 309 16.43 -22.95 -2.17
CA SER B 309 16.52 -23.39 -0.77
C SER B 309 15.27 -24.19 -0.36
N VAL B 310 15.48 -25.43 0.07
CA VAL B 310 14.39 -26.28 0.56
C VAL B 310 13.71 -25.69 1.82
N THR B 311 14.46 -24.90 2.58
CA THR B 311 13.98 -24.26 3.81
C THR B 311 13.49 -22.83 3.57
N GLY B 312 13.70 -22.30 2.37
CA GLY B 312 13.34 -20.91 2.06
C GLY B 312 11.83 -20.63 2.08
N ARG B 313 11.46 -19.42 2.49
CA ARG B 313 10.05 -19.01 2.56
C ARG B 313 9.41 -19.07 1.19
N TRP B 314 10.12 -18.59 0.17
CA TRP B 314 9.62 -18.56 -1.20
C TRP B 314 10.42 -19.42 -2.17
N PHE B 315 11.34 -20.24 -1.65
CA PHE B 315 12.29 -20.99 -2.48
C PHE B 315 12.09 -22.51 -2.44
N SER B 316 11.09 -22.98 -1.68
CA SER B 316 10.91 -24.41 -1.39
C SER B 316 9.99 -25.10 -2.39
N GLY B 317 9.48 -26.28 -2.03
CA GLY B 317 8.85 -27.14 -3.00
C GLY B 317 9.82 -27.40 -4.14
N ASN B 318 9.33 -27.32 -5.37
CA ASN B 318 10.19 -27.44 -6.53
C ASN B 318 10.28 -26.16 -7.36
N GLN B 319 10.13 -25.02 -6.70
CA GLN B 319 10.21 -23.72 -7.38
C GLN B 319 11.61 -23.50 -7.95
N THR B 320 11.66 -23.28 -9.26
CA THR B 320 12.92 -23.28 -10.00
C THR B 320 13.04 -22.04 -10.86
N TRP B 321 14.19 -21.38 -10.79
CA TRP B 321 14.49 -20.20 -11.60
C TRP B 321 15.65 -20.52 -12.54
N PRO B 322 15.65 -19.88 -13.74
CA PRO B 322 16.78 -20.13 -14.67
C PRO B 322 18.14 -19.67 -14.15
N TRP B 323 18.20 -18.47 -13.59
CA TRP B 323 19.46 -17.90 -13.09
C TRP B 323 20.14 -18.85 -12.10
N ASP B 324 19.37 -19.26 -11.10
CA ASP B 324 19.85 -20.19 -10.09
C ASP B 324 20.27 -21.50 -10.74
N THR B 325 19.50 -21.96 -11.72
CA THR B 325 19.75 -23.23 -12.37
C THR B 325 21.10 -23.26 -13.12
N TRP B 326 21.49 -22.16 -13.74
CA TRP B 326 22.73 -22.14 -14.53
C TRP B 326 23.93 -22.41 -13.62
N LYS B 327 23.93 -21.75 -12.47
CA LYS B 327 25.03 -21.84 -11.53
C LYS B 327 24.97 -23.15 -10.74
N GLN B 328 23.76 -23.54 -10.33
CA GLN B 328 23.53 -24.84 -9.70
C GLN B 328 24.12 -25.98 -10.52
N ALA B 329 23.73 -26.02 -11.80
CA ALA B 329 24.12 -27.11 -12.67
C ALA B 329 25.59 -27.04 -12.99
N PHE B 330 26.14 -25.82 -13.06
CA PHE B 330 27.56 -25.65 -13.31
C PHE B 330 28.33 -26.39 -12.23
N ALA B 331 27.97 -26.16 -10.96
CA ALA B 331 28.64 -26.81 -9.83
C ALA B 331 28.30 -28.29 -9.80
N MET B 332 27.03 -28.61 -9.95
CA MET B 332 26.60 -30.02 -9.85
C MET B 332 27.17 -30.95 -10.94
N ALA B 333 27.54 -30.38 -12.09
CA ALA B 333 28.27 -31.12 -13.11
C ALA B 333 29.45 -31.91 -12.53
N HIS B 334 30.05 -31.36 -11.48
CA HIS B 334 31.28 -31.90 -10.92
C HIS B 334 31.12 -32.93 -9.78
N PHE B 335 29.88 -33.23 -9.40
CA PHE B 335 29.62 -34.29 -8.39
C PHE B 335 28.27 -35.01 -8.52
N ASN B 336 27.26 -34.34 -9.06
CA ASN B 336 25.98 -34.96 -9.33
C ASN B 336 25.48 -34.58 -10.74
N PRO B 337 26.22 -35.01 -11.79
CA PRO B 337 25.86 -34.55 -13.14
C PRO B 337 24.50 -34.98 -13.66
N ASP B 338 23.99 -36.14 -13.22
CA ASP B 338 22.67 -36.59 -13.63
C ASP B 338 21.62 -35.53 -13.31
N ILE B 339 21.71 -34.96 -12.12
CA ILE B 339 20.74 -33.98 -11.62
C ILE B 339 21.04 -32.58 -12.15
N ALA B 340 22.30 -32.28 -12.43
CA ALA B 340 22.65 -31.04 -13.12
C ALA B 340 21.93 -31.00 -14.47
N LYS B 341 21.98 -32.12 -15.21
CA LYS B 341 21.33 -32.23 -16.52
C LYS B 341 19.82 -32.05 -16.39
N GLU B 342 19.21 -32.78 -15.45
CA GLU B 342 17.77 -32.65 -15.18
C GLU B 342 17.30 -31.23 -14.79
N ASN B 343 18.06 -30.56 -13.92
CA ASN B 343 17.74 -29.20 -13.47
C ASN B 343 17.62 -28.27 -14.67
N ILE B 344 18.56 -28.39 -15.59
CA ILE B 344 18.53 -27.64 -16.86
C ILE B 344 17.34 -28.08 -17.75
N ARG B 345 17.06 -29.39 -17.80
CA ARG B 345 15.92 -29.88 -18.57
C ARG B 345 14.62 -29.28 -18.03
N ALA B 346 14.53 -29.20 -16.69
CA ALA B 346 13.34 -28.72 -16.02
C ALA B 346 13.01 -27.30 -16.48
N VAL B 347 14.00 -26.42 -16.41
CA VAL B 347 13.85 -25.03 -16.85
C VAL B 347 13.44 -24.93 -18.34
N PHE B 348 14.04 -25.75 -19.19
CA PHE B 348 13.74 -25.68 -20.61
C PHE B 348 12.45 -26.44 -21.00
N SER B 349 11.91 -27.25 -20.08
CA SER B 349 10.70 -28.04 -20.37
C SER B 349 9.46 -27.15 -20.54
N TRP B 350 9.47 -25.95 -19.97
CA TRP B 350 8.40 -24.99 -20.18
C TRP B 350 8.85 -23.77 -21.00
N GLN B 351 9.91 -23.94 -21.78
CA GLN B 351 10.29 -22.95 -22.78
C GLN B 351 9.14 -22.83 -23.77
N ILE B 352 8.83 -21.60 -24.21
CA ILE B 352 7.67 -21.35 -25.07
C ILE B 352 7.89 -21.94 -26.47
N GLN B 353 6.86 -22.61 -27.00
CA GLN B 353 6.92 -23.25 -28.31
C GLN B 353 5.94 -22.57 -29.27
N PRO B 354 6.17 -22.72 -30.60
CA PRO B 354 5.22 -22.15 -31.56
C PRO B 354 3.80 -22.54 -31.23
N GLY B 355 2.89 -21.58 -31.27
CA GLY B 355 1.48 -21.86 -31.02
C GLY B 355 1.09 -21.87 -29.56
N ASP B 356 2.00 -21.50 -28.66
CA ASP B 356 1.72 -21.46 -27.23
C ASP B 356 0.37 -20.78 -26.95
N SER B 357 -0.36 -21.30 -25.97
CA SER B 357 -1.74 -20.86 -25.74
C SER B 357 -1.84 -19.50 -25.07
N VAL B 358 -0.78 -19.06 -24.40
CA VAL B 358 -0.78 -17.79 -23.67
C VAL B 358 0.05 -16.72 -24.37
N ARG B 359 1.26 -17.07 -24.80
CA ARG B 359 2.20 -16.10 -25.36
C ARG B 359 2.89 -16.64 -26.61
N PRO B 360 2.13 -16.80 -27.72
CA PRO B 360 2.74 -17.23 -28.98
C PRO B 360 3.77 -16.23 -29.54
N GLN B 361 3.72 -14.98 -29.08
CA GLN B 361 4.73 -13.94 -29.42
C GLN B 361 6.08 -14.10 -28.67
N ASP B 362 6.17 -15.10 -27.79
CA ASP B 362 7.36 -15.32 -26.94
C ASP B 362 8.09 -16.64 -27.22
N VAL B 363 8.03 -17.16 -28.44
CA VAL B 363 8.70 -18.43 -28.74
C VAL B 363 10.17 -18.33 -28.29
N GLY B 364 10.65 -19.36 -27.60
CA GLY B 364 12.03 -19.41 -27.09
C GLY B 364 12.21 -18.92 -25.66
N PHE B 365 11.21 -18.18 -25.16
CA PHE B 365 11.20 -17.62 -23.82
C PHE B 365 11.26 -18.71 -22.77
N VAL B 366 12.02 -18.47 -21.71
CA VAL B 366 12.15 -19.39 -20.57
C VAL B 366 11.54 -18.71 -19.37
N PRO B 367 10.47 -19.28 -18.81
CA PRO B 367 9.82 -18.67 -17.66
C PRO B 367 10.77 -18.39 -16.49
N ASP B 368 10.51 -17.29 -15.79
CA ASP B 368 11.26 -16.91 -14.61
C ASP B 368 11.14 -17.91 -13.46
N LEU B 369 9.93 -18.42 -13.26
CA LEU B 369 9.64 -19.27 -12.11
C LEU B 369 8.66 -20.38 -12.49
N ILE B 370 9.08 -21.63 -12.35
CA ILE B 370 8.22 -22.79 -12.59
C ILE B 370 8.09 -23.54 -11.28
N ALA B 371 6.99 -24.27 -11.13
CA ALA B 371 6.63 -24.87 -9.86
C ALA B 371 5.51 -25.92 -10.05
N TRP B 372 5.26 -26.68 -8.98
CA TRP B 372 4.23 -27.73 -8.99
C TRP B 372 2.94 -27.29 -9.70
N ASN B 373 2.44 -26.13 -9.31
CA ASN B 373 1.19 -25.58 -9.84
C ASN B 373 1.38 -24.54 -10.95
N LEU B 374 0.73 -24.81 -12.09
CA LEU B 374 0.65 -23.85 -13.18
C LEU B 374 -0.16 -22.65 -12.73
N SER B 375 0.09 -21.49 -13.34
CA SER B 375 -0.75 -20.30 -13.15
C SER B 375 -2.17 -20.59 -13.60
N PRO B 376 -3.14 -19.75 -13.15
CA PRO B 376 -4.49 -19.86 -13.68
C PRO B 376 -4.57 -19.75 -15.21
N GLU B 377 -3.70 -18.94 -15.81
CA GLU B 377 -3.63 -18.79 -17.26
C GLU B 377 -3.32 -20.11 -18.00
N ARG B 378 -2.63 -21.03 -17.32
CA ARG B 378 -2.35 -22.34 -17.89
C ARG B 378 -3.12 -23.46 -17.16
N GLY B 379 -4.21 -23.08 -16.51
CA GLY B 379 -5.17 -24.05 -15.96
C GLY B 379 -4.97 -24.49 -14.53
N GLY B 380 -3.98 -23.95 -13.83
CA GLY B 380 -3.74 -24.32 -12.43
C GLY B 380 -4.21 -23.25 -11.47
N ASP B 381 -3.82 -23.39 -10.20
CA ASP B 381 -4.07 -22.40 -9.17
C ASP B 381 -2.77 -21.95 -8.49
N GLY B 382 -1.63 -22.12 -9.16
CA GLY B 382 -0.35 -21.64 -8.65
C GLY B 382 -0.25 -20.12 -8.64
N GLY B 383 0.25 -19.56 -7.53
CA GLY B 383 0.50 -18.11 -7.43
C GLY B 383 1.95 -17.74 -7.71
N ASN B 384 2.81 -18.74 -7.86
CA ASN B 384 4.22 -18.46 -8.01
C ASN B 384 4.69 -18.51 -9.45
N TRP B 385 4.15 -19.46 -10.22
CA TRP B 385 4.50 -19.59 -11.62
C TRP B 385 4.55 -18.18 -12.24
N ASN B 386 5.69 -17.80 -12.81
CA ASN B 386 5.86 -16.44 -13.32
C ASN B 386 6.43 -16.42 -14.72
N GLU B 387 5.67 -15.79 -15.63
CA GLU B 387 6.14 -15.54 -17.01
C GLU B 387 6.09 -14.04 -17.38
N ARG B 388 6.23 -13.19 -16.36
CA ARG B 388 6.38 -11.74 -16.57
C ARG B 388 7.73 -11.34 -17.13
N ASN B 389 8.70 -12.25 -17.04
CA ASN B 389 10.10 -11.97 -17.33
C ASN B 389 10.89 -13.27 -17.28
N THR B 390 12.15 -13.23 -17.68
CA THR B 390 13.04 -14.39 -17.54
C THR B 390 14.17 -13.97 -16.58
N LYS B 391 15.37 -14.45 -16.80
CA LYS B 391 16.53 -14.07 -16.00
C LYS B 391 17.73 -13.93 -16.93
N PRO B 392 18.86 -13.41 -16.42
CA PRO B 392 19.99 -13.28 -17.32
C PRO B 392 20.47 -14.67 -17.77
N SER B 393 20.92 -14.77 -19.02
CA SER B 393 21.21 -16.07 -19.61
C SER B 393 22.68 -16.48 -19.53
N LEU B 394 22.96 -17.43 -18.62
CA LEU B 394 24.20 -18.21 -18.65
C LEU B 394 23.86 -19.69 -18.95
N ALA B 395 22.79 -19.88 -19.72
CA ALA B 395 22.32 -21.19 -20.14
C ALA B 395 23.41 -22.00 -20.87
N ALA B 396 24.06 -21.37 -21.85
CA ALA B 396 25.02 -22.04 -22.72
C ALA B 396 26.29 -22.43 -21.98
N TRP B 397 26.78 -21.49 -21.18
CA TRP B 397 27.86 -21.72 -20.19
C TRP B 397 27.59 -22.95 -19.33
N SER B 398 26.40 -23.00 -18.74
CA SER B 398 26.05 -24.10 -17.80
C SER B 398 26.00 -25.43 -18.53
N VAL B 399 25.30 -25.46 -19.66
CA VAL B 399 25.21 -26.64 -20.51
C VAL B 399 26.60 -27.15 -20.91
N MET B 400 27.48 -26.22 -21.29
CA MET B 400 28.86 -26.56 -21.65
C MET B 400 29.63 -27.18 -20.50
N GLU B 401 29.38 -26.73 -19.27
CA GLU B 401 30.12 -27.28 -18.14
C GLU B 401 29.75 -28.73 -17.90
N VAL B 402 28.48 -29.08 -18.11
CA VAL B 402 28.06 -30.46 -18.02
C VAL B 402 28.78 -31.26 -19.10
N TYR B 403 28.87 -30.71 -20.32
CA TYR B 403 29.62 -31.36 -21.39
C TYR B 403 31.12 -31.50 -21.02
N ASN B 404 31.69 -30.44 -20.49
CA ASN B 404 33.10 -30.45 -20.07
C ASN B 404 33.41 -31.61 -19.12
N VAL B 405 32.50 -31.90 -18.19
CA VAL B 405 32.69 -33.03 -17.28
C VAL B 405 32.34 -34.36 -17.93
N THR B 406 31.15 -34.47 -18.51
CA THR B 406 30.66 -35.76 -18.99
C THR B 406 31.22 -36.19 -20.36
N GLN B 407 31.66 -35.22 -21.16
CA GLN B 407 32.06 -35.45 -22.56
C GLN B 407 30.94 -36.08 -23.42
N ASP B 408 29.69 -35.85 -23.04
CA ASP B 408 28.54 -36.50 -23.67
C ASP B 408 27.98 -35.61 -24.79
N LYS B 409 28.30 -35.96 -26.04
CA LYS B 409 27.85 -35.15 -27.18
C LYS B 409 26.34 -35.20 -27.41
N THR B 410 25.69 -36.30 -27.01
CA THR B 410 24.22 -36.38 -27.10
C THR B 410 23.55 -35.35 -26.19
N TRP B 411 24.22 -35.00 -25.10
CA TRP B 411 23.74 -33.95 -24.20
C TRP B 411 23.77 -32.58 -24.90
N VAL B 412 24.88 -32.26 -25.57
CA VAL B 412 24.95 -31.01 -26.32
C VAL B 412 23.91 -31.02 -27.46
N ALA B 413 23.77 -32.16 -28.12
CA ALA B 413 22.80 -32.31 -29.22
C ALA B 413 21.37 -32.03 -28.76
N GLU B 414 21.04 -32.52 -27.56
CA GLU B 414 19.75 -32.30 -26.94
C GLU B 414 19.47 -30.81 -26.64
N MET B 415 20.44 -30.13 -26.03
CA MET B 415 20.21 -28.77 -25.53
C MET B 415 20.38 -27.67 -26.58
N TYR B 416 21.21 -27.93 -27.59
CA TYR B 416 21.57 -26.91 -28.59
C TYR B 416 20.37 -26.19 -29.21
N PRO B 417 19.38 -26.95 -29.73
CA PRO B 417 18.27 -26.22 -30.34
C PRO B 417 17.44 -25.39 -29.36
N LYS B 418 17.38 -25.82 -28.10
CA LYS B 418 16.66 -25.05 -27.07
C LYS B 418 17.37 -23.74 -26.76
N LEU B 419 18.70 -23.81 -26.67
CA LEU B 419 19.55 -22.64 -26.47
C LEU B 419 19.42 -21.64 -27.64
N VAL B 420 19.40 -22.17 -28.87
CA VAL B 420 19.22 -21.34 -30.06
C VAL B 420 17.88 -20.59 -29.98
N ALA B 421 16.82 -21.30 -29.60
CA ALA B 421 15.51 -20.69 -29.48
C ALA B 421 15.54 -19.55 -28.48
N TYR B 422 16.26 -19.76 -27.37
CA TYR B 422 16.37 -18.75 -26.32
C TYR B 422 17.18 -17.56 -26.84
N HIS B 423 18.36 -17.85 -27.39
CA HIS B 423 19.19 -16.84 -28.07
C HIS B 423 18.35 -15.93 -28.97
N ASP B 424 17.61 -16.54 -29.90
CA ASP B 424 16.81 -15.78 -30.87
C ASP B 424 15.70 -14.96 -30.20
N TRP B 425 15.13 -15.48 -29.11
CA TRP B 425 14.09 -14.76 -28.40
C TRP B 425 14.59 -13.41 -27.90
N TRP B 426 15.78 -13.38 -27.30
CA TRP B 426 16.36 -12.13 -26.81
C TRP B 426 16.47 -11.10 -27.93
N LEU B 427 16.84 -11.57 -29.11
CA LEU B 427 17.03 -10.70 -30.27
C LEU B 427 15.71 -10.20 -30.85
N ARG B 428 14.66 -11.00 -30.80
CA ARG B 428 13.34 -10.54 -31.27
C ARG B 428 12.64 -9.66 -30.24
N ASN B 429 12.72 -10.03 -28.96
CA ASN B 429 11.85 -9.45 -27.94
C ASN B 429 12.51 -8.54 -26.90
N ARG B 430 13.85 -8.46 -26.93
CA ARG B 430 14.58 -7.59 -25.99
C ARG B 430 15.68 -6.79 -26.69
N ASP B 431 15.36 -6.21 -27.85
CA ASP B 431 16.29 -5.35 -28.58
C ASP B 431 15.48 -4.22 -29.19
N HIS B 432 15.14 -3.23 -28.36
CA HIS B 432 14.22 -2.16 -28.74
C HIS B 432 14.66 -1.39 -29.98
N ASN B 433 15.95 -1.07 -30.06
CA ASN B 433 16.50 -0.24 -31.14
C ASN B 433 17.20 -1.06 -32.24
N GLY B 434 16.98 -2.37 -32.21
CA GLY B 434 17.45 -3.28 -33.26
C GLY B 434 18.93 -3.31 -33.55
N ASN B 435 19.77 -3.05 -32.55
CA ASN B 435 21.23 -2.99 -32.77
C ASN B 435 21.97 -4.31 -32.52
N GLY B 436 21.23 -5.35 -32.15
CA GLY B 436 21.83 -6.66 -31.87
C GLY B 436 22.47 -6.76 -30.48
N VAL B 437 22.19 -5.75 -29.63
CA VAL B 437 22.71 -5.64 -28.27
C VAL B 437 21.54 -5.55 -27.28
N PRO B 438 21.19 -6.67 -26.62
CA PRO B 438 19.97 -6.73 -25.80
C PRO B 438 19.84 -5.82 -24.60
N GLU B 439 18.61 -5.69 -24.11
CA GLU B 439 18.27 -4.96 -22.91
C GLU B 439 17.54 -5.92 -21.97
N TYR B 440 17.57 -5.63 -20.68
CA TYR B 440 16.64 -6.28 -19.75
C TYR B 440 15.26 -5.65 -19.94
N GLY B 441 14.21 -6.47 -19.78
CA GLY B 441 12.84 -6.04 -20.02
C GLY B 441 11.78 -6.95 -19.43
N ALA B 442 10.61 -6.94 -20.04
CA ALA B 442 9.46 -7.68 -19.52
C ALA B 442 8.57 -8.19 -20.65
N THR B 443 7.72 -9.17 -20.34
CA THR B 443 6.80 -9.72 -21.34
C THR B 443 5.48 -8.95 -21.37
N ARG B 444 4.71 -9.18 -22.44
CA ARG B 444 3.29 -8.85 -22.44
C ARG B 444 2.64 -9.81 -21.43
N ASP B 445 1.84 -9.25 -20.53
CA ASP B 445 1.28 -9.99 -19.41
C ASP B 445 0.10 -9.21 -18.83
N LYS B 446 -0.89 -9.93 -18.29
CA LYS B 446 -2.04 -9.28 -17.65
C LYS B 446 -1.61 -8.31 -16.56
N ALA B 447 -0.49 -8.57 -15.91
CA ALA B 447 0.02 -7.69 -14.86
C ALA B 447 0.69 -6.42 -15.41
N HIS B 448 1.03 -6.42 -16.71
CA HIS B 448 1.78 -5.33 -17.31
C HIS B 448 0.93 -4.40 -18.19
N ASN B 449 0.00 -4.98 -18.93
CA ASN B 449 -0.74 -4.25 -19.96
C ASN B 449 -2.22 -4.62 -19.99
N THR B 450 -3.07 -3.64 -20.31
CA THR B 450 -4.51 -3.88 -20.53
C THR B 450 -4.70 -4.86 -21.70
N GLU B 451 -5.91 -5.41 -21.82
CA GLU B 451 -6.26 -6.27 -22.95
C GLU B 451 -5.94 -5.61 -24.29
N SER B 452 -6.10 -4.29 -24.36
CA SER B 452 -5.84 -3.52 -25.59
C SER B 452 -4.35 -3.30 -25.88
N GLY B 453 -3.47 -3.75 -24.99
CA GLY B 453 -2.02 -3.60 -25.17
C GLY B 453 -1.45 -2.28 -24.67
N GLU B 454 -2.18 -1.60 -23.77
CA GLU B 454 -1.71 -0.35 -23.17
C GLU B 454 -0.97 -0.62 -21.86
N MET B 455 0.18 0.02 -21.67
CA MET B 455 1.03 -0.20 -20.50
C MET B 455 0.39 0.37 -19.23
N LEU B 456 0.17 -0.50 -18.24
CA LEU B 456 -0.39 -0.07 -16.95
C LEU B 456 0.65 0.67 -16.11
N PHE B 457 0.17 1.55 -15.22
CA PHE B 457 1.02 2.21 -14.22
C PHE B 457 0.19 2.90 -13.15
N THR B 458 0.79 3.20 -12.00
CA THR B 458 0.11 3.87 -10.88
C THR B 458 0.91 5.10 -10.39
N VAL B 459 0.21 6.20 -10.10
CA VAL B 459 0.83 7.48 -9.68
C VAL B 459 0.55 7.84 -8.21
N LYS B 460 1.59 8.23 -7.46
CA LYS B 460 1.46 8.64 -6.04
C LYS B 460 2.09 10.00 -5.75
N LYS B 461 1.50 10.74 -4.80
CA LYS B 461 1.99 12.09 -4.42
C LYS B 461 1.61 12.39 -2.96
N GLY B 462 2.14 11.58 -2.05
CA GLY B 462 1.74 11.60 -0.65
C GLY B 462 0.82 10.42 -0.40
N ASP B 463 -0.38 10.70 0.09
CA ASP B 463 -1.33 9.64 0.44
C ASP B 463 -2.40 9.37 -0.62
N LYS B 464 -2.16 9.79 -1.87
CA LYS B 464 -3.13 9.53 -2.95
C LYS B 464 -2.51 8.81 -4.14
N GLU B 465 -3.37 8.12 -4.89
CA GLU B 465 -2.99 7.05 -5.82
C GLU B 465 -3.95 6.99 -7.03
N GLU B 466 -3.44 6.64 -8.21
CA GLU B 466 -4.26 6.61 -9.44
C GLU B 466 -3.72 5.66 -10.51
N THR B 467 -4.52 4.65 -10.87
CA THR B 467 -4.08 3.60 -11.81
C THR B 467 -4.53 3.85 -13.27
N GLN B 468 -3.64 4.43 -14.07
CA GLN B 468 -3.91 4.75 -15.48
C GLN B 468 -3.23 3.73 -16.40
N SER B 469 -3.27 3.98 -17.71
CA SER B 469 -2.54 3.17 -18.68
C SER B 469 -2.16 3.94 -19.95
N GLY B 470 -1.22 3.38 -20.72
CA GLY B 470 -0.79 3.97 -21.98
C GLY B 470 0.59 4.60 -21.90
N LEU B 471 1.44 4.24 -22.85
CA LEU B 471 2.82 4.75 -22.93
C LEU B 471 2.85 6.27 -23.14
N ASN B 472 1.88 6.79 -23.88
CA ASN B 472 1.77 8.24 -24.11
C ASN B 472 1.30 8.94 -22.83
N ASN B 473 0.29 8.39 -22.18
CA ASN B 473 -0.17 8.93 -20.88
C ASN B 473 0.94 8.89 -19.82
N TYR B 474 1.77 7.85 -19.86
CA TYR B 474 2.92 7.73 -18.95
C TYR B 474 3.93 8.88 -19.13
N ALA B 475 4.32 9.16 -20.38
CA ALA B 475 5.22 10.28 -20.68
C ALA B 475 4.62 11.63 -20.23
N ARG B 476 3.31 11.78 -20.40
CA ARG B 476 2.59 12.98 -19.97
C ARG B 476 2.71 13.20 -18.46
N VAL B 477 2.58 12.12 -17.68
CA VAL B 477 2.76 12.21 -16.22
C VAL B 477 4.24 12.43 -15.86
N VAL B 478 5.12 11.64 -16.47
CA VAL B 478 6.55 11.77 -16.25
C VAL B 478 7.11 13.12 -16.72
N GLU B 479 6.34 13.86 -17.53
CA GLU B 479 6.73 15.20 -17.94
C GLU B 479 6.64 16.17 -16.77
N LYS B 480 5.50 16.17 -16.09
CA LYS B 480 5.30 17.07 -14.95
C LYS B 480 6.35 16.84 -13.87
N GLY B 481 6.50 15.59 -13.44
CA GLY B 481 7.43 15.26 -12.36
C GLY B 481 6.92 15.74 -11.01
N GLN B 482 5.60 15.75 -10.86
CA GLN B 482 4.95 16.16 -9.61
C GLN B 482 4.28 14.96 -8.98
N TYR B 483 5.08 13.94 -8.71
CA TYR B 483 4.63 12.75 -8.00
C TYR B 483 5.71 12.35 -6.98
N ASP B 484 5.30 11.62 -5.94
CA ASP B 484 6.23 11.08 -4.95
C ASP B 484 6.75 9.72 -5.44
N SER B 485 5.86 8.84 -5.90
CA SER B 485 6.29 7.60 -6.54
C SER B 485 5.45 7.23 -7.79
N LEU B 486 6.14 6.75 -8.83
CA LEU B 486 5.50 6.25 -10.04
C LEU B 486 5.83 4.75 -10.19
N GLU B 487 4.80 3.93 -10.39
CA GLU B 487 4.92 2.47 -10.31
C GLU B 487 4.50 1.80 -11.64
N ILE B 488 5.46 1.19 -12.33
CA ILE B 488 5.20 0.51 -13.60
C ILE B 488 5.51 -1.00 -13.46
N PRO B 489 4.48 -1.82 -13.25
CA PRO B 489 4.67 -3.26 -13.07
C PRO B 489 5.65 -3.89 -14.06
N ALA B 490 5.50 -3.59 -15.35
CA ALA B 490 6.41 -4.13 -16.36
C ALA B 490 7.86 -3.78 -16.08
N GLN B 491 8.09 -2.59 -15.55
CA GLN B 491 9.43 -2.15 -15.16
C GLN B 491 9.89 -2.81 -13.87
N VAL B 492 8.96 -3.14 -12.98
CA VAL B 492 9.29 -3.95 -11.81
C VAL B 492 9.74 -5.34 -12.27
N ALA B 493 9.07 -5.87 -13.29
CA ALA B 493 9.42 -7.18 -13.85
C ALA B 493 10.76 -7.13 -14.57
N ALA B 494 11.08 -5.99 -15.20
CA ALA B 494 12.36 -5.83 -15.88
C ALA B 494 13.54 -5.88 -14.93
N SER B 495 13.36 -5.36 -13.72
CA SER B 495 14.39 -5.42 -12.68
C SER B 495 14.57 -6.84 -12.15
N TRP B 496 13.48 -7.62 -12.11
CA TRP B 496 13.59 -9.06 -11.79
C TRP B 496 14.38 -9.78 -12.87
N GLU B 497 14.13 -9.44 -14.13
CA GLU B 497 14.84 -10.05 -15.23
C GLU B 497 16.35 -9.80 -15.17
N SER B 498 16.73 -8.67 -14.57
CA SER B 498 18.13 -8.26 -14.43
C SER B 498 18.86 -9.05 -13.35
N GLY B 499 18.10 -9.58 -12.40
CA GLY B 499 18.67 -10.38 -11.31
C GLY B 499 19.00 -9.57 -10.07
N ARG B 500 18.91 -8.25 -10.17
CA ARG B 500 19.38 -7.33 -9.13
C ARG B 500 18.36 -6.23 -8.88
N ASP B 501 17.37 -6.55 -8.07
CA ASP B 501 16.13 -5.78 -8.04
C ASP B 501 16.22 -4.37 -7.42
N ASP B 502 17.31 -4.06 -6.69
CA ASP B 502 17.54 -2.68 -6.21
C ASP B 502 18.92 -2.12 -6.54
N ALA B 503 19.46 -2.49 -7.70
CA ALA B 503 20.81 -2.10 -8.07
C ALA B 503 20.84 -0.63 -8.50
N ALA B 504 21.94 0.04 -8.18
CA ALA B 504 22.11 1.45 -8.52
C ALA B 504 22.03 1.68 -10.03
N VAL B 505 22.53 0.74 -10.81
CA VAL B 505 22.57 0.93 -12.25
C VAL B 505 21.17 0.98 -12.88
N PHE B 506 20.15 0.51 -12.16
CA PHE B 506 18.76 0.51 -12.64
C PHE B 506 17.93 1.59 -11.92
N GLY B 507 18.58 2.69 -11.55
CA GLY B 507 17.88 3.84 -10.95
C GLY B 507 17.55 3.75 -9.48
N PHE B 508 17.93 2.67 -8.81
CA PHE B 508 17.56 2.52 -7.40
C PHE B 508 18.55 3.21 -6.47
N ILE B 509 18.02 4.13 -5.66
CA ILE B 509 18.82 4.95 -4.75
C ILE B 509 17.86 5.56 -3.73
N ASP B 510 18.21 5.58 -2.45
CA ASP B 510 17.25 6.03 -1.44
C ASP B 510 17.23 7.56 -1.35
N LYS B 511 16.36 8.08 -0.49
CA LYS B 511 16.07 9.53 -0.43
C LYS B 511 17.30 10.34 -0.08
N GLU B 512 17.92 9.99 1.05
CA GLU B 512 19.05 10.73 1.59
C GLU B 512 20.26 10.66 0.67
N GLN B 513 20.44 9.50 0.03
CA GLN B 513 21.53 9.31 -0.92
C GLN B 513 21.36 10.18 -2.15
N LEU B 514 20.12 10.28 -2.64
CA LEU B 514 19.84 11.05 -3.84
C LEU B 514 20.02 12.56 -3.59
N ASP B 515 19.58 13.02 -2.42
CA ASP B 515 19.80 14.42 -2.05
C ASP B 515 21.29 14.74 -2.00
N LYS B 516 22.04 13.88 -1.32
CA LYS B 516 23.50 14.02 -1.25
C LYS B 516 24.10 14.15 -2.67
N TYR B 517 23.67 13.28 -3.58
CA TYR B 517 24.09 13.33 -4.98
C TYR B 517 23.73 14.67 -5.63
N VAL B 518 22.55 15.18 -5.31
CA VAL B 518 22.10 16.48 -5.84
C VAL B 518 22.92 17.65 -5.27
N ALA B 519 23.14 17.64 -3.96
CA ALA B 519 23.91 18.70 -3.30
C ALA B 519 25.35 18.81 -3.82
N ASN B 520 25.92 17.70 -4.29
CA ASN B 520 27.22 17.71 -4.98
C ASN B 520 27.11 17.99 -6.49
N GLY B 521 26.02 18.62 -6.92
CA GLY B 521 25.91 19.13 -8.30
C GLY B 521 25.39 18.15 -9.32
N GLY B 522 24.80 17.04 -8.87
CA GLY B 522 24.18 16.07 -9.78
C GLY B 522 22.69 16.30 -9.93
N LYS B 523 22.15 15.91 -11.09
CA LYS B 523 20.71 16.05 -11.38
C LYS B 523 19.90 14.81 -10.96
N ARG B 524 18.75 15.06 -10.32
CA ARG B 524 17.86 13.97 -9.88
C ARG B 524 17.41 13.04 -11.02
N SER B 525 17.40 13.57 -12.24
CA SER B 525 16.98 12.84 -13.44
C SER B 525 18.08 11.97 -14.05
N ASP B 526 19.28 12.00 -13.47
CA ASP B 526 20.34 11.08 -13.87
C ASP B 526 20.00 9.67 -13.39
N TRP B 527 19.13 9.59 -12.37
CA TRP B 527 18.71 8.32 -11.77
C TRP B 527 17.36 7.82 -12.29
N THR B 528 16.93 8.30 -13.46
CA THR B 528 15.64 7.91 -14.03
C THR B 528 15.84 7.06 -15.27
N VAL B 529 15.32 5.83 -15.21
CA VAL B 529 15.44 4.87 -16.31
C VAL B 529 14.17 4.89 -17.14
N LYS B 530 14.28 5.33 -18.39
CA LYS B 530 13.11 5.42 -19.26
C LYS B 530 12.70 4.02 -19.74
N PHE B 531 11.39 3.81 -19.89
CA PHE B 531 10.85 2.51 -20.25
C PHE B 531 10.21 2.56 -21.63
N ALA B 532 10.44 1.54 -22.44
CA ALA B 532 9.82 1.43 -23.75
C ALA B 532 9.08 0.10 -23.89
N GLU B 533 8.15 0.07 -24.84
CA GLU B 533 7.51 -1.15 -25.24
C GLU B 533 8.15 -1.57 -26.56
N ASN B 534 8.21 -2.87 -26.81
CA ASN B 534 8.79 -3.42 -28.04
C ASN B 534 7.68 -4.03 -28.88
N ARG B 535 7.63 -3.66 -30.16
CA ARG B 535 6.56 -4.10 -31.06
C ARG B 535 7.12 -4.62 -32.38
N SER B 536 6.49 -5.66 -32.93
CA SER B 536 6.89 -6.20 -34.22
C SER B 536 6.37 -5.27 -35.33
N GLN B 537 6.63 -5.64 -36.58
CA GLN B 537 6.20 -4.84 -37.74
C GLN B 537 4.68 -4.66 -37.76
N ASP B 538 3.95 -5.74 -37.48
CA ASP B 538 2.48 -5.69 -37.49
C ASP B 538 1.87 -4.96 -36.28
N GLY B 539 2.72 -4.44 -35.39
CA GLY B 539 2.27 -3.65 -34.25
C GLY B 539 1.92 -4.47 -33.02
N THR B 540 2.19 -5.77 -33.06
CA THR B 540 1.94 -6.66 -31.91
C THR B 540 2.86 -6.29 -30.75
N LEU B 541 2.32 -6.24 -29.54
CA LEU B 541 3.13 -6.00 -28.35
C LEU B 541 3.95 -7.25 -28.00
N LEU B 542 5.26 -7.18 -28.26
CA LEU B 542 6.19 -8.28 -27.98
C LEU B 542 6.60 -8.27 -26.50
N GLY B 543 6.58 -7.08 -25.92
CA GLY B 543 6.92 -6.86 -24.52
C GLY B 543 7.52 -5.48 -24.30
N TYR B 544 8.47 -5.40 -23.36
CA TYR B 544 9.11 -4.15 -22.98
C TYR B 544 10.63 -4.24 -22.89
N SER B 545 11.26 -3.07 -22.74
CA SER B 545 12.69 -2.97 -22.54
C SER B 545 12.95 -1.71 -21.73
N LEU B 546 13.97 -1.76 -20.87
CA LEU B 546 14.53 -0.55 -20.27
C LEU B 546 15.22 0.17 -21.43
N LEU B 547 15.16 1.50 -21.44
CA LEU B 547 15.90 2.28 -22.44
C LEU B 547 17.35 2.37 -21.99
N GLN B 548 17.99 1.20 -21.95
CA GLN B 548 19.28 1.03 -21.31
C GLN B 548 19.82 -0.33 -21.67
N GLU B 549 21.02 -0.35 -22.24
CA GLU B 549 21.67 -1.59 -22.60
C GLU B 549 22.66 -1.90 -21.47
N SER B 550 22.51 -3.07 -20.84
CA SER B 550 23.32 -3.40 -19.66
C SER B 550 24.60 -4.13 -20.06
N VAL B 551 25.70 -3.82 -19.37
CA VAL B 551 27.01 -4.38 -19.73
C VAL B 551 27.13 -5.85 -19.35
N ASP B 552 26.54 -6.23 -18.21
CA ASP B 552 26.48 -7.65 -17.87
C ASP B 552 25.67 -8.39 -18.93
N GLN B 553 24.50 -7.87 -19.25
CA GLN B 553 23.62 -8.43 -20.27
C GLN B 553 24.36 -8.65 -21.57
N ALA B 554 24.99 -7.59 -22.07
CA ALA B 554 25.78 -7.67 -23.30
C ALA B 554 26.84 -8.75 -23.21
N SER B 555 27.47 -8.86 -22.04
CA SER B 555 28.54 -9.83 -21.83
C SER B 555 28.03 -11.27 -21.75
N TYR B 556 26.84 -11.46 -21.19
CA TYR B 556 26.21 -12.78 -21.20
C TYR B 556 25.76 -13.16 -22.63
N MET B 557 25.33 -12.18 -23.41
CA MET B 557 24.95 -12.44 -24.80
C MET B 557 26.19 -12.80 -25.60
N TYR B 558 27.32 -12.18 -25.27
CA TYR B 558 28.62 -12.60 -25.83
C TYR B 558 28.88 -14.08 -25.50
N SER B 559 28.79 -14.39 -24.22
CA SER B 559 28.92 -15.77 -23.72
C SER B 559 28.02 -16.75 -24.47
N ASP B 560 26.74 -16.37 -24.58
CA ASP B 560 25.75 -17.19 -25.27
C ASP B 560 26.21 -17.52 -26.70
N ASN B 561 26.62 -16.50 -27.44
CA ASN B 561 27.10 -16.68 -28.81
C ASN B 561 28.39 -17.49 -28.87
N HIS B 562 29.32 -17.19 -27.96
CA HIS B 562 30.60 -17.88 -27.86
C HIS B 562 30.43 -19.38 -27.62
N TYR B 563 29.57 -19.72 -26.65
CA TYR B 563 29.33 -21.13 -26.33
C TYR B 563 28.53 -21.85 -27.40
N LEU B 564 27.50 -21.20 -27.93
CA LEU B 564 26.76 -21.73 -29.08
C LEU B 564 27.69 -22.02 -30.25
N ALA B 565 28.69 -21.17 -30.45
CA ALA B 565 29.70 -21.38 -31.50
C ALA B 565 30.48 -22.67 -31.26
N GLU B 566 30.95 -22.87 -30.04
CA GLU B 566 31.67 -24.08 -29.65
C GLU B 566 30.81 -25.34 -29.79
N MET B 567 29.56 -25.25 -29.36
CA MET B 567 28.65 -26.38 -29.51
C MET B 567 28.38 -26.72 -30.98
N ALA B 568 28.23 -25.69 -31.81
CA ALA B 568 28.07 -25.86 -33.26
C ALA B 568 29.22 -26.69 -33.82
N THR B 569 30.44 -26.36 -33.42
CA THR B 569 31.63 -27.10 -33.83
C THR B 569 31.65 -28.53 -33.30
N ILE B 570 31.18 -28.71 -32.07
CA ILE B 570 31.08 -30.04 -31.49
C ILE B 570 30.09 -30.89 -32.30
N LEU B 571 28.96 -30.28 -32.69
CA LEU B 571 27.90 -30.96 -33.42
C LEU B 571 28.07 -30.96 -34.95
N GLY B 572 29.24 -30.56 -35.45
CA GLY B 572 29.53 -30.55 -36.88
C GLY B 572 28.68 -29.58 -37.70
N LYS B 573 28.37 -28.41 -37.12
CA LYS B 573 27.62 -27.37 -37.81
C LYS B 573 28.47 -26.11 -37.96
N PRO B 574 29.52 -26.18 -38.81
CA PRO B 574 30.50 -25.10 -38.94
C PRO B 574 29.95 -23.74 -39.39
N GLU B 575 29.01 -23.71 -40.33
CA GLU B 575 28.46 -22.43 -40.81
C GLU B 575 27.62 -21.73 -39.74
N GLU B 576 26.89 -22.50 -38.93
CA GLU B 576 26.17 -21.92 -37.78
C GLU B 576 27.16 -21.39 -36.74
N ALA B 577 28.29 -22.10 -36.57
CA ALA B 577 29.33 -21.67 -35.65
C ALA B 577 29.92 -20.31 -36.05
N LYS B 578 30.19 -20.12 -37.34
CA LYS B 578 30.76 -18.85 -37.84
C LYS B 578 29.85 -17.67 -37.57
N ARG B 579 28.54 -17.87 -37.71
CA ARG B 579 27.58 -16.80 -37.43
C ARG B 579 27.67 -16.33 -35.97
N TYR B 580 27.64 -17.30 -35.06
CA TYR B 580 27.64 -16.99 -33.64
C TYR B 580 28.96 -16.34 -33.23
N ARG B 581 30.06 -16.82 -33.81
CA ARG B 581 31.35 -16.18 -33.59
C ARG B 581 31.35 -14.71 -34.04
N GLN B 582 30.80 -14.43 -35.23
CA GLN B 582 30.75 -13.04 -35.70
C GLN B 582 29.80 -12.22 -34.83
N LEU B 583 28.66 -12.81 -34.45
CA LEU B 583 27.77 -12.11 -33.53
C LEU B 583 28.50 -11.83 -32.21
N ALA B 584 29.29 -12.79 -31.74
CA ALA B 584 30.10 -12.65 -30.53
C ALA B 584 31.10 -11.50 -30.68
N GLN B 585 31.89 -11.56 -31.75
CA GLN B 585 32.91 -10.53 -32.01
C GLN B 585 32.30 -9.13 -32.07
N GLN B 586 31.10 -9.03 -32.62
CA GLN B 586 30.38 -7.76 -32.72
C GLN B 586 29.94 -7.23 -31.35
N LEU B 587 29.47 -8.13 -30.48
CA LEU B 587 29.12 -7.74 -29.11
C LEU B 587 30.37 -7.29 -28.34
N ALA B 588 31.48 -8.00 -28.51
CA ALA B 588 32.75 -7.64 -27.85
C ALA B 588 33.23 -6.24 -28.24
N ASP B 589 33.21 -5.95 -29.54
CA ASP B 589 33.60 -4.63 -30.05
C ASP B 589 32.67 -3.57 -29.50
N TYR B 590 31.37 -3.90 -29.40
CA TYR B 590 30.39 -2.98 -28.86
C TYR B 590 30.64 -2.73 -27.38
N ILE B 591 30.92 -3.78 -26.62
CA ILE B 591 31.15 -3.64 -25.16
C ILE B 591 32.37 -2.76 -24.91
N ASN B 592 33.44 -2.98 -25.67
CA ASN B 592 34.68 -2.26 -25.49
C ASN B 592 34.63 -0.83 -26.00
N THR B 593 33.92 -0.61 -27.11
CA THR B 593 33.73 0.74 -27.66
C THR B 593 32.75 1.56 -26.85
N CYS B 594 31.59 0.97 -26.55
CA CYS B 594 30.48 1.74 -26.02
C CYS B 594 30.41 1.82 -24.51
N MET B 595 30.85 0.76 -23.83
CA MET B 595 30.56 0.57 -22.40
C MET B 595 31.74 0.81 -21.48
N PHE B 596 32.97 0.77 -22.01
CA PHE B 596 34.17 1.12 -21.26
C PHE B 596 34.41 2.63 -21.21
N ASP B 597 34.65 3.14 -20.01
CA ASP B 597 34.98 4.55 -19.81
C ASP B 597 36.47 4.71 -19.49
N PRO B 598 37.26 5.28 -20.43
CA PRO B 598 38.69 5.42 -20.17
C PRO B 598 39.03 6.20 -18.93
N THR B 599 38.23 7.20 -18.58
CA THR B 599 38.57 8.11 -17.49
C THR B 599 38.52 7.46 -16.11
N THR B 600 37.43 6.77 -15.82
CA THR B 600 37.28 6.03 -14.55
C THR B 600 37.75 4.58 -14.68
N GLN B 601 38.24 4.23 -15.86
CA GLN B 601 38.85 2.92 -16.15
C GLN B 601 37.93 1.74 -15.77
N PHE B 602 36.64 1.87 -16.10
CA PHE B 602 35.63 0.87 -15.74
C PHE B 602 34.55 0.75 -16.83
N TYR B 603 33.77 -0.33 -16.76
CA TYR B 603 32.67 -0.56 -17.69
C TYR B 603 31.36 -0.16 -17.03
N TYR B 604 30.41 0.30 -17.84
CA TYR B 604 29.08 0.66 -17.34
C TYR B 604 27.97 0.29 -18.32
N ASP B 605 26.74 0.34 -17.85
CA ASP B 605 25.58 0.33 -18.73
C ASP B 605 25.63 1.62 -19.58
N VAL B 606 24.99 1.59 -20.75
CA VAL B 606 24.70 2.81 -21.52
C VAL B 606 23.19 2.99 -21.69
N ARG B 607 22.75 4.24 -21.77
CA ARG B 607 21.34 4.53 -22.04
C ARG B 607 21.06 4.30 -23.52
N ILE B 608 19.80 4.02 -23.85
CA ILE B 608 19.36 4.14 -25.24
C ILE B 608 18.90 5.59 -25.37
N GLU B 609 19.82 6.45 -25.80
CA GLU B 609 19.57 7.88 -25.91
C GLU B 609 18.78 8.20 -27.17
N ASP B 610 18.15 9.38 -27.17
CA ASP B 610 17.29 9.84 -28.28
C ASP B 610 17.87 9.53 -29.66
N LYS B 611 19.17 9.73 -29.81
CA LYS B 611 19.86 9.46 -31.06
C LYS B 611 21.14 8.65 -30.80
N PRO B 612 21.45 7.68 -31.67
CA PRO B 612 22.67 6.91 -31.53
C PRO B 612 23.93 7.73 -31.87
N LEU B 613 25.07 7.32 -31.31
CA LEU B 613 26.34 8.03 -31.49
C LEU B 613 27.04 7.51 -32.74
N ALA B 614 27.71 8.42 -33.46
CA ALA B 614 28.33 8.14 -34.75
C ALA B 614 29.02 6.78 -34.88
N ASN B 615 29.67 6.32 -33.81
CA ASN B 615 30.37 5.03 -33.83
C ASN B 615 29.45 3.80 -33.77
N GLY B 616 28.16 4.02 -33.55
CA GLY B 616 27.17 2.94 -33.51
C GLY B 616 26.53 2.75 -32.14
N CYS B 617 27.07 3.44 -31.12
CA CYS B 617 26.66 3.22 -29.73
C CYS B 617 25.34 3.88 -29.41
N ALA B 618 24.50 3.18 -28.66
CA ALA B 618 23.17 3.66 -28.33
C ALA B 618 23.20 4.83 -27.36
N GLY B 619 24.34 5.04 -26.73
CA GLY B 619 24.47 6.10 -25.74
C GLY B 619 25.78 6.03 -25.00
N LYS B 620 25.91 6.86 -23.97
CA LYS B 620 27.17 6.98 -23.23
C LYS B 620 27.15 6.17 -21.94
N PRO B 621 28.35 5.75 -21.48
CA PRO B 621 28.41 5.08 -20.19
C PRO B 621 27.78 5.91 -19.10
N ILE B 622 26.98 5.24 -18.28
CA ILE B 622 26.29 5.86 -17.18
C ILE B 622 27.23 5.93 -15.97
N VAL B 623 28.35 6.65 -16.14
CA VAL B 623 29.36 6.77 -15.10
C VAL B 623 28.81 7.33 -13.81
N GLU B 624 27.83 8.21 -13.91
CA GLU B 624 27.36 8.99 -12.75
C GLU B 624 26.58 8.16 -11.72
N ARG B 625 26.11 6.99 -12.11
CA ARG B 625 25.44 6.10 -11.14
C ARG B 625 26.44 5.18 -10.42
N GLY B 626 27.74 5.38 -10.68
CA GLY B 626 28.80 4.66 -9.98
C GLY B 626 29.06 3.27 -10.53
N LYS B 627 30.05 2.63 -9.92
CA LYS B 627 30.54 1.34 -10.36
C LYS B 627 29.81 0.19 -9.64
N GLY B 628 29.67 -0.93 -10.35
CA GLY B 628 29.14 -2.17 -9.80
C GLY B 628 29.78 -3.39 -10.45
N PRO B 629 29.41 -4.60 -10.00
CA PRO B 629 30.00 -5.86 -10.46
C PRO B 629 29.77 -6.14 -11.94
N GLU B 630 28.76 -5.50 -12.53
CA GLU B 630 28.58 -5.55 -13.96
C GLU B 630 29.86 -5.09 -14.69
N GLY B 631 30.63 -4.22 -14.03
CA GLY B 631 31.87 -3.69 -14.59
C GLY B 631 32.95 -4.71 -14.85
N TRP B 632 32.91 -5.84 -14.13
CA TRP B 632 33.83 -6.94 -14.46
C TRP B 632 33.19 -8.10 -15.23
N SER B 633 31.93 -7.93 -15.63
CA SER B 633 31.26 -8.94 -16.46
C SER B 633 31.99 -9.20 -17.79
N PRO B 634 32.51 -8.13 -18.44
CA PRO B 634 33.25 -8.33 -19.68
C PRO B 634 34.50 -9.19 -19.50
N LEU B 635 35.06 -9.17 -18.29
CA LEU B 635 36.24 -9.97 -17.99
C LEU B 635 35.85 -11.42 -17.74
N PHE B 636 34.80 -11.65 -16.95
CA PHE B 636 34.32 -13.00 -16.67
C PHE B 636 33.90 -13.73 -17.96
N ASN B 637 33.14 -13.02 -18.80
CA ASN B 637 32.64 -13.57 -20.07
C ASN B 637 33.64 -13.53 -21.23
N GLY B 638 34.80 -12.91 -21.00
CA GLY B 638 35.88 -12.92 -21.98
C GLY B 638 35.66 -12.01 -23.17
N ALA B 639 34.90 -10.93 -22.99
CA ALA B 639 34.66 -9.95 -24.06
C ALA B 639 35.65 -8.78 -24.03
N ALA B 640 36.29 -8.58 -22.88
CA ALA B 640 37.15 -7.42 -22.68
C ALA B 640 38.47 -7.59 -23.42
N THR B 641 39.03 -6.45 -23.84
CA THR B 641 40.40 -6.42 -24.34
C THR B 641 41.33 -6.54 -23.14
N GLN B 642 42.57 -6.97 -23.38
CA GLN B 642 43.55 -7.06 -22.28
C GLN B 642 43.69 -5.71 -21.60
N ALA B 643 43.87 -4.65 -22.39
CA ALA B 643 44.07 -3.31 -21.85
C ALA B 643 42.92 -2.89 -20.93
N ASN B 644 41.68 -3.10 -21.39
CA ASN B 644 40.51 -2.77 -20.57
C ASN B 644 40.38 -3.65 -19.32
N ALA B 645 40.79 -4.90 -19.44
CA ALA B 645 40.79 -5.81 -18.28
C ALA B 645 41.78 -5.31 -17.22
N ASP B 646 42.98 -4.92 -17.66
CA ASP B 646 44.02 -4.37 -16.77
C ASP B 646 43.53 -3.20 -15.94
N ALA B 647 42.77 -2.31 -16.58
CA ALA B 647 42.20 -1.15 -15.91
C ALA B 647 41.15 -1.59 -14.91
N VAL B 648 40.29 -2.52 -15.32
CA VAL B 648 39.22 -3.00 -14.43
C VAL B 648 39.80 -3.68 -13.18
N VAL B 649 40.81 -4.52 -13.37
CA VAL B 649 41.40 -5.24 -12.23
C VAL B 649 42.04 -4.26 -11.25
N LYS B 650 42.69 -3.20 -11.75
CA LYS B 650 43.24 -2.18 -10.83
C LYS B 650 42.14 -1.59 -9.93
N VAL B 651 40.99 -1.34 -10.53
CA VAL B 651 39.85 -0.84 -9.78
C VAL B 651 39.32 -1.88 -8.80
N MET B 652 39.19 -3.12 -9.26
CA MET B 652 38.77 -4.23 -8.39
C MET B 652 39.68 -4.37 -7.17
N LEU B 653 40.99 -4.23 -7.37
CA LEU B 653 41.96 -4.41 -6.28
C LEU B 653 42.12 -3.17 -5.39
N ASP B 654 41.49 -2.06 -5.78
CA ASP B 654 41.54 -0.84 -4.99
C ASP B 654 40.64 -0.97 -3.77
N PRO B 655 41.21 -0.84 -2.56
CA PRO B 655 40.38 -0.94 -1.33
C PRO B 655 39.36 0.20 -1.14
N LYS B 656 39.56 1.32 -1.84
CA LYS B 656 38.58 2.40 -1.86
C LYS B 656 37.39 2.09 -2.80
N GLU B 657 37.55 1.10 -3.69
CA GLU B 657 36.49 0.74 -4.66
C GLU B 657 35.83 -0.59 -4.27
N PHE B 658 36.48 -1.73 -4.52
CA PHE B 658 35.92 -3.06 -4.22
C PHE B 658 36.78 -3.97 -3.33
N ASN B 659 38.02 -3.60 -3.00
CA ASN B 659 38.87 -4.51 -2.24
C ASN B 659 38.62 -4.38 -0.74
N THR B 660 37.40 -4.74 -0.35
CA THR B 660 36.89 -4.53 0.99
C THR B 660 37.12 -5.76 1.86
N PHE B 661 36.75 -5.67 3.14
CA PHE B 661 36.94 -6.75 4.11
C PHE B 661 36.50 -8.10 3.55
N VAL B 662 35.29 -8.14 3.00
CA VAL B 662 34.91 -9.17 2.06
C VAL B 662 34.81 -8.47 0.71
N PRO B 663 35.73 -8.80 -0.23
CA PRO B 663 35.81 -8.00 -1.45
C PRO B 663 34.76 -8.32 -2.53
N LEU B 664 34.68 -7.39 -3.50
CA LEU B 664 33.92 -7.54 -4.74
C LEU B 664 32.41 -7.58 -4.53
N GLY B 665 31.93 -6.59 -3.76
CA GLY B 665 30.51 -6.40 -3.49
C GLY B 665 29.74 -5.83 -4.65
N THR B 666 28.46 -5.57 -4.42
CA THR B 666 27.51 -5.27 -5.49
C THR B 666 27.47 -3.78 -5.87
N ALA B 667 28.19 -2.96 -5.11
CA ALA B 667 28.48 -1.57 -5.49
C ALA B 667 29.81 -1.14 -4.89
N ALA B 668 30.60 -0.39 -5.65
CA ALA B 668 31.86 0.13 -5.10
C ALA B 668 31.56 1.02 -3.91
N LEU B 669 32.54 1.16 -3.02
CA LEU B 669 32.37 2.03 -1.84
C LEU B 669 32.09 3.48 -2.26
N THR B 670 32.58 3.86 -3.44
CA THR B 670 32.40 5.21 -3.99
C THR B 670 31.09 5.40 -4.74
N ASN B 671 30.28 4.34 -4.86
CA ASN B 671 29.00 4.44 -5.55
C ASN B 671 28.06 5.35 -4.75
N PRO B 672 27.41 6.33 -5.44
CA PRO B 672 26.54 7.27 -4.73
C PRO B 672 25.40 6.61 -3.95
N ALA B 673 24.92 5.47 -4.42
CA ALA B 673 23.85 4.73 -3.75
C ALA B 673 24.35 3.61 -2.83
N PHE B 674 25.66 3.59 -2.56
CA PHE B 674 26.25 2.53 -1.78
C PHE B 674 25.67 2.43 -0.37
N GLY B 675 25.46 1.19 0.07
CA GLY B 675 25.08 0.88 1.44
C GLY B 675 25.56 -0.53 1.74
N ALA B 676 26.28 -0.69 2.85
CA ALA B 676 26.92 -1.95 3.23
C ALA B 676 25.91 -3.04 3.56
N ASP B 677 24.70 -2.63 3.92
CA ASP B 677 23.65 -3.60 4.21
C ASP B 677 22.58 -3.72 3.11
N ILE B 678 22.79 -3.03 2.01
CA ILE B 678 21.84 -3.06 0.89
C ILE B 678 22.17 -4.25 -0.02
N TYR B 679 21.15 -5.05 -0.36
CA TYR B 679 21.36 -6.34 -1.07
C TYR B 679 22.16 -6.19 -2.36
N TRP B 680 21.72 -5.28 -3.23
CA TRP B 680 22.32 -5.13 -4.55
C TRP B 680 23.07 -3.82 -4.73
N ARG B 681 23.35 -3.11 -3.63
CA ARG B 681 24.13 -1.87 -3.65
C ARG B 681 25.24 -1.86 -2.60
N GLY B 682 25.86 -3.02 -2.36
CA GLY B 682 27.01 -3.11 -1.46
C GLY B 682 27.37 -4.52 -1.05
N ARG B 683 26.35 -5.30 -0.73
CA ARG B 683 26.55 -6.65 -0.22
C ARG B 683 27.23 -7.57 -1.21
N VAL B 684 27.99 -8.52 -0.68
CA VAL B 684 28.78 -9.41 -1.49
C VAL B 684 28.00 -10.70 -1.70
N TRP B 685 27.74 -11.05 -2.95
CA TRP B 685 27.17 -12.35 -3.27
C TRP B 685 28.28 -13.21 -3.85
N VAL B 686 28.17 -14.52 -3.65
CA VAL B 686 29.28 -15.41 -3.98
C VAL B 686 29.41 -15.61 -5.49
N ASP B 687 28.31 -15.50 -6.24
CA ASP B 687 28.38 -15.61 -7.68
C ASP B 687 29.16 -14.44 -8.33
N GLN B 688 28.82 -13.21 -7.98
CA GLN B 688 29.54 -12.04 -8.51
C GLN B 688 31.00 -11.98 -8.07
N PHE B 689 31.28 -12.46 -6.85
CA PHE B 689 32.64 -12.61 -6.35
C PHE B 689 33.43 -13.59 -7.21
N TRP B 690 32.86 -14.76 -7.43
CA TRP B 690 33.52 -15.77 -8.23
C TRP B 690 33.59 -15.35 -9.72
N PHE B 691 32.58 -14.63 -10.23
CA PHE B 691 32.69 -14.02 -11.57
C PHE B 691 33.93 -13.10 -11.62
N GLY B 692 34.15 -12.33 -10.56
CA GLY B 692 35.30 -11.44 -10.46
C GLY B 692 36.64 -12.16 -10.49
N LEU B 693 36.79 -13.16 -9.62
CA LEU B 693 38.03 -13.94 -9.56
C LEU B 693 38.33 -14.62 -10.91
N LYS B 694 37.30 -15.23 -11.49
CA LYS B 694 37.45 -15.91 -12.77
C LYS B 694 37.85 -14.90 -13.85
N GLY B 695 37.24 -13.72 -13.81
CA GLY B 695 37.56 -12.67 -14.77
C GLY B 695 38.98 -12.19 -14.64
N MET B 696 39.40 -11.90 -13.41
CA MET B 696 40.78 -11.57 -13.10
C MET B 696 41.72 -12.64 -13.64
N GLU B 697 41.38 -13.91 -13.38
CA GLU B 697 42.21 -15.03 -13.82
C GLU B 697 42.36 -15.14 -15.34
N ARG B 698 41.26 -14.93 -16.06
CA ARG B 698 41.26 -15.03 -17.50
C ARG B 698 42.25 -14.05 -18.14
N TYR B 699 42.40 -12.88 -17.53
CA TYR B 699 43.29 -11.85 -18.05
C TYR B 699 44.66 -11.75 -17.35
N GLY B 700 45.09 -12.85 -16.71
CA GLY B 700 46.46 -13.00 -16.25
C GLY B 700 46.72 -12.80 -14.76
N TYR B 701 45.67 -12.54 -13.98
CA TYR B 701 45.83 -12.18 -12.56
C TYR B 701 45.39 -13.29 -11.61
N ARG B 702 45.76 -14.54 -11.88
CA ARG B 702 45.45 -15.65 -10.96
C ARG B 702 46.04 -15.41 -9.59
N ASP B 703 47.27 -14.88 -9.53
CA ASP B 703 47.90 -14.55 -8.24
C ASP B 703 47.01 -13.65 -7.37
N ASP B 704 46.47 -12.58 -7.96
CA ASP B 704 45.59 -11.67 -7.22
C ASP B 704 44.23 -12.31 -6.92
N ALA B 705 43.71 -13.12 -7.83
CA ALA B 705 42.48 -13.87 -7.57
C ALA B 705 42.65 -14.82 -6.38
N LEU B 706 43.79 -15.52 -6.31
CA LEU B 706 44.07 -16.42 -5.19
C LEU B 706 44.13 -15.68 -3.86
N LYS B 707 44.74 -14.49 -3.89
CA LYS B 707 44.82 -13.65 -2.70
C LYS B 707 43.42 -13.26 -2.24
N LEU B 708 42.58 -12.82 -3.17
CA LEU B 708 41.19 -12.44 -2.79
C LEU B 708 40.42 -13.64 -2.25
N ALA B 709 40.71 -14.84 -2.76
CA ALA B 709 40.03 -16.06 -2.31
C ALA B 709 40.36 -16.36 -0.87
N ASP B 710 41.62 -16.18 -0.52
CA ASP B 710 42.09 -16.37 0.85
C ASP B 710 41.48 -15.33 1.77
N THR B 711 41.40 -14.08 1.32
CA THR B 711 40.75 -13.01 2.09
C THR B 711 39.28 -13.34 2.36
N PHE B 712 38.56 -13.74 1.31
CA PHE B 712 37.20 -14.23 1.48
C PHE B 712 37.12 -15.38 2.50
N PHE B 713 38.06 -16.32 2.41
CA PHE B 713 37.98 -17.51 3.25
C PHE B 713 38.17 -17.13 4.71
N ARG B 714 39.04 -16.15 4.94
CA ARG B 714 39.31 -15.69 6.30
C ARG B 714 38.28 -14.71 6.86
N HIS B 715 37.58 -14.00 5.99
CA HIS B 715 36.72 -12.88 6.42
C HIS B 715 35.20 -13.11 6.30
N ALA B 716 34.78 -14.04 5.46
CA ALA B 716 33.36 -14.33 5.30
C ALA B 716 32.85 -15.01 6.56
N LYS B 717 31.96 -14.36 7.32
CA LYS B 717 31.57 -14.90 8.62
C LYS B 717 30.89 -16.26 8.49
N GLY B 718 31.20 -17.15 9.40
CA GLY B 718 30.57 -18.48 9.48
C GLY B 718 31.08 -19.56 8.54
N LEU B 719 32.00 -19.21 7.64
CA LEU B 719 32.42 -20.13 6.56
C LEU B 719 32.89 -21.48 7.10
N THR B 720 33.67 -21.45 8.18
CA THR B 720 34.26 -22.65 8.76
C THR B 720 33.49 -23.16 9.98
N ALA B 721 32.29 -22.61 10.21
CA ALA B 721 31.42 -23.07 11.30
C ALA B 721 30.35 -23.97 10.70
N ASP B 722 29.42 -24.42 11.54
CA ASP B 722 28.42 -25.40 11.12
C ASP B 722 27.03 -24.84 10.81
N GLY B 723 26.96 -23.55 10.47
CA GLY B 723 25.71 -22.94 10.10
C GLY B 723 25.40 -23.18 8.63
N PRO B 724 24.11 -23.07 8.27
CA PRO B 724 23.72 -23.19 6.88
C PRO B 724 24.30 -22.09 6.00
N ILE B 725 24.36 -22.35 4.69
CA ILE B 725 24.88 -21.40 3.73
C ILE B 725 23.78 -20.37 3.45
N GLN B 726 24.14 -19.10 3.45
CA GLN B 726 23.19 -18.01 3.18
C GLN B 726 23.51 -17.29 1.87
N GLU B 727 22.97 -16.08 1.69
CA GLU B 727 22.93 -15.43 0.37
C GLU B 727 24.06 -14.44 0.13
N ASN B 728 24.36 -13.60 1.12
CA ASN B 728 25.30 -12.50 0.91
C ASN B 728 25.97 -12.04 2.18
N TYR B 729 26.98 -11.18 2.03
CA TYR B 729 27.78 -10.66 3.13
C TYR B 729 27.83 -9.14 3.09
N ASN B 730 27.92 -8.55 4.27
CA ASN B 730 28.28 -7.13 4.42
C ASN B 730 29.76 -7.00 4.05
N PRO B 731 30.09 -6.14 3.07
CA PRO B 731 31.44 -6.01 2.57
C PRO B 731 32.46 -5.47 3.59
N LEU B 732 31.96 -4.77 4.62
CA LEU B 732 32.82 -4.19 5.65
C LEU B 732 33.05 -5.11 6.86
N THR B 733 32.04 -5.90 7.21
CA THR B 733 32.06 -6.75 8.42
C THR B 733 31.96 -8.26 8.17
N GLY B 734 31.58 -8.66 6.96
CA GLY B 734 31.44 -10.06 6.61
C GLY B 734 30.20 -10.75 7.15
N ALA B 735 29.28 -9.97 7.74
CA ALA B 735 28.07 -10.54 8.35
C ALA B 735 27.12 -11.06 7.27
N GLN B 736 26.49 -12.20 7.55
CA GLN B 736 25.69 -12.89 6.56
C GLN B 736 24.23 -12.51 6.63
N GLN B 737 23.58 -12.50 5.47
CA GLN B 737 22.13 -12.39 5.39
C GLN B 737 21.61 -13.34 4.32
N GLY B 738 20.34 -13.69 4.47
CA GLY B 738 19.60 -14.40 3.44
C GLY B 738 19.07 -15.75 3.90
N ALA B 739 18.41 -16.42 2.98
CA ALA B 739 17.83 -17.72 3.20
C ALA B 739 18.92 -18.73 3.56
N PRO B 740 18.67 -19.57 4.59
CA PRO B 740 19.57 -20.68 4.89
C PRO B 740 19.49 -21.78 3.83
N ASN B 741 20.60 -22.49 3.63
CA ASN B 741 20.70 -23.57 2.66
C ASN B 741 20.52 -23.07 1.25
N PHE B 742 21.24 -21.99 0.90
CA PHE B 742 21.08 -21.30 -0.37
C PHE B 742 21.93 -21.95 -1.47
N SER B 743 21.27 -22.53 -2.47
CA SER B 743 21.93 -23.30 -3.54
C SER B 743 22.98 -22.50 -4.29
N TRP B 744 22.58 -21.30 -4.69
CA TRP B 744 23.41 -20.39 -5.48
C TRP B 744 24.75 -20.11 -4.80
N SER B 745 24.72 -19.76 -3.53
CA SER B 745 25.94 -19.62 -2.75
C SER B 745 26.71 -20.95 -2.65
N ALA B 746 26.01 -22.03 -2.31
CA ALA B 746 26.63 -23.37 -2.29
C ALA B 746 27.35 -23.68 -3.61
N ALA B 747 26.67 -23.41 -4.73
CA ALA B 747 27.25 -23.63 -6.03
C ALA B 747 28.60 -22.92 -6.17
N HIS B 748 28.65 -21.64 -5.81
CA HIS B 748 29.87 -20.85 -6.04
C HIS B 748 30.96 -21.08 -4.99
N LEU B 749 30.55 -21.46 -3.78
CA LEU B 749 31.50 -21.90 -2.78
C LEU B 749 32.20 -23.18 -3.24
N TYR B 750 31.44 -24.07 -3.87
CA TYR B 750 32.03 -25.27 -4.44
C TYR B 750 33.05 -24.92 -5.55
N MET B 751 32.67 -24.01 -6.43
CA MET B 751 33.55 -23.55 -7.51
C MET B 751 34.82 -22.89 -6.98
N LEU B 752 34.69 -22.08 -5.93
CA LEU B 752 35.84 -21.52 -5.23
C LEU B 752 36.76 -22.60 -4.66
N TYR B 753 36.18 -23.64 -4.05
CA TYR B 753 36.96 -24.78 -3.58
C TYR B 753 37.74 -25.41 -4.74
N ASN B 754 37.06 -25.60 -5.86
CA ASN B 754 37.66 -26.22 -7.06
C ASN B 754 38.75 -25.35 -7.72
N ASP B 755 38.53 -24.04 -7.78
CA ASP B 755 39.35 -23.12 -8.57
C ASP B 755 40.40 -22.33 -7.77
N PHE B 756 40.06 -21.88 -6.57
CA PHE B 756 40.84 -20.84 -5.89
C PHE B 756 41.23 -21.06 -4.41
N PHE B 757 40.46 -21.82 -3.64
CA PHE B 757 40.89 -22.10 -2.25
C PHE B 757 42.13 -23.02 -2.25
N ARG B 758 43.13 -22.65 -1.45
CA ARG B 758 44.36 -23.41 -1.34
C ARG B 758 44.89 -23.32 0.08
N LYS B 759 45.69 -24.32 0.47
CA LYS B 759 46.52 -24.18 1.65
C LYS B 759 47.48 -23.02 1.43
N GLN B 760 47.65 -22.20 2.47
CA GLN B 760 48.53 -21.05 2.46
C GLN B 760 49.95 -21.42 2.88
#